data_5WI2
# 
_entry.id   5WI2 
# 
_audit_conform.dict_name       mmcif_pdbx.dic 
_audit_conform.dict_version    5.398 
_audit_conform.dict_location   http://mmcif.pdb.org/dictionaries/ascii/mmcif_pdbx.dic 
# 
loop_
_database_2.database_id 
_database_2.database_code 
_database_2.pdbx_database_accession 
_database_2.pdbx_DOI 
PDB   5WI2         pdb_00005wi2 10.2210/pdb5wi2/pdb 
WWPDB D_1000229057 ?            ?                   
# 
loop_
_pdbx_audit_revision_history.ordinal 
_pdbx_audit_revision_history.data_content_type 
_pdbx_audit_revision_history.major_revision 
_pdbx_audit_revision_history.minor_revision 
_pdbx_audit_revision_history.revision_date 
1 'Structure model' 1 0 2017-10-04 
2 'Structure model' 1 1 2017-10-25 
3 'Structure model' 1 2 2018-02-07 
4 'Structure model' 1 3 2019-12-04 
5 'Structure model' 1 4 2023-10-04 
6 'Structure model' 1 5 2024-11-06 
# 
_pdbx_audit_revision_details.ordinal             1 
_pdbx_audit_revision_details.revision_ordinal    1 
_pdbx_audit_revision_details.data_content_type   'Structure model' 
_pdbx_audit_revision_details.provider            repository 
_pdbx_audit_revision_details.type                'Initial release' 
_pdbx_audit_revision_details.description         ? 
_pdbx_audit_revision_details.details             ? 
# 
loop_
_pdbx_audit_revision_group.ordinal 
_pdbx_audit_revision_group.revision_ordinal 
_pdbx_audit_revision_group.data_content_type 
_pdbx_audit_revision_group.group 
1 2 'Structure model' 'Database references'        
2 3 'Structure model' 'Database references'        
3 4 'Structure model' 'Author supporting evidence' 
4 5 'Structure model' 'Data collection'            
5 5 'Structure model' 'Database references'        
6 5 'Structure model' 'Refinement description'     
7 6 'Structure model' 'Structure summary'          
# 
loop_
_pdbx_audit_revision_category.ordinal 
_pdbx_audit_revision_category.revision_ordinal 
_pdbx_audit_revision_category.data_content_type 
_pdbx_audit_revision_category.category 
1  2 'Structure model' citation                      
2  2 'Structure model' citation_author               
3  3 'Structure model' citation                      
4  4 'Structure model' pdbx_audit_support            
5  5 'Structure model' chem_comp_atom                
6  5 'Structure model' chem_comp_bond                
7  5 'Structure model' database_2                    
8  5 'Structure model' pdbx_initial_refinement_model 
9  6 'Structure model' pdbx_entry_details            
10 6 'Structure model' pdbx_modification_feature     
# 
loop_
_pdbx_audit_revision_item.ordinal 
_pdbx_audit_revision_item.revision_ordinal 
_pdbx_audit_revision_item.data_content_type 
_pdbx_audit_revision_item.item 
1  2 'Structure model' '_citation.journal_abbrev'                 
2  2 'Structure model' '_citation.pdbx_database_id_PubMed'        
3  2 'Structure model' '_citation.title'                          
4  2 'Structure model' '_citation_author.name'                    
5  3 'Structure model' '_citation.journal_volume'                 
6  3 'Structure model' '_citation.page_first'                     
7  3 'Structure model' '_citation.page_last'                      
8  3 'Structure model' '_citation.title'                          
9  4 'Structure model' '_pdbx_audit_support.funding_organization' 
10 5 'Structure model' '_database_2.pdbx_DOI'                     
11 5 'Structure model' '_database_2.pdbx_database_accession'      
# 
_pdbx_database_status.status_code                     REL 
_pdbx_database_status.status_code_sf                  REL 
_pdbx_database_status.status_code_mr                  ? 
_pdbx_database_status.entry_id                        5WI2 
_pdbx_database_status.recvd_initial_deposition_date   2017-07-18 
_pdbx_database_status.SG_entry                        N 
_pdbx_database_status.deposit_site                    RCSB 
_pdbx_database_status.process_site                    RCSB 
_pdbx_database_status.status_code_cs                  ? 
_pdbx_database_status.methods_development_category    ? 
_pdbx_database_status.pdb_format_compatible           Y 
_pdbx_database_status.status_code_nmr_data            ? 
# 
loop_
_audit_author.name 
_audit_author.pdbx_ordinal 
_audit_author.identifier_ORCID 
'Emptage, R.P.'   1 ? 
'Marmorstein, R.' 2 ? 
# 
_citation.abstract                  ? 
_citation.abstract_id_CAS           ? 
_citation.book_id_ISBN              ? 
_citation.book_publisher            ? 
_citation.book_publisher_city       ? 
_citation.book_title                ? 
_citation.coordinate_linkage        ? 
_citation.country                   US 
_citation.database_id_Medline       ? 
_citation.details                   ? 
_citation.id                        primary 
_citation.journal_abbrev            'J. Biol. Chem.' 
_citation.journal_id_ASTM           JBCHA3 
_citation.journal_id_CSD            0071 
_citation.journal_id_ISSN           1083-351X 
_citation.journal_full              ? 
_citation.journal_issue             ? 
_citation.journal_volume            292 
_citation.language                  ? 
_citation.page_first                19024 
_citation.page_last                 19033 
_citation.title                     
;Intramolecular autoinhibition of checkpoint kinase 1 is mediated by conserved basic motifs of the C-terminal kinase-associated 1 domain.
;
_citation.year                      2017 
_citation.database_id_CSD           ? 
_citation.pdbx_database_id_DOI      10.1074/jbc.M117.811265 
_citation.pdbx_database_id_PubMed   28972186 
_citation.unpublished_flag          ? 
# 
loop_
_citation_author.citation_id 
_citation_author.name 
_citation_author.ordinal 
_citation_author.identifier_ORCID 
primary 'Emptage, R.P.'      1 ? 
primary 'Schoenberger, M.J.' 2 ? 
primary 'Ferguson, K.M.'     3 ? 
primary 'Marmorstein, R.'    4 ? 
# 
loop_
_entity.id 
_entity.type 
_entity.src_method 
_entity.pdbx_description 
_entity.formula_weight 
_entity.pdbx_number_of_molecules 
_entity.pdbx_ec 
_entity.pdbx_mutation 
_entity.pdbx_fragment 
_entity.details 
1 polymer     man 'cDNA FLJ56409, highly similar to Serine/threonine-protein kinase Chk1 (EC 2.7.11.1)' 11945.033 2  ? ? 
'KA1 domain residues 393-492' ? 
2 non-polymer syn 'ACETATE ION'                                                                         59.044    6  ? ? ? ? 
3 non-polymer syn GLYCEROL                                                                              92.094    1  ? ? ? ? 
4 water       nat water                                                                                 18.015    30 ? ? ? ? 
# 
_entity_poly.entity_id                      1 
_entity_poly.type                           'polypeptide(L)' 
_entity_poly.nstd_linkage                   no 
_entity_poly.nstd_monomer                   no 
_entity_poly.pdbx_seq_one_letter_code       
;GSMTRFFTKLDADKSYQCLKETCEKLGYQWKKSCMNQVTISTTDRRNNKLIFKVNLLEMDDKILVDFRLSKGDGLEFKRH
FLKIKGKLIDIVSSQKVWLPAT
;
_entity_poly.pdbx_seq_one_letter_code_can   
;GSMTRFFTKLDADKSYQCLKETCEKLGYQWKKSCMNQVTISTTDRRNNKLIFKVNLLEMDDKILVDFRLSKGDGLEFKRH
FLKIKGKLIDIVSSQKVWLPAT
;
_entity_poly.pdbx_strand_id                 A,B 
_entity_poly.pdbx_target_identifier         ? 
# 
loop_
_pdbx_entity_nonpoly.entity_id 
_pdbx_entity_nonpoly.name 
_pdbx_entity_nonpoly.comp_id 
2 'ACETATE ION' ACT 
3 GLYCEROL      GOL 
4 water         HOH 
# 
loop_
_entity_poly_seq.entity_id 
_entity_poly_seq.num 
_entity_poly_seq.mon_id 
_entity_poly_seq.hetero 
1 1   GLY n 
1 2   SER n 
1 3   MET n 
1 4   THR n 
1 5   ARG n 
1 6   PHE n 
1 7   PHE n 
1 8   THR n 
1 9   LYS n 
1 10  LEU n 
1 11  ASP n 
1 12  ALA n 
1 13  ASP n 
1 14  LYS n 
1 15  SER n 
1 16  TYR n 
1 17  GLN n 
1 18  CYS n 
1 19  LEU n 
1 20  LYS n 
1 21  GLU n 
1 22  THR n 
1 23  CYS n 
1 24  GLU n 
1 25  LYS n 
1 26  LEU n 
1 27  GLY n 
1 28  TYR n 
1 29  GLN n 
1 30  TRP n 
1 31  LYS n 
1 32  LYS n 
1 33  SER n 
1 34  CYS n 
1 35  MET n 
1 36  ASN n 
1 37  GLN n 
1 38  VAL n 
1 39  THR n 
1 40  ILE n 
1 41  SER n 
1 42  THR n 
1 43  THR n 
1 44  ASP n 
1 45  ARG n 
1 46  ARG n 
1 47  ASN n 
1 48  ASN n 
1 49  LYS n 
1 50  LEU n 
1 51  ILE n 
1 52  PHE n 
1 53  LYS n 
1 54  VAL n 
1 55  ASN n 
1 56  LEU n 
1 57  LEU n 
1 58  GLU n 
1 59  MET n 
1 60  ASP n 
1 61  ASP n 
1 62  LYS n 
1 63  ILE n 
1 64  LEU n 
1 65  VAL n 
1 66  ASP n 
1 67  PHE n 
1 68  ARG n 
1 69  LEU n 
1 70  SER n 
1 71  LYS n 
1 72  GLY n 
1 73  ASP n 
1 74  GLY n 
1 75  LEU n 
1 76  GLU n 
1 77  PHE n 
1 78  LYS n 
1 79  ARG n 
1 80  HIS n 
1 81  PHE n 
1 82  LEU n 
1 83  LYS n 
1 84  ILE n 
1 85  LYS n 
1 86  GLY n 
1 87  LYS n 
1 88  LEU n 
1 89  ILE n 
1 90  ASP n 
1 91  ILE n 
1 92  VAL n 
1 93  SER n 
1 94  SER n 
1 95  GLN n 
1 96  LYS n 
1 97  VAL n 
1 98  TRP n 
1 99  LEU n 
1 100 PRO n 
1 101 ALA n 
1 102 THR n 
# 
_entity_src_gen.entity_id                          1 
_entity_src_gen.pdbx_src_id                        1 
_entity_src_gen.pdbx_alt_source_flag               sample 
_entity_src_gen.pdbx_seq_type                      'Biological sequence' 
_entity_src_gen.pdbx_beg_seq_num                   1 
_entity_src_gen.pdbx_end_seq_num                   102 
_entity_src_gen.gene_src_common_name               Human 
_entity_src_gen.gene_src_genus                     ? 
_entity_src_gen.pdbx_gene_src_gene                 ? 
_entity_src_gen.gene_src_species                   ? 
_entity_src_gen.gene_src_strain                    ? 
_entity_src_gen.gene_src_tissue                    ? 
_entity_src_gen.gene_src_tissue_fraction           ? 
_entity_src_gen.gene_src_details                   ? 
_entity_src_gen.pdbx_gene_src_fragment             ? 
_entity_src_gen.pdbx_gene_src_scientific_name      'Homo sapiens' 
_entity_src_gen.pdbx_gene_src_ncbi_taxonomy_id     9606 
_entity_src_gen.pdbx_gene_src_variant              ? 
_entity_src_gen.pdbx_gene_src_cell_line            ? 
_entity_src_gen.pdbx_gene_src_atcc                 ? 
_entity_src_gen.pdbx_gene_src_organ                ? 
_entity_src_gen.pdbx_gene_src_organelle            ? 
_entity_src_gen.pdbx_gene_src_cell                 ? 
_entity_src_gen.pdbx_gene_src_cellular_location    ? 
_entity_src_gen.host_org_common_name               ? 
_entity_src_gen.pdbx_host_org_scientific_name      'Escherichia coli' 
_entity_src_gen.pdbx_host_org_ncbi_taxonomy_id     562 
_entity_src_gen.host_org_genus                     ? 
_entity_src_gen.pdbx_host_org_gene                 ? 
_entity_src_gen.pdbx_host_org_organ                ? 
_entity_src_gen.host_org_species                   ? 
_entity_src_gen.pdbx_host_org_tissue               ? 
_entity_src_gen.pdbx_host_org_tissue_fraction      ? 
_entity_src_gen.pdbx_host_org_strain               ? 
_entity_src_gen.pdbx_host_org_variant              ? 
_entity_src_gen.pdbx_host_org_cell_line            ? 
_entity_src_gen.pdbx_host_org_atcc                 ? 
_entity_src_gen.pdbx_host_org_culture_collection   ? 
_entity_src_gen.pdbx_host_org_cell                 ? 
_entity_src_gen.pdbx_host_org_organelle            ? 
_entity_src_gen.pdbx_host_org_cellular_location    ? 
_entity_src_gen.pdbx_host_org_vector_type          ? 
_entity_src_gen.pdbx_host_org_vector               ? 
_entity_src_gen.host_org_details                   ? 
_entity_src_gen.expression_system_id               ? 
_entity_src_gen.plasmid_name                       ? 
_entity_src_gen.plasmid_details                    ? 
_entity_src_gen.pdbx_description                   ? 
# 
loop_
_chem_comp.id 
_chem_comp.type 
_chem_comp.mon_nstd_flag 
_chem_comp.name 
_chem_comp.pdbx_synonyms 
_chem_comp.formula 
_chem_comp.formula_weight 
ACT non-polymer         . 'ACETATE ION'   ?                               'C2 H3 O2 -1'    59.044  
ALA 'L-peptide linking' y ALANINE         ?                               'C3 H7 N O2'     89.093  
ARG 'L-peptide linking' y ARGININE        ?                               'C6 H15 N4 O2 1' 175.209 
ASN 'L-peptide linking' y ASPARAGINE      ?                               'C4 H8 N2 O3'    132.118 
ASP 'L-peptide linking' y 'ASPARTIC ACID' ?                               'C4 H7 N O4'     133.103 
CYS 'L-peptide linking' y CYSTEINE        ?                               'C3 H7 N O2 S'   121.158 
GLN 'L-peptide linking' y GLUTAMINE       ?                               'C5 H10 N2 O3'   146.144 
GLU 'L-peptide linking' y 'GLUTAMIC ACID' ?                               'C5 H9 N O4'     147.129 
GLY 'peptide linking'   y GLYCINE         ?                               'C2 H5 N O2'     75.067  
GOL non-polymer         . GLYCEROL        'GLYCERIN; PROPANE-1,2,3-TRIOL' 'C3 H8 O3'       92.094  
HIS 'L-peptide linking' y HISTIDINE       ?                               'C6 H10 N3 O2 1' 156.162 
HOH non-polymer         . WATER           ?                               'H2 O'           18.015  
ILE 'L-peptide linking' y ISOLEUCINE      ?                               'C6 H13 N O2'    131.173 
LEU 'L-peptide linking' y LEUCINE         ?                               'C6 H13 N O2'    131.173 
LYS 'L-peptide linking' y LYSINE          ?                               'C6 H15 N2 O2 1' 147.195 
MET 'L-peptide linking' y METHIONINE      ?                               'C5 H11 N O2 S'  149.211 
PHE 'L-peptide linking' y PHENYLALANINE   ?                               'C9 H11 N O2'    165.189 
PRO 'L-peptide linking' y PROLINE         ?                               'C5 H9 N O2'     115.130 
SER 'L-peptide linking' y SERINE          ?                               'C3 H7 N O3'     105.093 
THR 'L-peptide linking' y THREONINE       ?                               'C4 H9 N O3'     119.119 
TRP 'L-peptide linking' y TRYPTOPHAN      ?                               'C11 H12 N2 O2'  204.225 
TYR 'L-peptide linking' y TYROSINE        ?                               'C9 H11 N O3'    181.189 
VAL 'L-peptide linking' y VALINE          ?                               'C5 H11 N O2'    117.146 
# 
loop_
_pdbx_poly_seq_scheme.asym_id 
_pdbx_poly_seq_scheme.entity_id 
_pdbx_poly_seq_scheme.seq_id 
_pdbx_poly_seq_scheme.mon_id 
_pdbx_poly_seq_scheme.ndb_seq_num 
_pdbx_poly_seq_scheme.pdb_seq_num 
_pdbx_poly_seq_scheme.auth_seq_num 
_pdbx_poly_seq_scheme.pdb_mon_id 
_pdbx_poly_seq_scheme.auth_mon_id 
_pdbx_poly_seq_scheme.pdb_strand_id 
_pdbx_poly_seq_scheme.pdb_ins_code 
_pdbx_poly_seq_scheme.hetero 
A 1 1   GLY 1   375 ?   ?   ?   A . n 
A 1 2   SER 2   376 ?   ?   ?   A . n 
A 1 3   MET 3   377 377 MET MET A . n 
A 1 4   THR 4   378 378 THR THR A . n 
A 1 5   ARG 5   379 379 ARG ARG A . n 
A 1 6   PHE 6   380 380 PHE PHE A . n 
A 1 7   PHE 7   381 381 PHE PHE A . n 
A 1 8   THR 8   382 382 THR THR A . n 
A 1 9   LYS 9   383 383 LYS LYS A . n 
A 1 10  LEU 10  384 384 LEU LEU A . n 
A 1 11  ASP 11  385 385 ASP ASP A . n 
A 1 12  ALA 12  386 386 ALA ALA A . n 
A 1 13  ASP 13  387 387 ASP ASP A . n 
A 1 14  LYS 14  388 388 LYS LYS A . n 
A 1 15  SER 15  389 389 SER SER A . n 
A 1 16  TYR 16  390 390 TYR TYR A . n 
A 1 17  GLN 17  391 391 GLN GLN A . n 
A 1 18  CYS 18  392 392 CYS CYS A . n 
A 1 19  LEU 19  393 393 LEU LEU A . n 
A 1 20  LYS 20  394 394 LYS LYS A . n 
A 1 21  GLU 21  395 395 GLU GLU A . n 
A 1 22  THR 22  396 396 THR THR A . n 
A 1 23  CYS 23  397 397 CYS CYS A . n 
A 1 24  GLU 24  398 398 GLU GLU A . n 
A 1 25  LYS 25  399 399 LYS LYS A . n 
A 1 26  LEU 26  400 400 LEU LEU A . n 
A 1 27  GLY 27  401 401 GLY GLY A . n 
A 1 28  TYR 28  402 402 TYR TYR A . n 
A 1 29  GLN 29  403 403 GLN GLN A . n 
A 1 30  TRP 30  404 404 TRP TRP A . n 
A 1 31  LYS 31  405 405 LYS LYS A . n 
A 1 32  LYS 32  406 406 LYS LYS A . n 
A 1 33  SER 33  407 407 SER SER A . n 
A 1 34  CYS 34  408 408 CYS CYS A . n 
A 1 35  MET 35  409 409 MET MET A . n 
A 1 36  ASN 36  410 410 ASN ASN A . n 
A 1 37  GLN 37  411 411 GLN GLN A . n 
A 1 38  VAL 38  412 412 VAL VAL A . n 
A 1 39  THR 39  413 413 THR THR A . n 
A 1 40  ILE 40  414 414 ILE ILE A . n 
A 1 41  SER 41  415 415 SER SER A . n 
A 1 42  THR 42  416 416 THR THR A . n 
A 1 43  THR 43  417 417 THR THR A . n 
A 1 44  ASP 44  418 418 ASP ASP A . n 
A 1 45  ARG 45  419 419 ARG ARG A . n 
A 1 46  ARG 46  420 420 ARG ARG A . n 
A 1 47  ASN 47  421 421 ASN ASN A . n 
A 1 48  ASN 48  422 422 ASN ASN A . n 
A 1 49  LYS 49  423 423 LYS LYS A . n 
A 1 50  LEU 50  424 424 LEU LEU A . n 
A 1 51  ILE 51  425 425 ILE ILE A . n 
A 1 52  PHE 52  426 426 PHE PHE A . n 
A 1 53  LYS 53  427 427 LYS LYS A . n 
A 1 54  VAL 54  428 428 VAL VAL A . n 
A 1 55  ASN 55  429 429 ASN ASN A . n 
A 1 56  LEU 56  430 430 LEU LEU A . n 
A 1 57  LEU 57  431 431 LEU LEU A . n 
A 1 58  GLU 58  432 432 GLU GLU A . n 
A 1 59  MET 59  433 433 MET MET A . n 
A 1 60  ASP 60  434 434 ASP ASP A . n 
A 1 61  ASP 61  435 435 ASP ASP A . n 
A 1 62  LYS 62  436 436 LYS LYS A . n 
A 1 63  ILE 63  437 437 ILE ILE A . n 
A 1 64  LEU 64  438 438 LEU LEU A . n 
A 1 65  VAL 65  439 439 VAL VAL A . n 
A 1 66  ASP 66  440 440 ASP ASP A . n 
A 1 67  PHE 67  441 441 PHE PHE A . n 
A 1 68  ARG 68  442 442 ARG ARG A . n 
A 1 69  LEU 69  443 443 LEU LEU A . n 
A 1 70  SER 70  444 444 SER SER A . n 
A 1 71  LYS 71  445 445 LYS LYS A . n 
A 1 72  GLY 72  446 446 GLY GLY A . n 
A 1 73  ASP 73  447 447 ASP ASP A . n 
A 1 74  GLY 74  448 448 GLY GLY A . n 
A 1 75  LEU 75  449 449 LEU LEU A . n 
A 1 76  GLU 76  450 450 GLU GLU A . n 
A 1 77  PHE 77  451 451 PHE PHE A . n 
A 1 78  LYS 78  452 452 LYS LYS A . n 
A 1 79  ARG 79  453 453 ARG ARG A . n 
A 1 80  HIS 80  454 454 HIS HIS A . n 
A 1 81  PHE 81  455 455 PHE PHE A . n 
A 1 82  LEU 82  456 456 LEU LEU A . n 
A 1 83  LYS 83  457 457 LYS LYS A . n 
A 1 84  ILE 84  458 458 ILE ILE A . n 
A 1 85  LYS 85  459 459 LYS LYS A . n 
A 1 86  GLY 86  460 460 GLY GLY A . n 
A 1 87  LYS 87  461 461 LYS LYS A . n 
A 1 88  LEU 88  462 462 LEU LEU A . n 
A 1 89  ILE 89  463 463 ILE ILE A . n 
A 1 90  ASP 90  464 464 ASP ASP A . n 
A 1 91  ILE 91  465 465 ILE ILE A . n 
A 1 92  VAL 92  466 466 VAL VAL A . n 
A 1 93  SER 93  467 467 SER SER A . n 
A 1 94  SER 94  468 468 SER SER A . n 
A 1 95  GLN 95  469 ?   ?   ?   A . n 
A 1 96  LYS 96  470 ?   ?   ?   A . n 
A 1 97  VAL 97  471 ?   ?   ?   A . n 
A 1 98  TRP 98  472 ?   ?   ?   A . n 
A 1 99  LEU 99  473 ?   ?   ?   A . n 
A 1 100 PRO 100 474 ?   ?   ?   A . n 
A 1 101 ALA 101 475 ?   ?   ?   A . n 
A 1 102 THR 102 476 ?   ?   ?   A . n 
B 1 1   GLY 1   375 ?   ?   ?   B . n 
B 1 2   SER 2   376 376 SER SER B . n 
B 1 3   MET 3   377 377 MET MET B . n 
B 1 4   THR 4   378 378 THR THR B . n 
B 1 5   ARG 5   379 379 ARG ARG B . n 
B 1 6   PHE 6   380 380 PHE PHE B . n 
B 1 7   PHE 7   381 381 PHE PHE B . n 
B 1 8   THR 8   382 382 THR THR B . n 
B 1 9   LYS 9   383 383 LYS LYS B . n 
B 1 10  LEU 10  384 384 LEU LEU B . n 
B 1 11  ASP 11  385 385 ASP ASP B . n 
B 1 12  ALA 12  386 386 ALA ALA B . n 
B 1 13  ASP 13  387 387 ASP ASP B . n 
B 1 14  LYS 14  388 388 LYS LYS B . n 
B 1 15  SER 15  389 389 SER SER B . n 
B 1 16  TYR 16  390 390 TYR TYR B . n 
B 1 17  GLN 17  391 391 GLN GLN B . n 
B 1 18  CYS 18  392 392 CYS CYS B . n 
B 1 19  LEU 19  393 393 LEU LEU B . n 
B 1 20  LYS 20  394 394 LYS LYS B . n 
B 1 21  GLU 21  395 395 GLU GLU B . n 
B 1 22  THR 22  396 396 THR THR B . n 
B 1 23  CYS 23  397 397 CYS CYS B . n 
B 1 24  GLU 24  398 398 GLU GLU B . n 
B 1 25  LYS 25  399 399 LYS LYS B . n 
B 1 26  LEU 26  400 400 LEU LEU B . n 
B 1 27  GLY 27  401 401 GLY GLY B . n 
B 1 28  TYR 28  402 402 TYR TYR B . n 
B 1 29  GLN 29  403 403 GLN GLN B . n 
B 1 30  TRP 30  404 404 TRP TRP B . n 
B 1 31  LYS 31  405 405 LYS LYS B . n 
B 1 32  LYS 32  406 406 LYS LYS B . n 
B 1 33  SER 33  407 407 SER SER B . n 
B 1 34  CYS 34  408 408 CYS CYS B . n 
B 1 35  MET 35  409 409 MET MET B . n 
B 1 36  ASN 36  410 410 ASN ASN B . n 
B 1 37  GLN 37  411 411 GLN GLN B . n 
B 1 38  VAL 38  412 412 VAL VAL B . n 
B 1 39  THR 39  413 413 THR THR B . n 
B 1 40  ILE 40  414 414 ILE ILE B . n 
B 1 41  SER 41  415 415 SER SER B . n 
B 1 42  THR 42  416 416 THR THR B . n 
B 1 43  THR 43  417 417 THR THR B . n 
B 1 44  ASP 44  418 418 ASP ASP B . n 
B 1 45  ARG 45  419 419 ARG ARG B . n 
B 1 46  ARG 46  420 420 ARG ARG B . n 
B 1 47  ASN 47  421 421 ASN ASN B . n 
B 1 48  ASN 48  422 422 ASN ASN B . n 
B 1 49  LYS 49  423 423 LYS LYS B . n 
B 1 50  LEU 50  424 424 LEU LEU B . n 
B 1 51  ILE 51  425 425 ILE ILE B . n 
B 1 52  PHE 52  426 426 PHE PHE B . n 
B 1 53  LYS 53  427 427 LYS LYS B . n 
B 1 54  VAL 54  428 428 VAL VAL B . n 
B 1 55  ASN 55  429 429 ASN ASN B . n 
B 1 56  LEU 56  430 430 LEU LEU B . n 
B 1 57  LEU 57  431 431 LEU LEU B . n 
B 1 58  GLU 58  432 432 GLU GLU B . n 
B 1 59  MET 59  433 433 MET MET B . n 
B 1 60  ASP 60  434 434 ASP ASP B . n 
B 1 61  ASP 61  435 435 ASP ASP B . n 
B 1 62  LYS 62  436 436 LYS LYS B . n 
B 1 63  ILE 63  437 437 ILE ILE B . n 
B 1 64  LEU 64  438 438 LEU LEU B . n 
B 1 65  VAL 65  439 439 VAL VAL B . n 
B 1 66  ASP 66  440 440 ASP ASP B . n 
B 1 67  PHE 67  441 441 PHE PHE B . n 
B 1 68  ARG 68  442 442 ARG ARG B . n 
B 1 69  LEU 69  443 443 LEU LEU B . n 
B 1 70  SER 70  444 444 SER SER B . n 
B 1 71  LYS 71  445 445 LYS LYS B . n 
B 1 72  GLY 72  446 446 GLY GLY B . n 
B 1 73  ASP 73  447 447 ASP ASP B . n 
B 1 74  GLY 74  448 448 GLY GLY B . n 
B 1 75  LEU 75  449 449 LEU LEU B . n 
B 1 76  GLU 76  450 450 GLU GLU B . n 
B 1 77  PHE 77  451 451 PHE PHE B . n 
B 1 78  LYS 78  452 452 LYS LYS B . n 
B 1 79  ARG 79  453 453 ARG ARG B . n 
B 1 80  HIS 80  454 454 HIS HIS B . n 
B 1 81  PHE 81  455 455 PHE PHE B . n 
B 1 82  LEU 82  456 456 LEU LEU B . n 
B 1 83  LYS 83  457 457 LYS LYS B . n 
B 1 84  ILE 84  458 458 ILE ILE B . n 
B 1 85  LYS 85  459 459 LYS LYS B . n 
B 1 86  GLY 86  460 460 GLY GLY B . n 
B 1 87  LYS 87  461 461 LYS LYS B . n 
B 1 88  LEU 88  462 462 LEU LEU B . n 
B 1 89  ILE 89  463 463 ILE ILE B . n 
B 1 90  ASP 90  464 464 ASP ASP B . n 
B 1 91  ILE 91  465 465 ILE ILE B . n 
B 1 92  VAL 92  466 466 VAL VAL B . n 
B 1 93  SER 93  467 467 SER SER B . n 
B 1 94  SER 94  468 468 SER SER B . n 
B 1 95  GLN 95  469 ?   ?   ?   B . n 
B 1 96  LYS 96  470 ?   ?   ?   B . n 
B 1 97  VAL 97  471 ?   ?   ?   B . n 
B 1 98  TRP 98  472 ?   ?   ?   B . n 
B 1 99  LEU 99  473 ?   ?   ?   B . n 
B 1 100 PRO 100 474 ?   ?   ?   B . n 
B 1 101 ALA 101 475 ?   ?   ?   B . n 
B 1 102 THR 102 476 ?   ?   ?   B . n 
# 
loop_
_pdbx_nonpoly_scheme.asym_id 
_pdbx_nonpoly_scheme.entity_id 
_pdbx_nonpoly_scheme.mon_id 
_pdbx_nonpoly_scheme.ndb_seq_num 
_pdbx_nonpoly_scheme.pdb_seq_num 
_pdbx_nonpoly_scheme.auth_seq_num 
_pdbx_nonpoly_scheme.pdb_mon_id 
_pdbx_nonpoly_scheme.auth_mon_id 
_pdbx_nonpoly_scheme.pdb_strand_id 
_pdbx_nonpoly_scheme.pdb_ins_code 
C 2 ACT 1  501 1  ACT ACT A . 
D 2 ACT 1  502 2  ACT ACT A . 
E 3 GOL 1  503 1  GOL GOL A . 
F 2 ACT 1  501 3  ACT ACT B . 
G 2 ACT 1  502 4  ACT ACT B . 
H 2 ACT 1  503 5  ACT ACT B . 
I 2 ACT 1  504 6  ACT ACT B . 
J 4 HOH 1  601 2  HOH HOH A . 
J 4 HOH 2  602 18 HOH HOH A . 
J 4 HOH 3  603 26 HOH HOH A . 
J 4 HOH 4  604 3  HOH HOH A . 
J 4 HOH 5  605 5  HOH HOH A . 
J 4 HOH 6  606 19 HOH HOH A . 
J 4 HOH 7  607 28 HOH HOH A . 
J 4 HOH 8  608 25 HOH HOH A . 
J 4 HOH 9  609 6  HOH HOH A . 
J 4 HOH 10 610 4  HOH HOH A . 
J 4 HOH 11 611 8  HOH HOH A . 
J 4 HOH 12 612 24 HOH HOH A . 
J 4 HOH 13 613 7  HOH HOH A . 
K 4 HOH 1  601 13 HOH HOH B . 
K 4 HOH 2  602 16 HOH HOH B . 
K 4 HOH 3  603 30 HOH HOH B . 
K 4 HOH 4  604 14 HOH HOH B . 
K 4 HOH 5  605 9  HOH HOH B . 
K 4 HOH 6  606 17 HOH HOH B . 
K 4 HOH 7  607 21 HOH HOH B . 
K 4 HOH 8  608 10 HOH HOH B . 
K 4 HOH 9  609 12 HOH HOH B . 
K 4 HOH 10 610 23 HOH HOH B . 
K 4 HOH 11 611 1  HOH HOH B . 
K 4 HOH 12 612 15 HOH HOH B . 
K 4 HOH 13 613 11 HOH HOH B . 
K 4 HOH 14 614 29 HOH HOH B . 
K 4 HOH 15 615 27 HOH HOH B . 
K 4 HOH 16 616 20 HOH HOH B . 
K 4 HOH 17 617 22 HOH HOH B . 
# 
loop_
_pdbx_unobs_or_zero_occ_atoms.id 
_pdbx_unobs_or_zero_occ_atoms.PDB_model_num 
_pdbx_unobs_or_zero_occ_atoms.polymer_flag 
_pdbx_unobs_or_zero_occ_atoms.occupancy_flag 
_pdbx_unobs_or_zero_occ_atoms.auth_asym_id 
_pdbx_unobs_or_zero_occ_atoms.auth_comp_id 
_pdbx_unobs_or_zero_occ_atoms.auth_seq_id 
_pdbx_unobs_or_zero_occ_atoms.PDB_ins_code 
_pdbx_unobs_or_zero_occ_atoms.auth_atom_id 
_pdbx_unobs_or_zero_occ_atoms.label_alt_id 
_pdbx_unobs_or_zero_occ_atoms.label_asym_id 
_pdbx_unobs_or_zero_occ_atoms.label_comp_id 
_pdbx_unobs_or_zero_occ_atoms.label_seq_id 
_pdbx_unobs_or_zero_occ_atoms.label_atom_id 
1  1 Y 1 A LYS 399 ? CD  ? A LYS 25 CD  
2  1 Y 1 A LYS 399 ? CE  ? A LYS 25 CE  
3  1 Y 1 A LYS 399 ? NZ  ? A LYS 25 NZ  
4  1 Y 1 A LYS 405 ? CG  ? A LYS 31 CG  
5  1 Y 1 A LYS 405 ? CD  ? A LYS 31 CD  
6  1 Y 1 A LYS 405 ? CE  ? A LYS 31 CE  
7  1 Y 1 A LYS 405 ? NZ  ? A LYS 31 NZ  
8  1 Y 1 A LYS 406 ? CG  ? A LYS 32 CG  
9  1 Y 1 A LYS 406 ? CD  ? A LYS 32 CD  
10 1 Y 1 A LYS 406 ? CE  ? A LYS 32 CE  
11 1 Y 1 A LYS 406 ? NZ  ? A LYS 32 NZ  
12 1 Y 1 A MET 409 ? CG  ? A MET 35 CG  
13 1 Y 1 A MET 409 ? SD  ? A MET 35 SD  
14 1 Y 1 A MET 409 ? CE  ? A MET 35 CE  
15 1 Y 1 A GLN 411 ? CG  ? A GLN 37 CG  
16 1 Y 1 A GLN 411 ? CD  ? A GLN 37 CD  
17 1 Y 1 A GLN 411 ? OE1 ? A GLN 37 OE1 
18 1 Y 1 A GLN 411 ? NE2 ? A GLN 37 NE2 
19 1 Y 1 A ARG 419 ? CG  ? A ARG 45 CG  
20 1 Y 1 A ARG 419 ? CD  ? A ARG 45 CD  
21 1 Y 1 A ARG 419 ? NE  ? A ARG 45 NE  
22 1 Y 1 A ARG 419 ? CZ  ? A ARG 45 CZ  
23 1 Y 1 A ARG 419 ? NH1 ? A ARG 45 NH1 
24 1 Y 1 A ARG 419 ? NH2 ? A ARG 45 NH2 
25 1 Y 1 A ARG 420 ? CG  ? A ARG 46 CG  
26 1 Y 1 A ARG 420 ? CD  ? A ARG 46 CD  
27 1 Y 1 A ARG 420 ? NE  ? A ARG 46 NE  
28 1 Y 1 A ARG 420 ? CZ  ? A ARG 46 CZ  
29 1 Y 1 A ARG 420 ? NH1 ? A ARG 46 NH1 
30 1 Y 1 A ARG 420 ? NH2 ? A ARG 46 NH2 
31 1 Y 1 A LYS 423 ? CG  ? A LYS 49 CG  
32 1 Y 1 A LYS 423 ? CD  ? A LYS 49 CD  
33 1 Y 1 A LYS 423 ? CE  ? A LYS 49 CE  
34 1 Y 1 A LYS 423 ? NZ  ? A LYS 49 NZ  
35 1 Y 1 A ASP 435 ? CG  ? A ASP 61 CG  
36 1 Y 1 A ASP 435 ? OD1 ? A ASP 61 OD1 
37 1 Y 1 A ASP 435 ? OD2 ? A ASP 61 OD2 
38 1 Y 1 A LYS 445 ? CG  ? A LYS 71 CG  
39 1 Y 1 A LYS 445 ? CD  ? A LYS 71 CD  
40 1 Y 1 A LYS 445 ? CE  ? A LYS 71 CE  
41 1 Y 1 A LYS 445 ? NZ  ? A LYS 71 NZ  
42 1 Y 1 A LYS 457 ? CD  ? A LYS 83 CD  
43 1 Y 1 A LYS 457 ? CE  ? A LYS 83 CE  
44 1 Y 1 A LYS 457 ? NZ  ? A LYS 83 NZ  
45 1 Y 1 A SER 468 ? OG  ? A SER 94 OG  
46 1 Y 1 B LYS 405 ? CG  ? B LYS 31 CG  
47 1 Y 1 B LYS 405 ? CD  ? B LYS 31 CD  
48 1 Y 1 B LYS 405 ? CE  ? B LYS 31 CE  
49 1 Y 1 B LYS 405 ? NZ  ? B LYS 31 NZ  
50 1 Y 1 B MET 409 ? CG  ? B MET 35 CG  
51 1 Y 1 B MET 409 ? SD  ? B MET 35 SD  
52 1 Y 1 B MET 409 ? CE  ? B MET 35 CE  
53 1 Y 1 B ASN 410 ? CG  ? B ASN 36 CG  
54 1 Y 1 B ASN 410 ? OD1 ? B ASN 36 OD1 
55 1 Y 1 B ASN 410 ? ND2 ? B ASN 36 ND2 
56 1 Y 1 B ARG 419 ? CG  ? B ARG 45 CG  
57 1 Y 1 B ARG 419 ? CD  ? B ARG 45 CD  
58 1 Y 1 B ARG 419 ? NE  ? B ARG 45 NE  
59 1 Y 1 B ARG 419 ? CZ  ? B ARG 45 CZ  
60 1 Y 1 B ARG 419 ? NH1 ? B ARG 45 NH1 
61 1 Y 1 B ARG 419 ? NH2 ? B ARG 45 NH2 
62 1 Y 1 B ARG 420 ? CG  ? B ARG 46 CG  
63 1 Y 1 B ARG 420 ? CD  ? B ARG 46 CD  
64 1 Y 1 B ARG 420 ? NE  ? B ARG 46 NE  
65 1 Y 1 B ARG 420 ? CZ  ? B ARG 46 CZ  
66 1 Y 1 B ARG 420 ? NH1 ? B ARG 46 NH1 
67 1 Y 1 B ARG 420 ? NH2 ? B ARG 46 NH2 
68 1 Y 1 B LYS 423 ? CG  ? B LYS 49 CG  
69 1 Y 1 B LYS 423 ? CD  ? B LYS 49 CD  
70 1 Y 1 B LYS 423 ? CE  ? B LYS 49 CE  
71 1 Y 1 B LYS 423 ? NZ  ? B LYS 49 NZ  
72 1 Y 1 B GLU 432 ? CG  ? B GLU 58 CG  
73 1 Y 1 B GLU 432 ? CD  ? B GLU 58 CD  
74 1 Y 1 B GLU 432 ? OE1 ? B GLU 58 OE1 
75 1 Y 1 B GLU 432 ? OE2 ? B GLU 58 OE2 
76 1 Y 1 B ASP 434 ? CG  ? B ASP 60 CG  
77 1 Y 1 B ASP 434 ? OD1 ? B ASP 60 OD1 
78 1 Y 1 B ASP 434 ? OD2 ? B ASP 60 OD2 
79 1 Y 1 B ASP 435 ? CG  ? B ASP 61 CG  
80 1 Y 1 B ASP 435 ? OD1 ? B ASP 61 OD1 
81 1 Y 1 B ASP 435 ? OD2 ? B ASP 61 OD2 
82 1 Y 1 B LYS 436 ? CG  ? B LYS 62 CG  
83 1 Y 1 B LYS 436 ? CD  ? B LYS 62 CD  
84 1 Y 1 B LYS 436 ? CE  ? B LYS 62 CE  
85 1 Y 1 B LYS 436 ? NZ  ? B LYS 62 NZ  
86 1 Y 1 B LYS 445 ? CG  ? B LYS 71 CG  
87 1 Y 1 B LYS 445 ? CD  ? B LYS 71 CD  
88 1 Y 1 B LYS 445 ? CE  ? B LYS 71 CE  
89 1 Y 1 B LYS 445 ? NZ  ? B LYS 71 NZ  
# 
loop_
_software.citation_id 
_software.classification 
_software.compiler_name 
_software.compiler_version 
_software.contact_author 
_software.contact_author_email 
_software.date 
_software.description 
_software.dependencies 
_software.hardware 
_software.language 
_software.location 
_software.mods 
_software.name 
_software.os 
_software.os_version 
_software.type 
_software.version 
_software.pdbx_ordinal 
? refinement       ? ? ? ? ? ? ? ? ? ? ? PHENIX   ? ? ? '(1.10.1_2155)' 1 
? 'data reduction' ? ? ? ? ? ? ? ? ? ? ? HKL-2000 ? ? ? .               2 
? 'data scaling'   ? ? ? ? ? ? ? ? ? ? ? HKL-2000 ? ? ? .               3 
? phasing          ? ? ? ? ? ? ? ? ? ? ? PHASER   ? ? ? .               4 
# 
_cell.angle_alpha                  90.00 
_cell.angle_alpha_esd              ? 
_cell.angle_beta                   90.00 
_cell.angle_beta_esd               ? 
_cell.angle_gamma                  120.00 
_cell.angle_gamma_esd              ? 
_cell.entry_id                     5WI2 
_cell.details                      ? 
_cell.formula_units_Z              ? 
_cell.length_a                     76.818 
_cell.length_a_esd                 ? 
_cell.length_b                     76.818 
_cell.length_b_esd                 ? 
_cell.length_c                     31.828 
_cell.length_c_esd                 ? 
_cell.volume                       ? 
_cell.volume_esd                   ? 
_cell.Z_PDB                        6 
_cell.reciprocal_angle_alpha       ? 
_cell.reciprocal_angle_beta        ? 
_cell.reciprocal_angle_gamma       ? 
_cell.reciprocal_angle_alpha_esd   ? 
_cell.reciprocal_angle_beta_esd    ? 
_cell.reciprocal_angle_gamma_esd   ? 
_cell.reciprocal_length_a          ? 
_cell.reciprocal_length_b          ? 
_cell.reciprocal_length_c          ? 
_cell.reciprocal_length_a_esd      ? 
_cell.reciprocal_length_b_esd      ? 
_cell.reciprocal_length_c_esd      ? 
_cell.pdbx_unique_axis             ? 
# 
_symmetry.entry_id                         5WI2 
_symmetry.cell_setting                     ? 
_symmetry.Int_Tables_number                143 
_symmetry.space_group_name_Hall            ? 
_symmetry.space_group_name_H-M             'P 3' 
_symmetry.pdbx_full_space_group_name_H-M   ? 
# 
_exptl.absorpt_coefficient_mu     ? 
_exptl.absorpt_correction_T_max   ? 
_exptl.absorpt_correction_T_min   ? 
_exptl.absorpt_correction_type    ? 
_exptl.absorpt_process_details    ? 
_exptl.entry_id                   5WI2 
_exptl.crystals_number            1 
_exptl.details                    ? 
_exptl.method                     'X-RAY DIFFRACTION' 
_exptl.method_details             ? 
# 
_exptl_crystal.colour                      ? 
_exptl_crystal.density_diffrn              ? 
_exptl_crystal.density_Matthews            2.27 
_exptl_crystal.density_method              ? 
_exptl_crystal.density_percent_sol         45.80 
_exptl_crystal.description                 ? 
_exptl_crystal.F_000                       ? 
_exptl_crystal.id                          1 
_exptl_crystal.preparation                 ? 
_exptl_crystal.size_max                    ? 
_exptl_crystal.size_mid                    ? 
_exptl_crystal.size_min                    ? 
_exptl_crystal.size_rad                    ? 
_exptl_crystal.colour_lustre               ? 
_exptl_crystal.colour_modifier             ? 
_exptl_crystal.colour_primary              ? 
_exptl_crystal.density_meas                ? 
_exptl_crystal.density_meas_esd            ? 
_exptl_crystal.density_meas_gt             ? 
_exptl_crystal.density_meas_lt             ? 
_exptl_crystal.density_meas_temp           ? 
_exptl_crystal.density_meas_temp_esd       ? 
_exptl_crystal.density_meas_temp_gt        ? 
_exptl_crystal.density_meas_temp_lt        ? 
_exptl_crystal.pdbx_crystal_image_url      ? 
_exptl_crystal.pdbx_crystal_image_format   ? 
_exptl_crystal.pdbx_mosaicity              ? 
_exptl_crystal.pdbx_mosaicity_esd          ? 
# 
_exptl_crystal_grow.apparatus       ? 
_exptl_crystal_grow.atmosphere      ? 
_exptl_crystal_grow.crystal_id      1 
_exptl_crystal_grow.details         ? 
_exptl_crystal_grow.method          'VAPOR DIFFUSION, HANGING DROP' 
_exptl_crystal_grow.method_ref      ? 
_exptl_crystal_grow.pH              4.8 
_exptl_crystal_grow.pressure        ? 
_exptl_crystal_grow.pressure_esd    ? 
_exptl_crystal_grow.seeding         ? 
_exptl_crystal_grow.seeding_ref     ? 
_exptl_crystal_grow.temp            293 
_exptl_crystal_grow.temp_details    ? 
_exptl_crystal_grow.temp_esd        ? 
_exptl_crystal_grow.time            ? 
_exptl_crystal_grow.pdbx_details    'Sodium Acetate Trihydrate, Ammonium Sulfate' 
_exptl_crystal_grow.pdbx_pH_range   ? 
# 
_diffrn.ambient_environment    ? 
_diffrn.ambient_temp           100 
_diffrn.ambient_temp_details   ? 
_diffrn.ambient_temp_esd       ? 
_diffrn.crystal_id             1 
_diffrn.crystal_support        ? 
_diffrn.crystal_treatment      ? 
_diffrn.details                ? 
_diffrn.id                     1 
_diffrn.ambient_pressure       ? 
_diffrn.ambient_pressure_esd   ? 
_diffrn.ambient_pressure_gt    ? 
_diffrn.ambient_pressure_lt    ? 
_diffrn.ambient_temp_gt        ? 
_diffrn.ambient_temp_lt        ? 
# 
_diffrn_detector.details                      ? 
_diffrn_detector.detector                     PIXEL 
_diffrn_detector.diffrn_id                    1 
_diffrn_detector.type                         'DECTRIS PILATUS3 6M' 
_diffrn_detector.area_resol_mean              ? 
_diffrn_detector.dtime                        ? 
_diffrn_detector.pdbx_frames_total            ? 
_diffrn_detector.pdbx_collection_time_total   ? 
_diffrn_detector.pdbx_collection_date         2017-03-17 
# 
_diffrn_radiation.collimation                      ? 
_diffrn_radiation.diffrn_id                        1 
_diffrn_radiation.filter_edge                      ? 
_diffrn_radiation.inhomogeneity                    ? 
_diffrn_radiation.monochromator                    ? 
_diffrn_radiation.polarisn_norm                    ? 
_diffrn_radiation.polarisn_ratio                   ? 
_diffrn_radiation.probe                            ? 
_diffrn_radiation.type                             ? 
_diffrn_radiation.xray_symbol                      ? 
_diffrn_radiation.wavelength_id                    1 
_diffrn_radiation.pdbx_monochromatic_or_laue_m_l   M 
_diffrn_radiation.pdbx_wavelength_list             ? 
_diffrn_radiation.pdbx_wavelength                  ? 
_diffrn_radiation.pdbx_diffrn_protocol             'SINGLE WAVELENGTH' 
_diffrn_radiation.pdbx_analyzer                    ? 
_diffrn_radiation.pdbx_scattering_type             x-ray 
# 
_diffrn_radiation_wavelength.id           1 
_diffrn_radiation_wavelength.wavelength   1.0 
_diffrn_radiation_wavelength.wt           1.0 
# 
_diffrn_source.current                     ? 
_diffrn_source.details                     ? 
_diffrn_source.diffrn_id                   1 
_diffrn_source.power                       ? 
_diffrn_source.size                        ? 
_diffrn_source.source                      SYNCHROTRON 
_diffrn_source.target                      ? 
_diffrn_source.type                        'APS BEAMLINE 23-ID-D' 
_diffrn_source.voltage                     ? 
_diffrn_source.take-off_angle              ? 
_diffrn_source.pdbx_wavelength_list        1.0 
_diffrn_source.pdbx_wavelength             ? 
_diffrn_source.pdbx_synchrotron_beamline   23-ID-D 
_diffrn_source.pdbx_synchrotron_site       APS 
# 
_reflns.B_iso_Wilson_estimate            ? 
_reflns.entry_id                         5WI2 
_reflns.data_reduction_details           ? 
_reflns.data_reduction_method            ? 
_reflns.d_resolution_high                2.495 
_reflns.d_resolution_low                 50 
_reflns.details                          ? 
_reflns.limit_h_max                      ? 
_reflns.limit_h_min                      ? 
_reflns.limit_k_max                      ? 
_reflns.limit_k_min                      ? 
_reflns.limit_l_max                      ? 
_reflns.limit_l_min                      ? 
_reflns.number_all                       ? 
_reflns.number_obs                       7313 
_reflns.observed_criterion               ? 
_reflns.observed_criterion_F_max         ? 
_reflns.observed_criterion_F_min         ? 
_reflns.observed_criterion_I_max         ? 
_reflns.observed_criterion_I_min         ? 
_reflns.observed_criterion_sigma_F       ? 
_reflns.observed_criterion_sigma_I       ? 
_reflns.percent_possible_obs             99.9 
_reflns.R_free_details                   ? 
_reflns.Rmerge_F_all                     ? 
_reflns.Rmerge_F_obs                     ? 
_reflns.Friedel_coverage                 ? 
_reflns.number_gt                        ? 
_reflns.threshold_expression             ? 
_reflns.pdbx_redundancy                  5.0 
_reflns.pdbx_Rmerge_I_obs                0.097 
_reflns.pdbx_Rmerge_I_all                ? 
_reflns.pdbx_Rsym_value                  ? 
_reflns.pdbx_netI_over_av_sigmaI         ? 
_reflns.pdbx_netI_over_sigmaI            24.5 
_reflns.pdbx_res_netI_over_av_sigmaI_2   ? 
_reflns.pdbx_res_netI_over_sigmaI_2      ? 
_reflns.pdbx_chi_squared                 ? 
_reflns.pdbx_scaling_rejects             ? 
_reflns.pdbx_d_res_high_opt              ? 
_reflns.pdbx_d_res_low_opt               ? 
_reflns.pdbx_d_res_opt_method            ? 
_reflns.phase_calculation_details        ? 
_reflns.pdbx_Rrim_I_all                  ? 
_reflns.pdbx_Rpim_I_all                  ? 
_reflns.pdbx_d_opt                       ? 
_reflns.pdbx_number_measured_all         ? 
_reflns.pdbx_diffrn_id                   1 
_reflns.pdbx_ordinal                     1 
_reflns.pdbx_CC_half                     ? 
_reflns.pdbx_R_split                     ? 
# 
_reflns_shell.d_res_high                  . 
_reflns_shell.d_res_low                   ? 
_reflns_shell.meanI_over_sigI_all         ? 
_reflns_shell.meanI_over_sigI_obs         ? 
_reflns_shell.number_measured_all         ? 
_reflns_shell.number_measured_obs         ? 
_reflns_shell.number_possible             ? 
_reflns_shell.number_unique_all           ? 
_reflns_shell.number_unique_obs           ? 
_reflns_shell.percent_possible_all        ? 
_reflns_shell.percent_possible_obs        ? 
_reflns_shell.Rmerge_F_all                ? 
_reflns_shell.Rmerge_F_obs                ? 
_reflns_shell.Rmerge_I_all                ? 
_reflns_shell.Rmerge_I_obs                ? 
_reflns_shell.meanI_over_sigI_gt          ? 
_reflns_shell.meanI_over_uI_all           ? 
_reflns_shell.meanI_over_uI_gt            ? 
_reflns_shell.number_measured_gt          ? 
_reflns_shell.number_unique_gt            ? 
_reflns_shell.percent_possible_gt         ? 
_reflns_shell.Rmerge_F_gt                 ? 
_reflns_shell.Rmerge_I_gt                 ? 
_reflns_shell.pdbx_redundancy             ? 
_reflns_shell.pdbx_Rsym_value             ? 
_reflns_shell.pdbx_chi_squared            ? 
_reflns_shell.pdbx_netI_over_sigmaI_all   ? 
_reflns_shell.pdbx_netI_over_sigmaI_obs   ? 
_reflns_shell.pdbx_Rrim_I_all             ? 
_reflns_shell.pdbx_Rpim_I_all             ? 
_reflns_shell.pdbx_rejects                ? 
_reflns_shell.pdbx_ordinal                1 
_reflns_shell.pdbx_diffrn_id              1 
_reflns_shell.pdbx_CC_half                ? 
_reflns_shell.pdbx_R_split                ? 
# 
_refine.aniso_B[1][1]                            ? 
_refine.aniso_B[1][2]                            ? 
_refine.aniso_B[1][3]                            ? 
_refine.aniso_B[2][2]                            ? 
_refine.aniso_B[2][3]                            ? 
_refine.aniso_B[3][3]                            ? 
_refine.B_iso_max                                ? 
_refine.B_iso_mean                               ? 
_refine.B_iso_min                                ? 
_refine.correlation_coeff_Fo_to_Fc               ? 
_refine.correlation_coeff_Fo_to_Fc_free          ? 
_refine.details                                  ? 
_refine.diff_density_max                         ? 
_refine.diff_density_max_esd                     ? 
_refine.diff_density_min                         ? 
_refine.diff_density_min_esd                     ? 
_refine.diff_density_rms                         ? 
_refine.diff_density_rms_esd                     ? 
_refine.entry_id                                 5WI2 
_refine.pdbx_refine_id                           'X-RAY DIFFRACTION' 
_refine.ls_abs_structure_details                 ? 
_refine.ls_abs_structure_Flack                   ? 
_refine.ls_abs_structure_Flack_esd               ? 
_refine.ls_abs_structure_Rogers                  ? 
_refine.ls_abs_structure_Rogers_esd              ? 
_refine.ls_d_res_high                            2.495 
_refine.ls_d_res_low                             38.409 
_refine.ls_extinction_coef                       ? 
_refine.ls_extinction_coef_esd                   ? 
_refine.ls_extinction_expression                 ? 
_refine.ls_extinction_method                     ? 
_refine.ls_goodness_of_fit_all                   ? 
_refine.ls_goodness_of_fit_all_esd               ? 
_refine.ls_goodness_of_fit_obs                   ? 
_refine.ls_goodness_of_fit_obs_esd               ? 
_refine.ls_hydrogen_treatment                    ? 
_refine.ls_matrix_type                           ? 
_refine.ls_number_constraints                    ? 
_refine.ls_number_parameters                     ? 
_refine.ls_number_reflns_all                     ? 
_refine.ls_number_reflns_obs                     7308 
_refine.ls_number_reflns_R_free                  729 
_refine.ls_number_reflns_R_work                  ? 
_refine.ls_number_restraints                     ? 
_refine.ls_percent_reflns_obs                    99.81 
_refine.ls_percent_reflns_R_free                 9.98 
_refine.ls_R_factor_all                          ? 
_refine.ls_R_factor_obs                          0.2166 
_refine.ls_R_factor_R_free                       0.2445 
_refine.ls_R_factor_R_free_error                 ? 
_refine.ls_R_factor_R_free_error_details         ? 
_refine.ls_R_factor_R_work                       0.2136 
_refine.ls_R_Fsqd_factor_obs                     ? 
_refine.ls_R_I_factor_obs                        ? 
_refine.ls_redundancy_reflns_all                 ? 
_refine.ls_redundancy_reflns_obs                 ? 
_refine.ls_restrained_S_all                      ? 
_refine.ls_restrained_S_obs                      ? 
_refine.ls_shift_over_esd_max                    ? 
_refine.ls_shift_over_esd_mean                   ? 
_refine.ls_structure_factor_coef                 ? 
_refine.ls_weighting_details                     ? 
_refine.ls_weighting_scheme                      ? 
_refine.ls_wR_factor_all                         ? 
_refine.ls_wR_factor_obs                         ? 
_refine.ls_wR_factor_R_free                      ? 
_refine.ls_wR_factor_R_work                      ? 
_refine.occupancy_max                            ? 
_refine.occupancy_min                            ? 
_refine.solvent_model_details                    ? 
_refine.solvent_model_param_bsol                 ? 
_refine.solvent_model_param_ksol                 ? 
_refine.ls_R_factor_gt                           ? 
_refine.ls_goodness_of_fit_gt                    ? 
_refine.ls_goodness_of_fit_ref                   ? 
_refine.ls_shift_over_su_max                     ? 
_refine.ls_shift_over_su_max_lt                  ? 
_refine.ls_shift_over_su_mean                    ? 
_refine.ls_shift_over_su_mean_lt                 ? 
_refine.pdbx_ls_sigma_I                          ? 
_refine.pdbx_ls_sigma_F                          2.08 
_refine.pdbx_ls_sigma_Fsqd                       ? 
_refine.pdbx_data_cutoff_high_absF               ? 
_refine.pdbx_data_cutoff_high_rms_absF           ? 
_refine.pdbx_data_cutoff_low_absF                ? 
_refine.pdbx_isotropic_thermal_model             ? 
_refine.pdbx_ls_cross_valid_method               'FREE R-VALUE' 
_refine.pdbx_method_to_determine_struct          'MOLECULAR REPLACEMENT' 
_refine.pdbx_starting_model                      2EHB 
_refine.pdbx_stereochemistry_target_values       ? 
_refine.pdbx_R_Free_selection_details            ? 
_refine.pdbx_stereochem_target_val_spec_case     ? 
_refine.pdbx_overall_ESU_R                       ? 
_refine.pdbx_overall_ESU_R_Free                  ? 
_refine.pdbx_solvent_vdw_probe_radii             1.11 
_refine.pdbx_solvent_ion_probe_radii             ? 
_refine.pdbx_solvent_shrinkage_radii             0.90 
_refine.pdbx_real_space_R                        ? 
_refine.pdbx_density_correlation                 ? 
_refine.pdbx_pd_number_of_powder_patterns        ? 
_refine.pdbx_pd_number_of_points                 ? 
_refine.pdbx_pd_meas_number_of_points            ? 
_refine.pdbx_pd_proc_ls_prof_R_factor            ? 
_refine.pdbx_pd_proc_ls_prof_wR_factor           ? 
_refine.pdbx_pd_Marquardt_correlation_coeff      ? 
_refine.pdbx_pd_Fsqrd_R_factor                   ? 
_refine.pdbx_pd_ls_matrix_band_width             ? 
_refine.pdbx_overall_phase_error                 28.72 
_refine.pdbx_overall_SU_R_free_Cruickshank_DPI   ? 
_refine.pdbx_overall_SU_R_free_Blow_DPI          ? 
_refine.pdbx_overall_SU_R_Blow_DPI               ? 
_refine.pdbx_TLS_residual_ADP_flag               ? 
_refine.pdbx_diffrn_id                           1 
_refine.overall_SU_B                             ? 
_refine.overall_SU_ML                            0.30 
_refine.overall_SU_R_Cruickshank_DPI             ? 
_refine.overall_SU_R_free                        ? 
_refine.overall_FOM_free_R_set                   ? 
_refine.overall_FOM_work_R_set                   ? 
_refine.pdbx_average_fsc_overall                 ? 
_refine.pdbx_average_fsc_work                    ? 
_refine.pdbx_average_fsc_free                    ? 
# 
_refine_hist.pdbx_refine_id                   'X-RAY DIFFRACTION' 
_refine_hist.cycle_id                         LAST 
_refine_hist.pdbx_number_atoms_protein        1435 
_refine_hist.pdbx_number_atoms_nucleic_acid   0 
_refine_hist.pdbx_number_atoms_ligand         30 
_refine_hist.number_atoms_solvent             30 
_refine_hist.number_atoms_total               1495 
_refine_hist.d_res_high                       2.495 
_refine_hist.d_res_low                        38.409 
# 
loop_
_refine_ls_restr.pdbx_refine_id 
_refine_ls_restr.criterion 
_refine_ls_restr.dev_ideal 
_refine_ls_restr.dev_ideal_target 
_refine_ls_restr.number 
_refine_ls_restr.rejects 
_refine_ls_restr.type 
_refine_ls_restr.weight 
_refine_ls_restr.pdbx_restraint_function 
'X-RAY DIFFRACTION' ? 0.006  ? 1501 ? f_bond_d           ? ? 
'X-RAY DIFFRACTION' ? 0.737  ? 2017 ? f_angle_d          ? ? 
'X-RAY DIFFRACTION' ? 16.178 ? 543  ? f_dihedral_angle_d ? ? 
'X-RAY DIFFRACTION' ? 0.051  ? 236  ? f_chiral_restr     ? ? 
'X-RAY DIFFRACTION' ? 0.003  ? 251  ? f_plane_restr      ? ? 
# 
loop_
_refine_ls_shell.pdbx_refine_id 
_refine_ls_shell.d_res_high 
_refine_ls_shell.d_res_low 
_refine_ls_shell.number_reflns_all 
_refine_ls_shell.number_reflns_obs 
_refine_ls_shell.number_reflns_R_free 
_refine_ls_shell.number_reflns_R_work 
_refine_ls_shell.percent_reflns_obs 
_refine_ls_shell.percent_reflns_R_free 
_refine_ls_shell.R_factor_all 
_refine_ls_shell.R_factor_obs 
_refine_ls_shell.R_factor_R_free 
_refine_ls_shell.R_factor_R_free_error 
_refine_ls_shell.R_factor_R_work 
_refine_ls_shell.redundancy_reflns_all 
_refine_ls_shell.redundancy_reflns_obs 
_refine_ls_shell.wR_factor_all 
_refine_ls_shell.wR_factor_obs 
_refine_ls_shell.wR_factor_R_free 
_refine_ls_shell.wR_factor_R_work 
_refine_ls_shell.pdbx_total_number_of_bins_used 
_refine_ls_shell.pdbx_phase_error 
_refine_ls_shell.pdbx_fsc_work 
_refine_ls_shell.pdbx_fsc_free 
'X-RAY DIFFRACTION' 2.4949 2.6875  . . 152 1314 99.00  . . . 0.3202 . 0.2633 . . . . . . . . . . 
'X-RAY DIFFRACTION' 2.6875 2.9579  . . 143 1326 100.00 . . . 0.3623 . 0.2814 . . . . . . . . . . 
'X-RAY DIFFRACTION' 2.9579 3.3857  . . 140 1288 100.00 . . . 0.3094 . 0.2491 . . . . . . . . . . 
'X-RAY DIFFRACTION' 3.3857 4.2647  . . 143 1327 100.00 . . . 0.2371 . 0.1994 . . . . . . . . . . 
'X-RAY DIFFRACTION' 4.2647 38.4135 . . 151 1324 100.00 . . . 0.1933 . 0.1885 . . . . . . . . . . 
# 
_struct.entry_id                     5WI2 
_struct.title                        'Crystal structure of the KA1 domain from human Chk1' 
_struct.pdbx_model_details           ? 
_struct.pdbx_formula_weight          ? 
_struct.pdbx_formula_weight_method   ? 
_struct.pdbx_model_type_details      ? 
_struct.pdbx_CASP_flag               N 
# 
_struct_keywords.entry_id        5WI2 
_struct_keywords.text            'Kinase, Checkpoint, Autoinhibition, TRANSFERASE' 
_struct_keywords.pdbx_keywords   TRANSFERASE 
# 
loop_
_struct_asym.id 
_struct_asym.pdbx_blank_PDB_chainid_flag 
_struct_asym.pdbx_modified 
_struct_asym.entity_id 
_struct_asym.details 
A N N 1 ? 
B N N 1 ? 
C N N 2 ? 
D N N 2 ? 
E N N 3 ? 
F N N 2 ? 
G N N 2 ? 
H N N 2 ? 
I N N 2 ? 
J N N 4 ? 
K N N 4 ? 
# 
_struct_ref.id                         1 
_struct_ref.db_name                    UNP 
_struct_ref.db_code                    B4DT73_HUMAN 
_struct_ref.pdbx_db_accession          B4DT73 
_struct_ref.pdbx_db_isoform            ? 
_struct_ref.entity_id                  1 
_struct_ref.pdbx_seq_one_letter_code   
;MTRFFTKLDADKSYQCLKETCEKLGYQWKKSCMNQVTISTTDRRNNKLIFKVNLLEMDDKILVDFRLSKGDGLEFKRHFL
KIKGKLIDIVSSQKVWLPAT
;
_struct_ref.pdbx_align_begin           393 
# 
loop_
_struct_ref_seq.align_id 
_struct_ref_seq.ref_id 
_struct_ref_seq.pdbx_PDB_id_code 
_struct_ref_seq.pdbx_strand_id 
_struct_ref_seq.seq_align_beg 
_struct_ref_seq.pdbx_seq_align_beg_ins_code 
_struct_ref_seq.seq_align_end 
_struct_ref_seq.pdbx_seq_align_end_ins_code 
_struct_ref_seq.pdbx_db_accession 
_struct_ref_seq.db_align_beg 
_struct_ref_seq.pdbx_db_align_beg_ins_code 
_struct_ref_seq.db_align_end 
_struct_ref_seq.pdbx_db_align_end_ins_code 
_struct_ref_seq.pdbx_auth_seq_align_beg 
_struct_ref_seq.pdbx_auth_seq_align_end 
1 1 5WI2 A 3 ? 102 ? B4DT73 393 ? 492 ? 377 476 
2 1 5WI2 B 3 ? 102 ? B4DT73 393 ? 492 ? 377 476 
# 
loop_
_struct_ref_seq_dif.align_id 
_struct_ref_seq_dif.pdbx_pdb_id_code 
_struct_ref_seq_dif.mon_id 
_struct_ref_seq_dif.pdbx_pdb_strand_id 
_struct_ref_seq_dif.seq_num 
_struct_ref_seq_dif.pdbx_pdb_ins_code 
_struct_ref_seq_dif.pdbx_seq_db_name 
_struct_ref_seq_dif.pdbx_seq_db_accession_code 
_struct_ref_seq_dif.db_mon_id 
_struct_ref_seq_dif.pdbx_seq_db_seq_num 
_struct_ref_seq_dif.details 
_struct_ref_seq_dif.pdbx_auth_seq_num 
_struct_ref_seq_dif.pdbx_ordinal 
1 5WI2 GLY A 1 ? UNP B4DT73 ? ? 'expression tag' 375 1 
1 5WI2 SER A 2 ? UNP B4DT73 ? ? 'expression tag' 376 2 
2 5WI2 GLY B 1 ? UNP B4DT73 ? ? 'expression tag' 375 3 
2 5WI2 SER B 2 ? UNP B4DT73 ? ? 'expression tag' 376 4 
# 
loop_
_pdbx_struct_assembly.id 
_pdbx_struct_assembly.details 
_pdbx_struct_assembly.method_details 
_pdbx_struct_assembly.oligomeric_details 
_pdbx_struct_assembly.oligomeric_count 
1 author_defined_assembly   ?    monomeric 1 
2 author_defined_assembly   ?    monomeric 1 
3 software_defined_assembly PISA dimeric   2 
# 
loop_
_pdbx_struct_assembly_prop.biol_id 
_pdbx_struct_assembly_prop.type 
_pdbx_struct_assembly_prop.value 
_pdbx_struct_assembly_prop.details 
3 'ABSA (A^2)' 1980  ? 
3 MORE         -11   ? 
3 'SSA (A^2)'  10280 ? 
# 
loop_
_pdbx_struct_assembly_gen.assembly_id 
_pdbx_struct_assembly_gen.oper_expression 
_pdbx_struct_assembly_gen.asym_id_list 
1 1 A,C,D,E,J   
2 1 B,F,G,H,I,K 
3 1 B,F,G,H,I,K 
3 2 A,C,D,E,J   
# 
_pdbx_struct_assembly_auth_evidence.id                     1 
_pdbx_struct_assembly_auth_evidence.assembly_id            1 
_pdbx_struct_assembly_auth_evidence.experimental_support   'equilibrium centrifugation' 
_pdbx_struct_assembly_auth_evidence.details                ? 
# 
loop_
_pdbx_struct_oper_list.id 
_pdbx_struct_oper_list.type 
_pdbx_struct_oper_list.name 
_pdbx_struct_oper_list.symmetry_operation 
_pdbx_struct_oper_list.matrix[1][1] 
_pdbx_struct_oper_list.matrix[1][2] 
_pdbx_struct_oper_list.matrix[1][3] 
_pdbx_struct_oper_list.vector[1] 
_pdbx_struct_oper_list.matrix[2][1] 
_pdbx_struct_oper_list.matrix[2][2] 
_pdbx_struct_oper_list.matrix[2][3] 
_pdbx_struct_oper_list.vector[2] 
_pdbx_struct_oper_list.matrix[3][1] 
_pdbx_struct_oper_list.matrix[3][2] 
_pdbx_struct_oper_list.matrix[3][3] 
_pdbx_struct_oper_list.vector[3] 
1 'identity operation'         1_555 x,y,z        1.0000000000  0.0000000000  0.0000000000  0.0000000000 0.0000000000 1.0000000000  0.0000000000 0.0000000000   0.0000000000  0.0000000000 1.0000000000 0.0000000000  
2 'crystal symmetry operation' 2_225 -y-3,x-y-3,z -0.3884313259 -0.9116141857 -0.1344644250 3.7171351278 0.6828620309 -0.3827458766 0.6222580178 -35.0914532989 -0.6187249404 0.1498838565 0.7711772025 11.7588984093 
# 
loop_
_struct_conf.conf_type_id 
_struct_conf.id 
_struct_conf.pdbx_PDB_helix_id 
_struct_conf.beg_label_comp_id 
_struct_conf.beg_label_asym_id 
_struct_conf.beg_label_seq_id 
_struct_conf.pdbx_beg_PDB_ins_code 
_struct_conf.end_label_comp_id 
_struct_conf.end_label_asym_id 
_struct_conf.end_label_seq_id 
_struct_conf.pdbx_end_PDB_ins_code 
_struct_conf.beg_auth_comp_id 
_struct_conf.beg_auth_asym_id 
_struct_conf.beg_auth_seq_id 
_struct_conf.end_auth_comp_id 
_struct_conf.end_auth_asym_id 
_struct_conf.end_auth_seq_id 
_struct_conf.pdbx_PDB_helix_class 
_struct_conf.details 
_struct_conf.pdbx_PDB_helix_length 
HELX_P HELX_P1 AA1 ASP A 11 ? LEU A 26 ? ASP A 385 LEU A 400 1 ? 16 
HELX_P HELX_P2 AA2 ASP A 73 ? LEU A 88 ? ASP A 447 LEU A 462 1 ? 16 
HELX_P HELX_P3 AA3 ILE A 89 ? VAL A 92 ? ILE A 463 VAL A 466 5 ? 4  
HELX_P HELX_P4 AA4 ASP B 11 ? LEU B 26 ? ASP B 385 LEU B 400 1 ? 16 
HELX_P HELX_P5 AA5 ASP B 73 ? LEU B 88 ? ASP B 447 LEU B 462 1 ? 16 
# 
_struct_conf_type.id          HELX_P 
_struct_conf_type.criteria    ? 
_struct_conf_type.reference   ? 
# 
_struct_conn.id                            disulf1 
_struct_conn.conn_type_id                  disulf 
_struct_conn.pdbx_leaving_atom_flag        ? 
_struct_conn.pdbx_PDB_id                   ? 
_struct_conn.ptnr1_label_asym_id           A 
_struct_conn.ptnr1_label_comp_id           CYS 
_struct_conn.ptnr1_label_seq_id            34 
_struct_conn.ptnr1_label_atom_id           SG 
_struct_conn.pdbx_ptnr1_label_alt_id       ? 
_struct_conn.pdbx_ptnr1_PDB_ins_code       ? 
_struct_conn.pdbx_ptnr1_standard_comp_id   ? 
_struct_conn.ptnr1_symmetry                1_555 
_struct_conn.ptnr2_label_asym_id           B 
_struct_conn.ptnr2_label_comp_id           CYS 
_struct_conn.ptnr2_label_seq_id            34 
_struct_conn.ptnr2_label_atom_id           SG 
_struct_conn.pdbx_ptnr2_label_alt_id       ? 
_struct_conn.pdbx_ptnr2_PDB_ins_code       ? 
_struct_conn.ptnr1_auth_asym_id            A 
_struct_conn.ptnr1_auth_comp_id            CYS 
_struct_conn.ptnr1_auth_seq_id             408 
_struct_conn.ptnr2_auth_asym_id            B 
_struct_conn.ptnr2_auth_comp_id            CYS 
_struct_conn.ptnr2_auth_seq_id             408 
_struct_conn.ptnr2_symmetry                1_555 
_struct_conn.pdbx_ptnr3_label_atom_id      ? 
_struct_conn.pdbx_ptnr3_label_seq_id       ? 
_struct_conn.pdbx_ptnr3_label_comp_id      ? 
_struct_conn.pdbx_ptnr3_label_asym_id      ? 
_struct_conn.pdbx_ptnr3_label_alt_id       ? 
_struct_conn.pdbx_ptnr3_PDB_ins_code       ? 
_struct_conn.details                       ? 
_struct_conn.pdbx_dist_value               2.027 
_struct_conn.pdbx_value_order              ? 
_struct_conn.pdbx_role                     ? 
# 
_struct_conn_type.id          disulf 
_struct_conn_type.criteria    ? 
_struct_conn_type.reference   ? 
# 
_pdbx_modification_feature.ordinal                            1 
_pdbx_modification_feature.label_comp_id                      CYS 
_pdbx_modification_feature.label_asym_id                      A 
_pdbx_modification_feature.label_seq_id                       34 
_pdbx_modification_feature.label_alt_id                       ? 
_pdbx_modification_feature.modified_residue_label_comp_id     CYS 
_pdbx_modification_feature.modified_residue_label_asym_id     B 
_pdbx_modification_feature.modified_residue_label_seq_id      34 
_pdbx_modification_feature.modified_residue_label_alt_id      ? 
_pdbx_modification_feature.auth_comp_id                       CYS 
_pdbx_modification_feature.auth_asym_id                       A 
_pdbx_modification_feature.auth_seq_id                        408 
_pdbx_modification_feature.PDB_ins_code                       ? 
_pdbx_modification_feature.symmetry                           1_555 
_pdbx_modification_feature.modified_residue_auth_comp_id      CYS 
_pdbx_modification_feature.modified_residue_auth_asym_id      B 
_pdbx_modification_feature.modified_residue_auth_seq_id       408 
_pdbx_modification_feature.modified_residue_PDB_ins_code      ? 
_pdbx_modification_feature.modified_residue_symmetry          1_555 
_pdbx_modification_feature.comp_id_linking_atom               SG 
_pdbx_modification_feature.modified_residue_id_linking_atom   SG 
_pdbx_modification_feature.modified_residue_id                . 
_pdbx_modification_feature.ref_pcm_id                         . 
_pdbx_modification_feature.ref_comp_id                        . 
_pdbx_modification_feature.type                               None 
_pdbx_modification_feature.category                           'Disulfide bridge' 
# 
loop_
_struct_sheet.id 
_struct_sheet.type 
_struct_sheet.number_strands 
_struct_sheet.details 
AA1 ? 5 ? 
AA2 ? 6 ? 
# 
loop_
_struct_sheet_order.sheet_id 
_struct_sheet_order.range_id_1 
_struct_sheet_order.range_id_2 
_struct_sheet_order.offset 
_struct_sheet_order.sense 
AA1 1 2 ? anti-parallel 
AA1 2 3 ? anti-parallel 
AA1 3 4 ? anti-parallel 
AA1 4 5 ? anti-parallel 
AA2 1 2 ? anti-parallel 
AA2 2 3 ? anti-parallel 
AA2 3 4 ? anti-parallel 
AA2 4 5 ? anti-parallel 
AA2 5 6 ? anti-parallel 
# 
loop_
_struct_sheet_range.sheet_id 
_struct_sheet_range.id 
_struct_sheet_range.beg_label_comp_id 
_struct_sheet_range.beg_label_asym_id 
_struct_sheet_range.beg_label_seq_id 
_struct_sheet_range.pdbx_beg_PDB_ins_code 
_struct_sheet_range.end_label_comp_id 
_struct_sheet_range.end_label_asym_id 
_struct_sheet_range.end_label_seq_id 
_struct_sheet_range.pdbx_end_PDB_ins_code 
_struct_sheet_range.beg_auth_comp_id 
_struct_sheet_range.beg_auth_asym_id 
_struct_sheet_range.beg_auth_seq_id 
_struct_sheet_range.end_auth_comp_id 
_struct_sheet_range.end_auth_asym_id 
_struct_sheet_range.end_auth_seq_id 
AA1 1 ARG A 5  ? THR A 8  ? ARG A 379 THR A 382 
AA1 2 ILE A 63 ? LYS A 71 ? ILE A 437 LYS A 445 
AA1 3 LYS A 49 ? GLU A 58 ? LYS A 423 GLU A 432 
AA1 4 GLN A 37 ? THR A 43 ? GLN A 411 THR A 417 
AA1 5 GLN A 29 ? LYS A 32 ? GLN A 403 LYS A 406 
AA2 1 GLN B 29 ? CYS B 34 ? GLN B 403 CYS B 408 
AA2 2 GLN B 37 ? THR B 43 ? GLN B 411 THR B 417 
AA2 3 LYS B 49 ? GLU B 58 ? LYS B 423 GLU B 432 
AA2 4 ILE B 63 ? LYS B 71 ? ILE B 437 LYS B 445 
AA2 5 ARG B 5  ? THR B 8  ? ARG B 379 THR B 382 
AA2 6 VAL B 92 ? SER B 93 ? VAL B 466 SER B 467 
# 
loop_
_pdbx_struct_sheet_hbond.sheet_id 
_pdbx_struct_sheet_hbond.range_id_1 
_pdbx_struct_sheet_hbond.range_id_2 
_pdbx_struct_sheet_hbond.range_1_label_atom_id 
_pdbx_struct_sheet_hbond.range_1_label_comp_id 
_pdbx_struct_sheet_hbond.range_1_label_asym_id 
_pdbx_struct_sheet_hbond.range_1_label_seq_id 
_pdbx_struct_sheet_hbond.range_1_PDB_ins_code 
_pdbx_struct_sheet_hbond.range_1_auth_atom_id 
_pdbx_struct_sheet_hbond.range_1_auth_comp_id 
_pdbx_struct_sheet_hbond.range_1_auth_asym_id 
_pdbx_struct_sheet_hbond.range_1_auth_seq_id 
_pdbx_struct_sheet_hbond.range_2_label_atom_id 
_pdbx_struct_sheet_hbond.range_2_label_comp_id 
_pdbx_struct_sheet_hbond.range_2_label_asym_id 
_pdbx_struct_sheet_hbond.range_2_label_seq_id 
_pdbx_struct_sheet_hbond.range_2_PDB_ins_code 
_pdbx_struct_sheet_hbond.range_2_auth_atom_id 
_pdbx_struct_sheet_hbond.range_2_auth_comp_id 
_pdbx_struct_sheet_hbond.range_2_auth_asym_id 
_pdbx_struct_sheet_hbond.range_2_auth_seq_id 
AA1 1 2 N PHE A 6  ? N PHE A 380 O VAL A 65 ? O VAL A 439 
AA1 2 3 O LYS A 71 ? O LYS A 445 N ILE A 51 ? N ILE A 425 
AA1 3 4 O VAL A 54 ? O VAL A 428 N VAL A 38 ? N VAL A 412 
AA1 4 5 O SER A 41 ? O SER A 415 N GLN A 29 ? N GLN A 403 
AA2 1 2 N GLN B 29 ? N GLN B 403 O SER B 41 ? O SER B 415 
AA2 2 3 N THR B 42 ? N THR B 416 O LEU B 50 ? O LEU B 424 
AA2 3 4 N ILE B 51 ? N ILE B 425 O LYS B 71 ? O LYS B 445 
AA2 4 5 O VAL B 65 ? O VAL B 439 N PHE B 6  ? N PHE B 380 
AA2 5 6 N PHE B 7  ? N PHE B 381 O SER B 93 ? O SER B 467 
# 
loop_
_struct_site.id 
_struct_site.pdbx_evidence_code 
_struct_site.pdbx_auth_asym_id 
_struct_site.pdbx_auth_comp_id 
_struct_site.pdbx_auth_seq_id 
_struct_site.pdbx_auth_ins_code 
_struct_site.pdbx_num_residues 
_struct_site.details 
AC1 Software A ACT 501 ? 2 'binding site for residue ACT A 501' 
AC2 Software A ACT 502 ? 1 'binding site for residue ACT A 502' 
AC3 Software A GOL 503 ? 1 'binding site for residue GOL A 503' 
AC4 Software B ACT 501 ? 1 'binding site for residue ACT B 501' 
AC5 Software B ACT 502 ? 3 'binding site for residue ACT B 502' 
AC6 Software B ACT 503 ? 4 'binding site for residue ACT B 503' 
AC7 Software B ACT 504 ? 3 'binding site for residue ACT B 504' 
# 
loop_
_struct_site_gen.id 
_struct_site_gen.site_id 
_struct_site_gen.pdbx_num_res 
_struct_site_gen.label_comp_id 
_struct_site_gen.label_asym_id 
_struct_site_gen.label_seq_id 
_struct_site_gen.pdbx_auth_ins_code 
_struct_site_gen.auth_comp_id 
_struct_site_gen.auth_asym_id 
_struct_site_gen.auth_seq_id 
_struct_site_gen.label_atom_id 
_struct_site_gen.label_alt_id 
_struct_site_gen.symmetry 
_struct_site_gen.details 
1  AC1 2 SER A 93 ? SER A 467 . ? 1_555 ? 
2  AC1 2 SER A 94 ? SER A 468 . ? 1_555 ? 
3  AC2 1 ASN A 47 ? ASN A 421 . ? 1_555 ? 
4  AC3 1 LYS A 87 ? LYS A 461 . ? 1_555 ? 
5  AC4 1 ARG B 5  ? ARG B 379 . ? 1_555 ? 
6  AC5 3 LYS B 9  ? LYS B 383 . ? 1_555 ? 
7  AC5 3 SER B 93 ? SER B 467 . ? 1_555 ? 
8  AC5 3 SER B 94 ? SER B 468 . ? 1_555 ? 
9  AC6 4 LYS B 14 ? LYS B 388 . ? 1_556 ? 
10 AC6 4 LYS B 53 ? LYS B 427 . ? 1_555 ? 
11 AC6 4 ARG B 68 ? ARG B 442 . ? 1_555 ? 
12 AC6 4 SER B 70 ? SER B 444 . ? 1_555 ? 
13 AC7 3 TYR B 16 ? TYR B 390 . ? 1_555 ? 
14 AC7 3 LYS B 20 ? LYS B 394 . ? 1_555 ? 
15 AC7 3 LYS B 32 ? LYS B 406 . ? 1_555 ? 
# 
_pdbx_entry_details.entry_id                   5WI2 
_pdbx_entry_details.compound_details           ? 
_pdbx_entry_details.source_details             ? 
_pdbx_entry_details.nonpolymer_details         ? 
_pdbx_entry_details.sequence_details           ? 
_pdbx_entry_details.has_ligand_of_interest     ? 
_pdbx_entry_details.has_protein_modification   Y 
# 
loop_
_pdbx_validate_torsion.id 
_pdbx_validate_torsion.PDB_model_num 
_pdbx_validate_torsion.auth_comp_id 
_pdbx_validate_torsion.auth_asym_id 
_pdbx_validate_torsion.auth_seq_id 
_pdbx_validate_torsion.PDB_ins_code 
_pdbx_validate_torsion.label_alt_id 
_pdbx_validate_torsion.phi 
_pdbx_validate_torsion.psi 
1 1 SER A 407 ? ? -124.22 -55.01 
2 1 CYS A 408 ? ? -157.42 57.42  
3 1 MET A 409 ? ? 66.40   -12.27 
4 1 ASN A 410 ? ? -156.48 26.97  
5 1 THR B 378 ? ? -83.65  33.96  
6 1 ASN B 410 ? ? -153.05 26.20  
# 
loop_
_pdbx_unobs_or_zero_occ_residues.id 
_pdbx_unobs_or_zero_occ_residues.PDB_model_num 
_pdbx_unobs_or_zero_occ_residues.polymer_flag 
_pdbx_unobs_or_zero_occ_residues.occupancy_flag 
_pdbx_unobs_or_zero_occ_residues.auth_asym_id 
_pdbx_unobs_or_zero_occ_residues.auth_comp_id 
_pdbx_unobs_or_zero_occ_residues.auth_seq_id 
_pdbx_unobs_or_zero_occ_residues.PDB_ins_code 
_pdbx_unobs_or_zero_occ_residues.label_asym_id 
_pdbx_unobs_or_zero_occ_residues.label_comp_id 
_pdbx_unobs_or_zero_occ_residues.label_seq_id 
1  1 Y 1 A GLY 375 ? A GLY 1   
2  1 Y 1 A SER 376 ? A SER 2   
3  1 Y 1 A GLN 469 ? A GLN 95  
4  1 Y 1 A LYS 470 ? A LYS 96  
5  1 Y 1 A VAL 471 ? A VAL 97  
6  1 Y 1 A TRP 472 ? A TRP 98  
7  1 Y 1 A LEU 473 ? A LEU 99  
8  1 Y 1 A PRO 474 ? A PRO 100 
9  1 Y 1 A ALA 475 ? A ALA 101 
10 1 Y 1 A THR 476 ? A THR 102 
11 1 Y 1 B GLY 375 ? B GLY 1   
12 1 Y 1 B GLN 469 ? B GLN 95  
13 1 Y 1 B LYS 470 ? B LYS 96  
14 1 Y 1 B VAL 471 ? B VAL 97  
15 1 Y 1 B TRP 472 ? B TRP 98  
16 1 Y 1 B LEU 473 ? B LEU 99  
17 1 Y 1 B PRO 474 ? B PRO 100 
18 1 Y 1 B ALA 475 ? B ALA 101 
19 1 Y 1 B THR 476 ? B THR 102 
# 
loop_
_chem_comp_atom.comp_id 
_chem_comp_atom.atom_id 
_chem_comp_atom.type_symbol 
_chem_comp_atom.pdbx_aromatic_flag 
_chem_comp_atom.pdbx_stereo_config 
_chem_comp_atom.pdbx_ordinal 
ACT C    C N N 1   
ACT O    O N N 2   
ACT OXT  O N N 3   
ACT CH3  C N N 4   
ACT H1   H N N 5   
ACT H2   H N N 6   
ACT H3   H N N 7   
ALA N    N N N 8   
ALA CA   C N S 9   
ALA C    C N N 10  
ALA O    O N N 11  
ALA CB   C N N 12  
ALA OXT  O N N 13  
ALA H    H N N 14  
ALA H2   H N N 15  
ALA HA   H N N 16  
ALA HB1  H N N 17  
ALA HB2  H N N 18  
ALA HB3  H N N 19  
ALA HXT  H N N 20  
ARG N    N N N 21  
ARG CA   C N S 22  
ARG C    C N N 23  
ARG O    O N N 24  
ARG CB   C N N 25  
ARG CG   C N N 26  
ARG CD   C N N 27  
ARG NE   N N N 28  
ARG CZ   C N N 29  
ARG NH1  N N N 30  
ARG NH2  N N N 31  
ARG OXT  O N N 32  
ARG H    H N N 33  
ARG H2   H N N 34  
ARG HA   H N N 35  
ARG HB2  H N N 36  
ARG HB3  H N N 37  
ARG HG2  H N N 38  
ARG HG3  H N N 39  
ARG HD2  H N N 40  
ARG HD3  H N N 41  
ARG HE   H N N 42  
ARG HH11 H N N 43  
ARG HH12 H N N 44  
ARG HH21 H N N 45  
ARG HH22 H N N 46  
ARG HXT  H N N 47  
ASN N    N N N 48  
ASN CA   C N S 49  
ASN C    C N N 50  
ASN O    O N N 51  
ASN CB   C N N 52  
ASN CG   C N N 53  
ASN OD1  O N N 54  
ASN ND2  N N N 55  
ASN OXT  O N N 56  
ASN H    H N N 57  
ASN H2   H N N 58  
ASN HA   H N N 59  
ASN HB2  H N N 60  
ASN HB3  H N N 61  
ASN HD21 H N N 62  
ASN HD22 H N N 63  
ASN HXT  H N N 64  
ASP N    N N N 65  
ASP CA   C N S 66  
ASP C    C N N 67  
ASP O    O N N 68  
ASP CB   C N N 69  
ASP CG   C N N 70  
ASP OD1  O N N 71  
ASP OD2  O N N 72  
ASP OXT  O N N 73  
ASP H    H N N 74  
ASP H2   H N N 75  
ASP HA   H N N 76  
ASP HB2  H N N 77  
ASP HB3  H N N 78  
ASP HD2  H N N 79  
ASP HXT  H N N 80  
CYS N    N N N 81  
CYS CA   C N R 82  
CYS C    C N N 83  
CYS O    O N N 84  
CYS CB   C N N 85  
CYS SG   S N N 86  
CYS OXT  O N N 87  
CYS H    H N N 88  
CYS H2   H N N 89  
CYS HA   H N N 90  
CYS HB2  H N N 91  
CYS HB3  H N N 92  
CYS HG   H N N 93  
CYS HXT  H N N 94  
GLN N    N N N 95  
GLN CA   C N S 96  
GLN C    C N N 97  
GLN O    O N N 98  
GLN CB   C N N 99  
GLN CG   C N N 100 
GLN CD   C N N 101 
GLN OE1  O N N 102 
GLN NE2  N N N 103 
GLN OXT  O N N 104 
GLN H    H N N 105 
GLN H2   H N N 106 
GLN HA   H N N 107 
GLN HB2  H N N 108 
GLN HB3  H N N 109 
GLN HG2  H N N 110 
GLN HG3  H N N 111 
GLN HE21 H N N 112 
GLN HE22 H N N 113 
GLN HXT  H N N 114 
GLU N    N N N 115 
GLU CA   C N S 116 
GLU C    C N N 117 
GLU O    O N N 118 
GLU CB   C N N 119 
GLU CG   C N N 120 
GLU CD   C N N 121 
GLU OE1  O N N 122 
GLU OE2  O N N 123 
GLU OXT  O N N 124 
GLU H    H N N 125 
GLU H2   H N N 126 
GLU HA   H N N 127 
GLU HB2  H N N 128 
GLU HB3  H N N 129 
GLU HG2  H N N 130 
GLU HG3  H N N 131 
GLU HE2  H N N 132 
GLU HXT  H N N 133 
GLY N    N N N 134 
GLY CA   C N N 135 
GLY C    C N N 136 
GLY O    O N N 137 
GLY OXT  O N N 138 
GLY H    H N N 139 
GLY H2   H N N 140 
GLY HA2  H N N 141 
GLY HA3  H N N 142 
GLY HXT  H N N 143 
GOL C1   C N N 144 
GOL O1   O N N 145 
GOL C2   C N N 146 
GOL O2   O N N 147 
GOL C3   C N N 148 
GOL O3   O N N 149 
GOL H11  H N N 150 
GOL H12  H N N 151 
GOL HO1  H N N 152 
GOL H2   H N N 153 
GOL HO2  H N N 154 
GOL H31  H N N 155 
GOL H32  H N N 156 
GOL HO3  H N N 157 
HIS N    N N N 158 
HIS CA   C N S 159 
HIS C    C N N 160 
HIS O    O N N 161 
HIS CB   C N N 162 
HIS CG   C Y N 163 
HIS ND1  N Y N 164 
HIS CD2  C Y N 165 
HIS CE1  C Y N 166 
HIS NE2  N Y N 167 
HIS OXT  O N N 168 
HIS H    H N N 169 
HIS H2   H N N 170 
HIS HA   H N N 171 
HIS HB2  H N N 172 
HIS HB3  H N N 173 
HIS HD1  H N N 174 
HIS HD2  H N N 175 
HIS HE1  H N N 176 
HIS HE2  H N N 177 
HIS HXT  H N N 178 
HOH O    O N N 179 
HOH H1   H N N 180 
HOH H2   H N N 181 
ILE N    N N N 182 
ILE CA   C N S 183 
ILE C    C N N 184 
ILE O    O N N 185 
ILE CB   C N S 186 
ILE CG1  C N N 187 
ILE CG2  C N N 188 
ILE CD1  C N N 189 
ILE OXT  O N N 190 
ILE H    H N N 191 
ILE H2   H N N 192 
ILE HA   H N N 193 
ILE HB   H N N 194 
ILE HG12 H N N 195 
ILE HG13 H N N 196 
ILE HG21 H N N 197 
ILE HG22 H N N 198 
ILE HG23 H N N 199 
ILE HD11 H N N 200 
ILE HD12 H N N 201 
ILE HD13 H N N 202 
ILE HXT  H N N 203 
LEU N    N N N 204 
LEU CA   C N S 205 
LEU C    C N N 206 
LEU O    O N N 207 
LEU CB   C N N 208 
LEU CG   C N N 209 
LEU CD1  C N N 210 
LEU CD2  C N N 211 
LEU OXT  O N N 212 
LEU H    H N N 213 
LEU H2   H N N 214 
LEU HA   H N N 215 
LEU HB2  H N N 216 
LEU HB3  H N N 217 
LEU HG   H N N 218 
LEU HD11 H N N 219 
LEU HD12 H N N 220 
LEU HD13 H N N 221 
LEU HD21 H N N 222 
LEU HD22 H N N 223 
LEU HD23 H N N 224 
LEU HXT  H N N 225 
LYS N    N N N 226 
LYS CA   C N S 227 
LYS C    C N N 228 
LYS O    O N N 229 
LYS CB   C N N 230 
LYS CG   C N N 231 
LYS CD   C N N 232 
LYS CE   C N N 233 
LYS NZ   N N N 234 
LYS OXT  O N N 235 
LYS H    H N N 236 
LYS H2   H N N 237 
LYS HA   H N N 238 
LYS HB2  H N N 239 
LYS HB3  H N N 240 
LYS HG2  H N N 241 
LYS HG3  H N N 242 
LYS HD2  H N N 243 
LYS HD3  H N N 244 
LYS HE2  H N N 245 
LYS HE3  H N N 246 
LYS HZ1  H N N 247 
LYS HZ2  H N N 248 
LYS HZ3  H N N 249 
LYS HXT  H N N 250 
MET N    N N N 251 
MET CA   C N S 252 
MET C    C N N 253 
MET O    O N N 254 
MET CB   C N N 255 
MET CG   C N N 256 
MET SD   S N N 257 
MET CE   C N N 258 
MET OXT  O N N 259 
MET H    H N N 260 
MET H2   H N N 261 
MET HA   H N N 262 
MET HB2  H N N 263 
MET HB3  H N N 264 
MET HG2  H N N 265 
MET HG3  H N N 266 
MET HE1  H N N 267 
MET HE2  H N N 268 
MET HE3  H N N 269 
MET HXT  H N N 270 
PHE N    N N N 271 
PHE CA   C N S 272 
PHE C    C N N 273 
PHE O    O N N 274 
PHE CB   C N N 275 
PHE CG   C Y N 276 
PHE CD1  C Y N 277 
PHE CD2  C Y N 278 
PHE CE1  C Y N 279 
PHE CE2  C Y N 280 
PHE CZ   C Y N 281 
PHE OXT  O N N 282 
PHE H    H N N 283 
PHE H2   H N N 284 
PHE HA   H N N 285 
PHE HB2  H N N 286 
PHE HB3  H N N 287 
PHE HD1  H N N 288 
PHE HD2  H N N 289 
PHE HE1  H N N 290 
PHE HE2  H N N 291 
PHE HZ   H N N 292 
PHE HXT  H N N 293 
PRO N    N N N 294 
PRO CA   C N S 295 
PRO C    C N N 296 
PRO O    O N N 297 
PRO CB   C N N 298 
PRO CG   C N N 299 
PRO CD   C N N 300 
PRO OXT  O N N 301 
PRO H    H N N 302 
PRO HA   H N N 303 
PRO HB2  H N N 304 
PRO HB3  H N N 305 
PRO HG2  H N N 306 
PRO HG3  H N N 307 
PRO HD2  H N N 308 
PRO HD3  H N N 309 
PRO HXT  H N N 310 
SER N    N N N 311 
SER CA   C N S 312 
SER C    C N N 313 
SER O    O N N 314 
SER CB   C N N 315 
SER OG   O N N 316 
SER OXT  O N N 317 
SER H    H N N 318 
SER H2   H N N 319 
SER HA   H N N 320 
SER HB2  H N N 321 
SER HB3  H N N 322 
SER HG   H N N 323 
SER HXT  H N N 324 
THR N    N N N 325 
THR CA   C N S 326 
THR C    C N N 327 
THR O    O N N 328 
THR CB   C N R 329 
THR OG1  O N N 330 
THR CG2  C N N 331 
THR OXT  O N N 332 
THR H    H N N 333 
THR H2   H N N 334 
THR HA   H N N 335 
THR HB   H N N 336 
THR HG1  H N N 337 
THR HG21 H N N 338 
THR HG22 H N N 339 
THR HG23 H N N 340 
THR HXT  H N N 341 
TRP N    N N N 342 
TRP CA   C N S 343 
TRP C    C N N 344 
TRP O    O N N 345 
TRP CB   C N N 346 
TRP CG   C Y N 347 
TRP CD1  C Y N 348 
TRP CD2  C Y N 349 
TRP NE1  N Y N 350 
TRP CE2  C Y N 351 
TRP CE3  C Y N 352 
TRP CZ2  C Y N 353 
TRP CZ3  C Y N 354 
TRP CH2  C Y N 355 
TRP OXT  O N N 356 
TRP H    H N N 357 
TRP H2   H N N 358 
TRP HA   H N N 359 
TRP HB2  H N N 360 
TRP HB3  H N N 361 
TRP HD1  H N N 362 
TRP HE1  H N N 363 
TRP HE3  H N N 364 
TRP HZ2  H N N 365 
TRP HZ3  H N N 366 
TRP HH2  H N N 367 
TRP HXT  H N N 368 
TYR N    N N N 369 
TYR CA   C N S 370 
TYR C    C N N 371 
TYR O    O N N 372 
TYR CB   C N N 373 
TYR CG   C Y N 374 
TYR CD1  C Y N 375 
TYR CD2  C Y N 376 
TYR CE1  C Y N 377 
TYR CE2  C Y N 378 
TYR CZ   C Y N 379 
TYR OH   O N N 380 
TYR OXT  O N N 381 
TYR H    H N N 382 
TYR H2   H N N 383 
TYR HA   H N N 384 
TYR HB2  H N N 385 
TYR HB3  H N N 386 
TYR HD1  H N N 387 
TYR HD2  H N N 388 
TYR HE1  H N N 389 
TYR HE2  H N N 390 
TYR HH   H N N 391 
TYR HXT  H N N 392 
VAL N    N N N 393 
VAL CA   C N S 394 
VAL C    C N N 395 
VAL O    O N N 396 
VAL CB   C N N 397 
VAL CG1  C N N 398 
VAL CG2  C N N 399 
VAL OXT  O N N 400 
VAL H    H N N 401 
VAL H2   H N N 402 
VAL HA   H N N 403 
VAL HB   H N N 404 
VAL HG11 H N N 405 
VAL HG12 H N N 406 
VAL HG13 H N N 407 
VAL HG21 H N N 408 
VAL HG22 H N N 409 
VAL HG23 H N N 410 
VAL HXT  H N N 411 
# 
loop_
_chem_comp_bond.comp_id 
_chem_comp_bond.atom_id_1 
_chem_comp_bond.atom_id_2 
_chem_comp_bond.value_order 
_chem_comp_bond.pdbx_aromatic_flag 
_chem_comp_bond.pdbx_stereo_config 
_chem_comp_bond.pdbx_ordinal 
ACT C   O    doub N N 1   
ACT C   OXT  sing N N 2   
ACT C   CH3  sing N N 3   
ACT CH3 H1   sing N N 4   
ACT CH3 H2   sing N N 5   
ACT CH3 H3   sing N N 6   
ALA N   CA   sing N N 7   
ALA N   H    sing N N 8   
ALA N   H2   sing N N 9   
ALA CA  C    sing N N 10  
ALA CA  CB   sing N N 11  
ALA CA  HA   sing N N 12  
ALA C   O    doub N N 13  
ALA C   OXT  sing N N 14  
ALA CB  HB1  sing N N 15  
ALA CB  HB2  sing N N 16  
ALA CB  HB3  sing N N 17  
ALA OXT HXT  sing N N 18  
ARG N   CA   sing N N 19  
ARG N   H    sing N N 20  
ARG N   H2   sing N N 21  
ARG CA  C    sing N N 22  
ARG CA  CB   sing N N 23  
ARG CA  HA   sing N N 24  
ARG C   O    doub N N 25  
ARG C   OXT  sing N N 26  
ARG CB  CG   sing N N 27  
ARG CB  HB2  sing N N 28  
ARG CB  HB3  sing N N 29  
ARG CG  CD   sing N N 30  
ARG CG  HG2  sing N N 31  
ARG CG  HG3  sing N N 32  
ARG CD  NE   sing N N 33  
ARG CD  HD2  sing N N 34  
ARG CD  HD3  sing N N 35  
ARG NE  CZ   sing N N 36  
ARG NE  HE   sing N N 37  
ARG CZ  NH1  sing N N 38  
ARG CZ  NH2  doub N N 39  
ARG NH1 HH11 sing N N 40  
ARG NH1 HH12 sing N N 41  
ARG NH2 HH21 sing N N 42  
ARG NH2 HH22 sing N N 43  
ARG OXT HXT  sing N N 44  
ASN N   CA   sing N N 45  
ASN N   H    sing N N 46  
ASN N   H2   sing N N 47  
ASN CA  C    sing N N 48  
ASN CA  CB   sing N N 49  
ASN CA  HA   sing N N 50  
ASN C   O    doub N N 51  
ASN C   OXT  sing N N 52  
ASN CB  CG   sing N N 53  
ASN CB  HB2  sing N N 54  
ASN CB  HB3  sing N N 55  
ASN CG  OD1  doub N N 56  
ASN CG  ND2  sing N N 57  
ASN ND2 HD21 sing N N 58  
ASN ND2 HD22 sing N N 59  
ASN OXT HXT  sing N N 60  
ASP N   CA   sing N N 61  
ASP N   H    sing N N 62  
ASP N   H2   sing N N 63  
ASP CA  C    sing N N 64  
ASP CA  CB   sing N N 65  
ASP CA  HA   sing N N 66  
ASP C   O    doub N N 67  
ASP C   OXT  sing N N 68  
ASP CB  CG   sing N N 69  
ASP CB  HB2  sing N N 70  
ASP CB  HB3  sing N N 71  
ASP CG  OD1  doub N N 72  
ASP CG  OD2  sing N N 73  
ASP OD2 HD2  sing N N 74  
ASP OXT HXT  sing N N 75  
CYS N   CA   sing N N 76  
CYS N   H    sing N N 77  
CYS N   H2   sing N N 78  
CYS CA  C    sing N N 79  
CYS CA  CB   sing N N 80  
CYS CA  HA   sing N N 81  
CYS C   O    doub N N 82  
CYS C   OXT  sing N N 83  
CYS CB  SG   sing N N 84  
CYS CB  HB2  sing N N 85  
CYS CB  HB3  sing N N 86  
CYS SG  HG   sing N N 87  
CYS OXT HXT  sing N N 88  
GLN N   CA   sing N N 89  
GLN N   H    sing N N 90  
GLN N   H2   sing N N 91  
GLN CA  C    sing N N 92  
GLN CA  CB   sing N N 93  
GLN CA  HA   sing N N 94  
GLN C   O    doub N N 95  
GLN C   OXT  sing N N 96  
GLN CB  CG   sing N N 97  
GLN CB  HB2  sing N N 98  
GLN CB  HB3  sing N N 99  
GLN CG  CD   sing N N 100 
GLN CG  HG2  sing N N 101 
GLN CG  HG3  sing N N 102 
GLN CD  OE1  doub N N 103 
GLN CD  NE2  sing N N 104 
GLN NE2 HE21 sing N N 105 
GLN NE2 HE22 sing N N 106 
GLN OXT HXT  sing N N 107 
GLU N   CA   sing N N 108 
GLU N   H    sing N N 109 
GLU N   H2   sing N N 110 
GLU CA  C    sing N N 111 
GLU CA  CB   sing N N 112 
GLU CA  HA   sing N N 113 
GLU C   O    doub N N 114 
GLU C   OXT  sing N N 115 
GLU CB  CG   sing N N 116 
GLU CB  HB2  sing N N 117 
GLU CB  HB3  sing N N 118 
GLU CG  CD   sing N N 119 
GLU CG  HG2  sing N N 120 
GLU CG  HG3  sing N N 121 
GLU CD  OE1  doub N N 122 
GLU CD  OE2  sing N N 123 
GLU OE2 HE2  sing N N 124 
GLU OXT HXT  sing N N 125 
GLY N   CA   sing N N 126 
GLY N   H    sing N N 127 
GLY N   H2   sing N N 128 
GLY CA  C    sing N N 129 
GLY CA  HA2  sing N N 130 
GLY CA  HA3  sing N N 131 
GLY C   O    doub N N 132 
GLY C   OXT  sing N N 133 
GLY OXT HXT  sing N N 134 
GOL C1  O1   sing N N 135 
GOL C1  C2   sing N N 136 
GOL C1  H11  sing N N 137 
GOL C1  H12  sing N N 138 
GOL O1  HO1  sing N N 139 
GOL C2  O2   sing N N 140 
GOL C2  C3   sing N N 141 
GOL C2  H2   sing N N 142 
GOL O2  HO2  sing N N 143 
GOL C3  O3   sing N N 144 
GOL C3  H31  sing N N 145 
GOL C3  H32  sing N N 146 
GOL O3  HO3  sing N N 147 
HIS N   CA   sing N N 148 
HIS N   H    sing N N 149 
HIS N   H2   sing N N 150 
HIS CA  C    sing N N 151 
HIS CA  CB   sing N N 152 
HIS CA  HA   sing N N 153 
HIS C   O    doub N N 154 
HIS C   OXT  sing N N 155 
HIS CB  CG   sing N N 156 
HIS CB  HB2  sing N N 157 
HIS CB  HB3  sing N N 158 
HIS CG  ND1  sing Y N 159 
HIS CG  CD2  doub Y N 160 
HIS ND1 CE1  doub Y N 161 
HIS ND1 HD1  sing N N 162 
HIS CD2 NE2  sing Y N 163 
HIS CD2 HD2  sing N N 164 
HIS CE1 NE2  sing Y N 165 
HIS CE1 HE1  sing N N 166 
HIS NE2 HE2  sing N N 167 
HIS OXT HXT  sing N N 168 
HOH O   H1   sing N N 169 
HOH O   H2   sing N N 170 
ILE N   CA   sing N N 171 
ILE N   H    sing N N 172 
ILE N   H2   sing N N 173 
ILE CA  C    sing N N 174 
ILE CA  CB   sing N N 175 
ILE CA  HA   sing N N 176 
ILE C   O    doub N N 177 
ILE C   OXT  sing N N 178 
ILE CB  CG1  sing N N 179 
ILE CB  CG2  sing N N 180 
ILE CB  HB   sing N N 181 
ILE CG1 CD1  sing N N 182 
ILE CG1 HG12 sing N N 183 
ILE CG1 HG13 sing N N 184 
ILE CG2 HG21 sing N N 185 
ILE CG2 HG22 sing N N 186 
ILE CG2 HG23 sing N N 187 
ILE CD1 HD11 sing N N 188 
ILE CD1 HD12 sing N N 189 
ILE CD1 HD13 sing N N 190 
ILE OXT HXT  sing N N 191 
LEU N   CA   sing N N 192 
LEU N   H    sing N N 193 
LEU N   H2   sing N N 194 
LEU CA  C    sing N N 195 
LEU CA  CB   sing N N 196 
LEU CA  HA   sing N N 197 
LEU C   O    doub N N 198 
LEU C   OXT  sing N N 199 
LEU CB  CG   sing N N 200 
LEU CB  HB2  sing N N 201 
LEU CB  HB3  sing N N 202 
LEU CG  CD1  sing N N 203 
LEU CG  CD2  sing N N 204 
LEU CG  HG   sing N N 205 
LEU CD1 HD11 sing N N 206 
LEU CD1 HD12 sing N N 207 
LEU CD1 HD13 sing N N 208 
LEU CD2 HD21 sing N N 209 
LEU CD2 HD22 sing N N 210 
LEU CD2 HD23 sing N N 211 
LEU OXT HXT  sing N N 212 
LYS N   CA   sing N N 213 
LYS N   H    sing N N 214 
LYS N   H2   sing N N 215 
LYS CA  C    sing N N 216 
LYS CA  CB   sing N N 217 
LYS CA  HA   sing N N 218 
LYS C   O    doub N N 219 
LYS C   OXT  sing N N 220 
LYS CB  CG   sing N N 221 
LYS CB  HB2  sing N N 222 
LYS CB  HB3  sing N N 223 
LYS CG  CD   sing N N 224 
LYS CG  HG2  sing N N 225 
LYS CG  HG3  sing N N 226 
LYS CD  CE   sing N N 227 
LYS CD  HD2  sing N N 228 
LYS CD  HD3  sing N N 229 
LYS CE  NZ   sing N N 230 
LYS CE  HE2  sing N N 231 
LYS CE  HE3  sing N N 232 
LYS NZ  HZ1  sing N N 233 
LYS NZ  HZ2  sing N N 234 
LYS NZ  HZ3  sing N N 235 
LYS OXT HXT  sing N N 236 
MET N   CA   sing N N 237 
MET N   H    sing N N 238 
MET N   H2   sing N N 239 
MET CA  C    sing N N 240 
MET CA  CB   sing N N 241 
MET CA  HA   sing N N 242 
MET C   O    doub N N 243 
MET C   OXT  sing N N 244 
MET CB  CG   sing N N 245 
MET CB  HB2  sing N N 246 
MET CB  HB3  sing N N 247 
MET CG  SD   sing N N 248 
MET CG  HG2  sing N N 249 
MET CG  HG3  sing N N 250 
MET SD  CE   sing N N 251 
MET CE  HE1  sing N N 252 
MET CE  HE2  sing N N 253 
MET CE  HE3  sing N N 254 
MET OXT HXT  sing N N 255 
PHE N   CA   sing N N 256 
PHE N   H    sing N N 257 
PHE N   H2   sing N N 258 
PHE CA  C    sing N N 259 
PHE CA  CB   sing N N 260 
PHE CA  HA   sing N N 261 
PHE C   O    doub N N 262 
PHE C   OXT  sing N N 263 
PHE CB  CG   sing N N 264 
PHE CB  HB2  sing N N 265 
PHE CB  HB3  sing N N 266 
PHE CG  CD1  doub Y N 267 
PHE CG  CD2  sing Y N 268 
PHE CD1 CE1  sing Y N 269 
PHE CD1 HD1  sing N N 270 
PHE CD2 CE2  doub Y N 271 
PHE CD2 HD2  sing N N 272 
PHE CE1 CZ   doub Y N 273 
PHE CE1 HE1  sing N N 274 
PHE CE2 CZ   sing Y N 275 
PHE CE2 HE2  sing N N 276 
PHE CZ  HZ   sing N N 277 
PHE OXT HXT  sing N N 278 
PRO N   CA   sing N N 279 
PRO N   CD   sing N N 280 
PRO N   H    sing N N 281 
PRO CA  C    sing N N 282 
PRO CA  CB   sing N N 283 
PRO CA  HA   sing N N 284 
PRO C   O    doub N N 285 
PRO C   OXT  sing N N 286 
PRO CB  CG   sing N N 287 
PRO CB  HB2  sing N N 288 
PRO CB  HB3  sing N N 289 
PRO CG  CD   sing N N 290 
PRO CG  HG2  sing N N 291 
PRO CG  HG3  sing N N 292 
PRO CD  HD2  sing N N 293 
PRO CD  HD3  sing N N 294 
PRO OXT HXT  sing N N 295 
SER N   CA   sing N N 296 
SER N   H    sing N N 297 
SER N   H2   sing N N 298 
SER CA  C    sing N N 299 
SER CA  CB   sing N N 300 
SER CA  HA   sing N N 301 
SER C   O    doub N N 302 
SER C   OXT  sing N N 303 
SER CB  OG   sing N N 304 
SER CB  HB2  sing N N 305 
SER CB  HB3  sing N N 306 
SER OG  HG   sing N N 307 
SER OXT HXT  sing N N 308 
THR N   CA   sing N N 309 
THR N   H    sing N N 310 
THR N   H2   sing N N 311 
THR CA  C    sing N N 312 
THR CA  CB   sing N N 313 
THR CA  HA   sing N N 314 
THR C   O    doub N N 315 
THR C   OXT  sing N N 316 
THR CB  OG1  sing N N 317 
THR CB  CG2  sing N N 318 
THR CB  HB   sing N N 319 
THR OG1 HG1  sing N N 320 
THR CG2 HG21 sing N N 321 
THR CG2 HG22 sing N N 322 
THR CG2 HG23 sing N N 323 
THR OXT HXT  sing N N 324 
TRP N   CA   sing N N 325 
TRP N   H    sing N N 326 
TRP N   H2   sing N N 327 
TRP CA  C    sing N N 328 
TRP CA  CB   sing N N 329 
TRP CA  HA   sing N N 330 
TRP C   O    doub N N 331 
TRP C   OXT  sing N N 332 
TRP CB  CG   sing N N 333 
TRP CB  HB2  sing N N 334 
TRP CB  HB3  sing N N 335 
TRP CG  CD1  doub Y N 336 
TRP CG  CD2  sing Y N 337 
TRP CD1 NE1  sing Y N 338 
TRP CD1 HD1  sing N N 339 
TRP CD2 CE2  doub Y N 340 
TRP CD2 CE3  sing Y N 341 
TRP NE1 CE2  sing Y N 342 
TRP NE1 HE1  sing N N 343 
TRP CE2 CZ2  sing Y N 344 
TRP CE3 CZ3  doub Y N 345 
TRP CE3 HE3  sing N N 346 
TRP CZ2 CH2  doub Y N 347 
TRP CZ2 HZ2  sing N N 348 
TRP CZ3 CH2  sing Y N 349 
TRP CZ3 HZ3  sing N N 350 
TRP CH2 HH2  sing N N 351 
TRP OXT HXT  sing N N 352 
TYR N   CA   sing N N 353 
TYR N   H    sing N N 354 
TYR N   H2   sing N N 355 
TYR CA  C    sing N N 356 
TYR CA  CB   sing N N 357 
TYR CA  HA   sing N N 358 
TYR C   O    doub N N 359 
TYR C   OXT  sing N N 360 
TYR CB  CG   sing N N 361 
TYR CB  HB2  sing N N 362 
TYR CB  HB3  sing N N 363 
TYR CG  CD1  doub Y N 364 
TYR CG  CD2  sing Y N 365 
TYR CD1 CE1  sing Y N 366 
TYR CD1 HD1  sing N N 367 
TYR CD2 CE2  doub Y N 368 
TYR CD2 HD2  sing N N 369 
TYR CE1 CZ   doub Y N 370 
TYR CE1 HE1  sing N N 371 
TYR CE2 CZ   sing Y N 372 
TYR CE2 HE2  sing N N 373 
TYR CZ  OH   sing N N 374 
TYR OH  HH   sing N N 375 
TYR OXT HXT  sing N N 376 
VAL N   CA   sing N N 377 
VAL N   H    sing N N 378 
VAL N   H2   sing N N 379 
VAL CA  C    sing N N 380 
VAL CA  CB   sing N N 381 
VAL CA  HA   sing N N 382 
VAL C   O    doub N N 383 
VAL C   OXT  sing N N 384 
VAL CB  CG1  sing N N 385 
VAL CB  CG2  sing N N 386 
VAL CB  HB   sing N N 387 
VAL CG1 HG11 sing N N 388 
VAL CG1 HG12 sing N N 389 
VAL CG1 HG13 sing N N 390 
VAL CG2 HG21 sing N N 391 
VAL CG2 HG22 sing N N 392 
VAL CG2 HG23 sing N N 393 
VAL OXT HXT  sing N N 394 
# 
loop_
_pdbx_audit_support.funding_organization 
_pdbx_audit_support.country 
_pdbx_audit_support.grant_number 
_pdbx_audit_support.ordinal 
'National Institutes of Health/National Institute of General Medical Sciences (NIH/NIGMS)' 'United States' F32-GM115098 1 
'National Institutes of Health/National Cancer Institute (NIH/NCI)'                        'United States' P01-CA114046 2 
# 
_pdbx_initial_refinement_model.id               1 
_pdbx_initial_refinement_model.entity_id_list   ? 
_pdbx_initial_refinement_model.type             'experimental model' 
_pdbx_initial_refinement_model.source_name      PDB 
_pdbx_initial_refinement_model.accession_code   2EHB 
_pdbx_initial_refinement_model.details          ? 
# 
_atom_sites.entry_id                    5WI2 
_atom_sites.fract_transf_matrix[1][1]   -0.01438852 
_atom_sites.fract_transf_matrix[1][2]   -0.00263417 
_atom_sites.fract_transf_matrix[1][3]   -0.00346267 
_atom_sites.fract_transf_matrix[2][1]   -0.00593269 
_atom_sites.fract_transf_matrix[2][2]   -0.01360606 
_atom_sites.fract_transf_matrix[2][3]   0.00237472 
_atom_sites.fract_transf_matrix[3][1]   -0.00856876 
_atom_sites.fract_transf_matrix[3][2]   0.00878437 
_atom_sites.fract_transf_matrix[3][3]   0.02892343 
_atom_sites.fract_transf_vector[1]      -0.837739 
_atom_sites.fract_transf_vector[2]      -2.160569 
_atom_sites.fract_transf_vector[3]      -0.386515 
# 
loop_
_atom_type.symbol 
C 
N 
O 
S 
# 
loop_
_atom_site.group_PDB 
_atom_site.id 
_atom_site.type_symbol 
_atom_site.label_atom_id 
_atom_site.label_alt_id 
_atom_site.label_comp_id 
_atom_site.label_asym_id 
_atom_site.label_entity_id 
_atom_site.label_seq_id 
_atom_site.pdbx_PDB_ins_code 
_atom_site.Cartn_x 
_atom_site.Cartn_y 
_atom_site.Cartn_z 
_atom_site.occupancy 
_atom_site.B_iso_or_equiv 
_atom_site.pdbx_formal_charge 
_atom_site.auth_seq_id 
_atom_site.auth_comp_id 
_atom_site.auth_asym_id 
_atom_site.auth_atom_id 
_atom_site.pdbx_PDB_model_num 
ATOM   1    N N   . MET A 1 3  ? 14.755  -2.480  -1.063  1.00 67.00  ? 377 MET A N   1 
ATOM   2    C CA  . MET A 1 3  ? 15.286  -2.018  0.216   1.00 71.82  ? 377 MET A CA  1 
ATOM   3    C C   . MET A 1 3  ? 14.954  -0.557  0.484   1.00 71.26  ? 377 MET A C   1 
ATOM   4    O O   . MET A 1 3  ? 15.516  0.056   1.391   1.00 67.64  ? 377 MET A O   1 
ATOM   5    C CB  . MET A 1 3  ? 16.801  -2.214  0.272   1.00 80.17  ? 377 MET A CB  1 
ATOM   6    C CG  . MET A 1 3  ? 17.239  -3.500  0.946   1.00 91.10  ? 377 MET A CG  1 
ATOM   7    S SD  . MET A 1 3  ? 19.021  -3.532  1.210   1.00 108.32 ? 377 MET A SD  1 
ATOM   8    C CE  . MET A 1 3  ? 19.096  -4.076  2.914   1.00 83.30  ? 377 MET A CE  1 
ATOM   9    N N   . THR A 1 4  ? 14.036  -0.003  -0.305  1.00 68.71  ? 378 THR A N   1 
ATOM   10   C CA  . THR A 1 4  ? 13.632  1.395   -0.197  1.00 62.19  ? 378 THR A CA  1 
ATOM   11   C C   . THR A 1 4  ? 12.338  1.568   0.595   1.00 61.00  ? 378 THR A C   1 
ATOM   12   O O   . THR A 1 4  ? 11.556  2.475   0.307   1.00 57.16  ? 378 THR A O   1 
ATOM   13   C CB  . THR A 1 4  ? 13.506  2.034   -1.581  1.00 55.96  ? 378 THR A CB  1 
ATOM   14   O OG1 . THR A 1 4  ? 12.612  1.269   -2.397  1.00 55.58  ? 378 THR A OG1 1 
ATOM   15   C CG2 . THR A 1 4  ? 14.871  2.118   -2.248  1.00 50.28  ? 378 THR A CG2 1 
ATOM   16   N N   . ARG A 1 5  ? 12.056  0.671   1.537   1.00 51.18  ? 379 ARG A N   1 
ATOM   17   C CA  . ARG A 1 5  ? 10.895  0.800   2.409   1.00 50.59  ? 379 ARG A CA  1 
ATOM   18   C C   . ARG A 1 5  ? 11.315  0.613   3.863   1.00 48.72  ? 379 ARG A C   1 
ATOM   19   O O   . ARG A 1 5  ? 12.371  0.045   4.155   1.00 52.10  ? 379 ARG A O   1 
ATOM   20   C CB  . ARG A 1 5  ? 9.810   -0.199  1.993   1.00 56.63  ? 379 ARG A CB  1 
ATOM   21   C CG  . ARG A 1 5  ? 10.225  -1.649  2.152   1.00 57.59  ? 379 ARG A CG  1 
ATOM   22   C CD  . ARG A 1 5  ? 9.060   -2.590  1.936   1.00 56.20  ? 379 ARG A CD  1 
ATOM   23   N NE  . ARG A 1 5  ? 8.886   -2.860  0.509   1.00 62.37  ? 379 ARG A NE  1 
ATOM   24   C CZ  . ARG A 1 5  ? 9.476   -3.851  -0.152  1.00 76.15  ? 379 ARG A CZ  1 
ATOM   25   N NH1 . ARG A 1 5  ? 10.295  -4.680  0.477   1.00 75.80  ? 379 ARG A NH1 1 
ATOM   26   N NH2 . ARG A 1 5  ? 9.251   -4.007  -1.451  1.00 76.23  ? 379 ARG A NH2 1 
ATOM   27   N N   . PHE A 1 6  ? 10.477  1.108   4.779   1.00 44.84  ? 380 PHE A N   1 
ATOM   28   C CA  . PHE A 1 6  ? 10.701  0.914   6.210   1.00 43.72  ? 380 PHE A CA  1 
ATOM   29   C C   . PHE A 1 6  ? 9.405   1.186   6.963   1.00 49.04  ? 380 PHE A C   1 
ATOM   30   O O   . PHE A 1 6  ? 8.503   1.860   6.461   1.00 53.40  ? 380 PHE A O   1 
ATOM   31   C CB  . PHE A 1 6  ? 11.838  1.800   6.748   1.00 47.78  ? 380 PHE A CB  1 
ATOM   32   C CG  . PHE A 1 6  ? 11.638  3.281   6.528   1.00 51.20  ? 380 PHE A CG  1 
ATOM   33   C CD1 . PHE A 1 6  ? 10.936  4.047   7.448   1.00 55.82  ? 380 PHE A CD1 1 
ATOM   34   C CD2 . PHE A 1 6  ? 12.168  3.907   5.413   1.00 45.29  ? 380 PHE A CD2 1 
ATOM   35   C CE1 . PHE A 1 6  ? 10.766  5.410   7.257   1.00 48.58  ? 380 PHE A CE1 1 
ATOM   36   C CE2 . PHE A 1 6  ? 11.995  5.268   5.212   1.00 47.76  ? 380 PHE A CE2 1 
ATOM   37   C CZ  . PHE A 1 6  ? 11.293  6.019   6.134   1.00 51.48  ? 380 PHE A CZ  1 
ATOM   38   N N   . PHE A 1 7  ? 9.330   0.654   8.182   1.00 48.05  ? 381 PHE A N   1 
ATOM   39   C CA  . PHE A 1 7  ? 8.207   0.910   9.076   1.00 54.15  ? 381 PHE A CA  1 
ATOM   40   C C   . PHE A 1 7  ? 8.494   2.107   9.974   1.00 50.82  ? 381 PHE A C   1 
ATOM   41   O O   . PHE A 1 7  ? 9.642   2.376   10.338  1.00 51.18  ? 381 PHE A O   1 
ATOM   42   C CB  . PHE A 1 7  ? 7.894   -0.310  9.947   1.00 57.00  ? 381 PHE A CB  1 
ATOM   43   C CG  . PHE A 1 7  ? 7.298   -1.464  9.194   1.00 57.52  ? 381 PHE A CG  1 
ATOM   44   C CD1 . PHE A 1 7  ? 5.935   -1.515  8.948   1.00 59.76  ? 381 PHE A CD1 1 
ATOM   45   C CD2 . PHE A 1 7  ? 8.093   -2.507  8.750   1.00 55.03  ? 381 PHE A CD2 1 
ATOM   46   C CE1 . PHE A 1 7  ? 5.378   -2.577  8.260   1.00 53.96  ? 381 PHE A CE1 1 
ATOM   47   C CE2 . PHE A 1 7  ? 7.542   -3.573  8.062   1.00 62.56  ? 381 PHE A CE2 1 
ATOM   48   C CZ  . PHE A 1 7  ? 6.182   -3.608  7.816   1.00 55.30  ? 381 PHE A CZ  1 
ATOM   49   N N   . THR A 1 8  ? 7.431   2.820   10.335  1.00 49.28  ? 382 THR A N   1 
ATOM   50   C CA  . THR A 1 8  ? 7.526   3.972   11.217  1.00 56.52  ? 382 THR A CA  1 
ATOM   51   C C   . THR A 1 8  ? 6.947   3.650   12.588  1.00 56.30  ? 382 THR A C   1 
ATOM   52   O O   . THR A 1 8  ? 6.223   2.668   12.774  1.00 59.36  ? 382 THR A O   1 
ATOM   53   C CB  . THR A 1 8  ? 6.805   5.189   10.627  1.00 56.27  ? 382 THR A CB  1 
ATOM   54   O OG1 . THR A 1 8  ? 5.397   5.084   10.875  1.00 56.32  ? 382 THR A OG1 1 
ATOM   55   C CG2 . THR A 1 8  ? 7.047   5.278   9.129   1.00 53.63  ? 382 THR A CG2 1 
ATOM   56   N N   . LYS A 1 9  ? 7.279   4.507   13.549  1.00 67.37  ? 383 LYS A N   1 
ATOM   57   C CA  . LYS A 1 9  ? 6.771   4.426   14.910  1.00 64.44  ? 383 LYS A CA  1 
ATOM   58   C C   . LYS A 1 9  ? 5.508   5.251   15.099  1.00 66.67  ? 383 LYS A C   1 
ATOM   59   O O   . LYS A 1 9  ? 5.019   5.369   16.227  1.00 76.17  ? 383 LYS A O   1 
ATOM   60   C CB  . LYS A 1 9  ? 7.843   4.916   15.886  1.00 67.34  ? 383 LYS A CB  1 
ATOM   61   C CG  . LYS A 1 9  ? 9.223   4.322   15.665  1.00 73.72  ? 383 LYS A CG  1 
ATOM   62   C CD  . LYS A 1 9  ? 10.201  4.826   16.714  1.00 70.94  ? 383 LYS A CD  1 
ATOM   63   C CE  . LYS A 1 9  ? 11.498  4.041   16.690  1.00 76.36  ? 383 LYS A CE  1 
ATOM   64   N NZ  . LYS A 1 9  ? 12.435  4.472   17.762  1.00 78.71  ? 383 LYS A NZ  1 
ATOM   65   N N   . LEU A 1 10 ? 4.972   5.816   14.024  1.00 61.76  ? 384 LEU A N   1 
ATOM   66   C CA  . LEU A 1 10 ? 3.888   6.784   14.066  1.00 67.06  ? 384 LEU A CA  1 
ATOM   67   C C   . LEU A 1 10 ? 2.675   6.224   13.329  1.00 64.94  ? 384 LEU A C   1 
ATOM   68   O O   . LEU A 1 10 ? 2.723   5.143   12.737  1.00 66.42  ? 384 LEU A O   1 
ATOM   69   C CB  . LEU A 1 10 ? 4.343   8.110   13.451  1.00 57.92  ? 384 LEU A CB  1 
ATOM   70   C CG  . LEU A 1 10 ? 5.378   8.902   14.256  1.00 62.17  ? 384 LEU A CG  1 
ATOM   71   C CD1 . LEU A 1 10 ? 5.917   10.072  13.445  1.00 62.71  ? 384 LEU A CD1 1 
ATOM   72   C CD2 . LEU A 1 10 ? 4.803   9.379   15.580  1.00 68.75  ? 384 LEU A CD2 1 
ATOM   73   N N   . ASP A 1 11 ? 1.577   6.977   13.365  1.00 62.93  ? 385 ASP A N   1 
ATOM   74   C CA  . ASP A 1 11 ? 0.368   6.584   12.657  1.00 67.50  ? 385 ASP A CA  1 
ATOM   75   C C   . ASP A 1 11 ? 0.421   7.133   11.230  1.00 65.15  ? 385 ASP A C   1 
ATOM   76   O O   . ASP A 1 11 ? 1.422   7.713   10.802  1.00 71.04  ? 385 ASP A O   1 
ATOM   77   C CB  . ASP A 1 11 ? -0.873  7.039   13.431  1.00 71.23  ? 385 ASP A CB  1 
ATOM   78   C CG  . ASP A 1 11 ? -0.968  8.553   13.577  1.00 74.83  ? 385 ASP A CG  1 
ATOM   79   O OD1 . ASP A 1 11 ? -0.853  9.279   12.567  1.00 69.36  ? 385 ASP A OD1 1 
ATOM   80   O OD2 . ASP A 1 11 ? -1.171  9.020   14.718  1.00 83.51  ? 385 ASP A OD2 1 
ATOM   81   N N   . ALA A 1 12 ? -0.669  6.960   10.479  1.00 63.15  ? 386 ALA A N   1 
ATOM   82   C CA  . ALA A 1 12 ? -0.638  7.244   9.047   1.00 67.92  ? 386 ALA A CA  1 
ATOM   83   C C   . ALA A 1 12 ? -0.452  8.732   8.772   1.00 64.31  ? 386 ALA A C   1 
ATOM   84   O O   . ALA A 1 12 ? 0.310   9.110   7.875   1.00 68.26  ? 386 ALA A O   1 
ATOM   85   C CB  . ALA A 1 12 ? -1.916  6.732   8.383   1.00 72.53  ? 386 ALA A CB  1 
ATOM   86   N N   . ASP A 1 13 ? -1.134  9.590   9.534   1.00 67.51  ? 387 ASP A N   1 
ATOM   87   C CA  . ASP A 1 13 ? -1.092  11.025  9.278   1.00 72.04  ? 387 ASP A CA  1 
ATOM   88   C C   . ASP A 1 13 ? 0.119   11.708  9.901   1.00 69.56  ? 387 ASP A C   1 
ATOM   89   O O   . ASP A 1 13 ? 0.526   12.770  9.419   1.00 71.90  ? 387 ASP A O   1 
ATOM   90   C CB  . ASP A 1 13 ? -2.381  11.681  9.777   1.00 77.34  ? 387 ASP A CB  1 
ATOM   91   C CG  . ASP A 1 13 ? -3.589  11.282  8.954   1.00 89.50  ? 387 ASP A CG  1 
ATOM   92   O OD1 . ASP A 1 13 ? -4.705  11.211  9.508   1.00 97.16  ? 387 ASP A OD1 1 
ATOM   93   O OD2 . ASP A 1 13 ? -3.393  10.902  7.782   1.00 86.00  ? 387 ASP A OD2 1 
ATOM   94   N N   . LYS A 1 14 ? 0.701   11.134  10.957  1.00 66.03  ? 388 LYS A N   1 
ATOM   95   C CA  . LYS A 1 14 ? 1.959   11.662  11.474  1.00 64.94  ? 388 LYS A CA  1 
ATOM   96   C C   . LYS A 1 14 ? 3.150   11.140  10.685  1.00 66.14  ? 388 LYS A C   1 
ATOM   97   O O   . LYS A 1 14 ? 4.177   11.823  10.596  1.00 62.25  ? 388 LYS A O   1 
ATOM   98   C CB  . LYS A 1 14 ? 2.111   11.330  12.958  1.00 59.97  ? 388 LYS A CB  1 
ATOM   99   C CG  . LYS A 1 14 ? 1.012   11.917  13.826  1.00 65.97  ? 388 LYS A CG  1 
ATOM   100  C CD  . LYS A 1 14 ? 1.108   11.421  15.257  1.00 74.94  ? 388 LYS A CD  1 
ATOM   101  C CE  . LYS A 1 14 ? -0.013  11.991  16.107  1.00 74.22  ? 388 LYS A CE  1 
ATOM   102  N NZ  . LYS A 1 14 ? -1.340  11.881  15.442  1.00 77.47  ? 388 LYS A NZ  1 
ATOM   103  N N   . SER A 1 15 ? 3.035   9.941   10.112  1.00 67.73  ? 389 SER A N   1 
ATOM   104  C CA  . SER A 1 15 ? 4.048   9.479   9.171   1.00 61.77  ? 389 SER A CA  1 
ATOM   105  C C   . SER A 1 15 ? 3.977   10.273  7.875   1.00 58.57  ? 389 SER A C   1 
ATOM   106  O O   . SER A 1 15 ? 5.013   10.636  7.305   1.00 58.43  ? 389 SER A O   1 
ATOM   107  C CB  . SER A 1 15 ? 3.877   7.985   8.901   1.00 58.82  ? 389 SER A CB  1 
ATOM   108  O OG  . SER A 1 15 ? 4.273   7.226   10.027  1.00 65.48  ? 389 SER A OG  1 
ATOM   109  N N   . TYR A 1 16 ? 2.761   10.554  7.400   1.00 57.34  ? 390 TYR A N   1 
ATOM   110  C CA  . TYR A 1 16 ? 2.591   11.396  6.220   1.00 63.95  ? 390 TYR A CA  1 
ATOM   111  C C   . TYR A 1 16 ? 3.134   12.800  6.462   1.00 63.68  ? 390 TYR A C   1 
ATOM   112  O O   . TYR A 1 16 ? 3.750   13.398  5.571   1.00 63.06  ? 390 TYR A O   1 
ATOM   113  C CB  . TYR A 1 16 ? 1.111   11.444  5.834   1.00 65.65  ? 390 TYR A CB  1 
ATOM   114  C CG  . TYR A 1 16 ? 0.785   12.349  4.666   1.00 64.14  ? 390 TYR A CG  1 
ATOM   115  C CD1 . TYR A 1 16 ? 0.761   11.853  3.370   1.00 66.04  ? 390 TYR A CD1 1 
ATOM   116  C CD2 . TYR A 1 16 ? 0.485   13.692  4.859   1.00 66.61  ? 390 TYR A CD2 1 
ATOM   117  C CE1 . TYR A 1 16 ? 0.460   12.671  2.301   1.00 66.05  ? 390 TYR A CE1 1 
ATOM   118  C CE2 . TYR A 1 16 ? 0.187   14.517  3.793   1.00 62.40  ? 390 TYR A CE2 1 
ATOM   119  C CZ  . TYR A 1 16 ? 0.174   14.001  2.515   1.00 69.45  ? 390 TYR A CZ  1 
ATOM   120  O OH  . TYR A 1 16 ? -0.125  14.820  1.450   1.00 82.58  ? 390 TYR A OH  1 
ATOM   121  N N   . GLN A 1 17 ? 2.913   13.344  7.661   1.00 64.05  ? 391 GLN A N   1 
ATOM   122  C CA  . GLN A 1 17 ? 3.346   14.708  7.950   1.00 61.51  ? 391 GLN A CA  1 
ATOM   123  C C   . GLN A 1 17 ? 4.857   14.792  8.110   1.00 61.24  ? 391 GLN A C   1 
ATOM   124  O O   . GLN A 1 17 ? 5.502   15.684  7.545   1.00 57.77  ? 391 GLN A O   1 
ATOM   125  C CB  . GLN A 1 17 ? 2.637   15.232  9.199   1.00 71.00  ? 391 GLN A CB  1 
ATOM   126  C CG  . GLN A 1 17 ? 2.841   16.721  9.454   1.00 64.69  ? 391 GLN A CG  1 
ATOM   127  C CD  . GLN A 1 17 ? 2.548   17.585  8.239   1.00 79.49  ? 391 GLN A CD  1 
ATOM   128  O OE1 . GLN A 1 17 ? 3.291   18.520  7.938   1.00 78.66  ? 391 GLN A OE1 1 
ATOM   129  N NE2 . GLN A 1 17 ? 1.457   17.285  7.541   1.00 67.95  ? 391 GLN A NE2 1 
ATOM   130  N N   . CYS A 1 18 ? 5.446   13.880  8.891   1.00 59.10  ? 392 CYS A N   1 
ATOM   131  C CA  A CYS A 1 18 ? 6.892   13.898  9.082   0.52 54.78  ? 392 CYS A CA  1 
ATOM   132  C CA  B CYS A 1 18 ? 6.891   13.901  9.082   0.48 56.20  ? 392 CYS A CA  1 
ATOM   133  C C   . CYS A 1 18 ? 7.627   13.702  7.766   1.00 61.32  ? 392 CYS A C   1 
ATOM   134  O O   . CYS A 1 18 ? 8.649   14.346  7.508   1.00 56.75  ? 392 CYS A O   1 
ATOM   135  C CB  A CYS A 1 18 ? 7.303   12.825  10.092  0.52 55.21  ? 392 CYS A CB  1 
ATOM   136  C CB  B CYS A 1 18 ? 7.304   12.834  10.095  0.48 53.79  ? 392 CYS A CB  1 
ATOM   137  S SG  A CYS A 1 18 ? 6.830   13.180  11.801  0.52 65.75  ? 392 CYS A SG  1 
ATOM   138  S SG  B CYS A 1 18 ? 9.082   12.763  10.409  0.48 59.12  ? 392 CYS A SG  1 
ATOM   139  N N   . LEU A 1 19 ? 7.115   12.809  6.910   1.00 55.40  ? 393 LEU A N   1 
ATOM   140  C CA  . LEU A 1 19 ? 7.736   12.577  5.611   1.00 55.40  ? 393 LEU A CA  1 
ATOM   141  C C   . LEU A 1 19 ? 7.633   13.807  4.718   1.00 54.40  ? 393 LEU A C   1 
ATOM   142  O O   . LEU A 1 19 ? 8.576   14.131  3.986   1.00 50.36  ? 393 LEU A O   1 
ATOM   143  C CB  . LEU A 1 19 ? 7.090   11.371  4.935   1.00 49.55  ? 393 LEU A CB  1 
ATOM   144  C CG  . LEU A 1 19 ? 7.605   11.007  3.542   1.00 53.15  ? 393 LEU A CG  1 
ATOM   145  C CD1 . LEU A 1 19 ? 9.090   10.686  3.582   1.00 54.90  ? 393 LEU A CD1 1 
ATOM   146  C CD2 . LEU A 1 19 ? 6.816   9.848   2.972   1.00 53.51  ? 393 LEU A CD2 1 
ATOM   147  N N   . LYS A 1 20 ? 6.494   14.501  4.763   1.00 56.25  ? 394 LYS A N   1 
ATOM   148  C CA  . LYS A 1 20 ? 6.265   15.627  3.862   1.00 56.39  ? 394 LYS A CA  1 
ATOM   149  C C   . LYS A 1 20 ? 7.234   16.771  4.141   1.00 58.39  ? 394 LYS A C   1 
ATOM   150  O O   . LYS A 1 20 ? 7.861   17.304  3.218   1.00 52.56  ? 394 LYS A O   1 
ATOM   151  C CB  . LYS A 1 20 ? 4.819   16.104  4.003   1.00 56.25  ? 394 LYS A CB  1 
ATOM   152  C CG  . LYS A 1 20 ? 4.457   17.316  3.166   1.00 59.72  ? 394 LYS A CG  1 
ATOM   153  C CD  . LYS A 1 20 ? 3.124   17.897  3.617   1.00 68.88  ? 394 LYS A CD  1 
ATOM   154  C CE  . LYS A 1 20 ? 2.576   18.893  2.612   1.00 62.34  ? 394 LYS A CE  1 
ATOM   155  N NZ  . LYS A 1 20 ? 1.419   19.650  3.163   1.00 62.89  ? 394 LYS A NZ  1 
ATOM   156  N N   . GLU A 1 21 ? 7.378   17.156  5.408   1.00 56.14  ? 395 GLU A N   1 
ATOM   157  C CA  . GLU A 1 21 ? 8.292   18.242  5.744   1.00 56.05  ? 395 GLU A CA  1 
ATOM   158  C C   . GLU A 1 21 ? 9.744   17.846  5.503   1.00 55.52  ? 395 GLU A C   1 
ATOM   159  O O   . GLU A 1 21 ? 10.555  18.688  5.096   1.00 55.88  ? 395 GLU A O   1 
ATOM   160  C CB  . GLU A 1 21 ? 8.067   18.683  7.188   1.00 65.25  ? 395 GLU A CB  1 
ATOM   161  C CG  . GLU A 1 21 ? 6.596   18.729  7.567   1.00 76.42  ? 395 GLU A CG  1 
ATOM   162  C CD  . GLU A 1 21 ? 6.360   19.331  8.935   1.00 88.33  ? 395 GLU A CD  1 
ATOM   163  O OE1 . GLU A 1 21 ? 6.656   18.659  9.945   1.00 77.23  ? 395 GLU A OE1 1 
ATOM   164  O OE2 . GLU A 1 21 ? 5.866   20.476  8.997   1.00 98.35  ? 395 GLU A OE2 1 
ATOM   165  N N   . THR A 1 22 ? 10.089  16.584  5.761   1.00 52.82  ? 396 THR A N   1 
ATOM   166  C CA  . THR A 1 22 ? 11.451  16.123  5.510   1.00 49.47  ? 396 THR A CA  1 
ATOM   167  C C   . THR A 1 22 ? 11.816  16.276  4.038   1.00 46.80  ? 396 THR A C   1 
ATOM   168  O O   . THR A 1 22 ? 12.909  16.750  3.707   1.00 49.86  ? 396 THR A O   1 
ATOM   169  C CB  . THR A 1 22 ? 11.597  14.665  5.950   1.00 47.89  ? 396 THR A CB  1 
ATOM   170  O OG1 . THR A 1 22 ? 11.524  14.584  7.379   1.00 51.59  ? 396 THR A OG1 1 
ATOM   171  C CG2 . THR A 1 22 ? 12.919  14.085  5.473   1.00 44.06  ? 396 THR A CG2 1 
ATOM   172  N N   . CYS A 1 23 ? 10.906  15.891  3.141   1.00 47.74  ? 397 CYS A N   1 
ATOM   173  C CA  . CYS A 1 23 ? 11.171  16.041  1.715   1.00 51.81  ? 397 CYS A CA  1 
ATOM   174  C C   . CYS A 1 23 ? 11.118  17.506  1.294   1.00 51.70  ? 397 CYS A C   1 
ATOM   175  O O   . CYS A 1 23 ? 11.895  17.937  0.433   1.00 57.52  ? 397 CYS A O   1 
ATOM   176  C CB  . CYS A 1 23 ? 10.177  15.209  0.906   1.00 49.92  ? 397 CYS A CB  1 
ATOM   177  S SG  . CYS A 1 23 ? 10.340  13.425  1.155   1.00 53.48  ? 397 CYS A SG  1 
ATOM   178  N N   . GLU A 1 24 ? 10.209  18.285  1.887   1.00 53.90  ? 398 GLU A N   1 
ATOM   179  C CA  . GLU A 1 24 ? 10.133  19.703  1.550   1.00 60.99  ? 398 GLU A CA  1 
ATOM   180  C C   . GLU A 1 24 ? 11.348  20.468  2.059   1.00 60.44  ? 398 GLU A C   1 
ATOM   181  O O   . GLU A 1 24 ? 11.794  21.420  1.410   1.00 63.84  ? 398 GLU A O   1 
ATOM   182  C CB  . GLU A 1 24 ? 8.845   20.315  2.106   1.00 53.66  ? 398 GLU A CB  1 
ATOM   183  C CG  . GLU A 1 24 ? 7.584   19.881  1.374   1.00 65.41  ? 398 GLU A CG  1 
ATOM   184  C CD  . GLU A 1 24 ? 6.316   20.388  2.033   1.00 68.69  ? 398 GLU A CD  1 
ATOM   185  O OE1 . GLU A 1 24 ? 6.375   20.801  3.211   1.00 60.97  ? 398 GLU A OE1 1 
ATOM   186  O OE2 . GLU A 1 24 ? 5.256   20.377  1.371   1.00 74.84  ? 398 GLU A OE2 1 
ATOM   187  N N   . LYS A 1 25 ? 11.897  20.070  3.209   1.00 58.71  ? 399 LYS A N   1 
ATOM   188  C CA  . LYS A 1 25 ? 13.123  20.698  3.690   1.00 56.47  ? 399 LYS A CA  1 
ATOM   189  C C   . LYS A 1 25 ? 14.325  20.278  2.854   1.00 53.51  ? 399 LYS A C   1 
ATOM   190  O O   . LYS A 1 25 ? 15.277  21.052  2.705   1.00 54.92  ? 399 LYS A O   1 
ATOM   191  C CB  . LYS A 1 25 ? 13.349  20.357  5.163   1.00 52.04  ? 399 LYS A CB  1 
ATOM   192  C CG  . LYS A 1 25 ? 14.391  21.226  5.848   1.00 65.05  ? 399 LYS A CG  1 
ATOM   193  N N   . LEU A 1 26 ? 14.299  19.063  2.304   1.00 50.75  ? 400 LEU A N   1 
ATOM   194  C CA  . LEU A 1 26 ? 15.345  18.606  1.399   1.00 50.85  ? 400 LEU A CA  1 
ATOM   195  C C   . LEU A 1 26 ? 15.214  19.195  0.002   1.00 51.48  ? 400 LEU A C   1 
ATOM   196  O O   . LEU A 1 26 ? 16.108  18.986  -0.826  1.00 53.00  ? 400 LEU A O   1 
ATOM   197  C CB  . LEU A 1 26 ? 15.339  17.077  1.314   1.00 51.18  ? 400 LEU A CB  1 
ATOM   198  C CG  . LEU A 1 26 ? 15.961  16.320  2.489   1.00 56.56  ? 400 LEU A CG  1 
ATOM   199  C CD1 . LEU A 1 26 ? 15.712  14.823  2.359   1.00 45.25  ? 400 LEU A CD1 1 
ATOM   200  C CD2 . LEU A 1 26 ? 17.451  16.610  2.581   1.00 46.39  ? 400 LEU A CD2 1 
ATOM   201  N N   . GLY A 1 27 ? 14.135  19.922  -0.278  1.00 55.71  ? 401 GLY A N   1 
ATOM   202  C CA  . GLY A 1 27 ? 13.944  20.535  -1.576  1.00 59.56  ? 401 GLY A CA  1 
ATOM   203  C C   . GLY A 1 27 ? 13.261  19.677  -2.613  1.00 61.55  ? 401 GLY A C   1 
ATOM   204  O O   . GLY A 1 27 ? 13.354  19.984  -3.808  1.00 61.63  ? 401 GLY A O   1 
ATOM   205  N N   . TYR A 1 28 ? 12.578  18.611  -2.205  1.00 59.63  ? 402 TYR A N   1 
ATOM   206  C CA  . TYR A 1 28 ? 11.873  17.740  -3.136  1.00 54.32  ? 402 TYR A CA  1 
ATOM   207  C C   . TYR A 1 28 ? 10.428  18.196  -3.282  1.00 59.15  ? 402 TYR A C   1 
ATOM   208  O O   . TYR A 1 28 ? 9.785   18.577  -2.300  1.00 57.04  ? 402 TYR A O   1 
ATOM   209  C CB  . TYR A 1 28 ? 11.909  16.287  -2.658  1.00 58.47  ? 402 TYR A CB  1 
ATOM   210  C CG  . TYR A 1 28 ? 13.286  15.745  -2.328  1.00 62.55  ? 402 TYR A CG  1 
ATOM   211  C CD1 . TYR A 1 28 ? 14.435  16.298  -2.884  1.00 62.31  ? 402 TYR A CD1 1 
ATOM   212  C CD2 . TYR A 1 28 ? 13.434  14.677  -1.452  1.00 49.32  ? 402 TYR A CD2 1 
ATOM   213  C CE1 . TYR A 1 28 ? 15.689  15.801  -2.578  1.00 59.14  ? 402 TYR A CE1 1 
ATOM   214  C CE2 . TYR A 1 28 ? 14.683  14.174  -1.140  1.00 59.13  ? 402 TYR A CE2 1 
ATOM   215  C CZ  . TYR A 1 28 ? 15.806  14.739  -1.706  1.00 66.09  ? 402 TYR A CZ  1 
ATOM   216  O OH  . TYR A 1 28 ? 17.052  14.240  -1.398  1.00 61.22  ? 402 TYR A OH  1 
ATOM   217  N N   . GLN A 1 29 ? 9.916   18.143  -4.509  1.00 59.41  ? 403 GLN A N   1 
ATOM   218  C CA  . GLN A 1 29 ? 8.528   18.513  -4.755  1.00 56.60  ? 403 GLN A CA  1 
ATOM   219  C C   . GLN A 1 29 ? 7.588   17.447  -4.200  1.00 56.96  ? 403 GLN A C   1 
ATOM   220  O O   . GLN A 1 29 ? 7.833   16.247  -4.343  1.00 55.92  ? 403 GLN A O   1 
ATOM   221  C CB  . GLN A 1 29 ? 8.286   18.708  -6.251  1.00 64.07  ? 403 GLN A CB  1 
ATOM   222  C CG  . GLN A 1 29 ? 9.229   19.706  -6.904  1.00 62.90  ? 403 GLN A CG  1 
ATOM   223  C CD  . GLN A 1 29 ? 9.172   21.073  -6.251  1.00 64.47  ? 403 GLN A CD  1 
ATOM   224  O OE1 . GLN A 1 29 ? 8.092   21.608  -5.997  1.00 67.86  ? 403 GLN A OE1 1 
ATOM   225  N NE2 . GLN A 1 29 ? 10.338  21.645  -5.974  1.00 64.32  ? 403 GLN A NE2 1 
ATOM   226  N N   . TRP A 1 30 ? 6.506   17.894  -3.560  1.00 62.31  ? 404 TRP A N   1 
ATOM   227  C CA  . TRP A 1 30 ? 5.596   17.015  -2.830  1.00 60.23  ? 404 TRP A CA  1 
ATOM   228  C C   . TRP A 1 30 ? 4.186   17.150  -3.395  1.00 63.59  ? 404 TRP A C   1 
ATOM   229  O O   . TRP A 1 30 ? 3.520   18.168  -3.174  1.00 69.07  ? 404 TRP A O   1 
ATOM   230  C CB  . TRP A 1 30 ? 5.627   17.345  -1.337  1.00 66.75  ? 404 TRP A CB  1 
ATOM   231  C CG  . TRP A 1 30 ? 4.708   16.513  -0.499  1.00 65.58  ? 404 TRP A CG  1 
ATOM   232  C CD1 . TRP A 1 30 ? 3.400   16.771  -0.213  1.00 69.25  ? 404 TRP A CD1 1 
ATOM   233  C CD2 . TRP A 1 30 ? 5.035   15.294  0.178   1.00 64.42  ? 404 TRP A CD2 1 
ATOM   234  N NE1 . TRP A 1 30 ? 2.889   15.784  0.595   1.00 68.66  ? 404 TRP A NE1 1 
ATOM   235  C CE2 . TRP A 1 30 ? 3.872   14.865  0.848   1.00 69.95  ? 404 TRP A CE2 1 
ATOM   236  C CE3 . TRP A 1 30 ? 6.196   14.522  0.279   1.00 59.56  ? 404 TRP A CE3 1 
ATOM   237  C CZ2 . TRP A 1 30 ? 3.839   13.699  1.612   1.00 67.82  ? 404 TRP A CZ2 1 
ATOM   238  C CZ3 . TRP A 1 30 ? 6.159   13.363  1.035   1.00 63.06  ? 404 TRP A CZ3 1 
ATOM   239  C CH2 . TRP A 1 30 ? 4.989   12.964  1.692   1.00 63.85  ? 404 TRP A CH2 1 
ATOM   240  N N   . LYS A 1 31 ? 3.737   16.131  -4.129  1.00 67.39  ? 405 LYS A N   1 
ATOM   241  C CA  . LYS A 1 31 ? 2.401   16.083  -4.712  1.00 68.17  ? 405 LYS A CA  1 
ATOM   242  C C   . LYS A 1 31 ? 1.652   14.864  -4.187  1.00 75.40  ? 405 LYS A C   1 
ATOM   243  O O   . LYS A 1 31 ? 2.201   13.760  -4.162  1.00 78.63  ? 405 LYS A O   1 
ATOM   244  C CB  . LYS A 1 31 ? 2.469   16.046  -6.242  1.00 68.17  ? 405 LYS A CB  1 
ATOM   245  N N   . LYS A 1 32 ? 0.399   15.064  -3.784  1.00 76.16  ? 406 LYS A N   1 
ATOM   246  C CA  . LYS A 1 32 ? -0.412  14.025  -3.165  1.00 78.26  ? 406 LYS A CA  1 
ATOM   247  C C   . LYS A 1 32 ? -1.307  13.355  -4.201  1.00 82.23  ? 406 LYS A C   1 
ATOM   248  O O   . LYS A 1 32 ? -1.627  13.924  -5.246  1.00 82.17  ? 406 LYS A O   1 
ATOM   249  C CB  . LYS A 1 32 ? -1.267  14.604  -2.036  1.00 75.02  ? 406 LYS A CB  1 
ATOM   250  N N   . SER A 1 33 ? -1.723  12.128  -3.895  1.00 80.09  ? 407 SER A N   1 
ATOM   251  C CA  . SER A 1 33 ? -2.513  11.347  -4.840  1.00 86.31  ? 407 SER A CA  1 
ATOM   252  C C   . SER A 1 33 ? -3.835  10.882  -4.249  1.00 93.62  ? 407 SER A C   1 
ATOM   253  O O   . SER A 1 33 ? -4.892  11.152  -4.838  1.00 100.87 ? 407 SER A O   1 
ATOM   254  C CB  . SER A 1 33 ? -1.696  10.154  -5.352  1.00 85.20  ? 407 SER A CB  1 
ATOM   255  O OG  . SER A 1 33 ? -0.809  10.559  -6.376  1.00 80.47  ? 407 SER A OG  1 
ATOM   256  N N   . CYS A 1 34 ? -3.822  10.188  -3.112  1.00 85.98  ? 408 CYS A N   1 
ATOM   257  C CA  . CYS A 1 34 ? -5.058  9.676   -2.529  1.00 89.65  ? 408 CYS A CA  1 
ATOM   258  C C   . CYS A 1 34 ? -4.893  9.425   -1.027  1.00 93.72  ? 408 CYS A C   1 
ATOM   259  O O   . CYS A 1 34 ? -5.111  8.323   -0.516  1.00 93.84  ? 408 CYS A O   1 
ATOM   260  C CB  . CYS A 1 34 ? -5.528  8.455   -3.321  1.00 90.66  ? 408 CYS A CB  1 
ATOM   261  S SG  . CYS A 1 34 ? -4.226  7.285   -3.804  1.00 108.48 ? 408 CYS A SG  1 
ATOM   262  N N   . MET A 1 35 ? -4.517  10.498  -0.317  1.00 103.98 ? 409 MET A N   1 
ATOM   263  C CA  . MET A 1 35 ? -4.377  10.614  1.137   1.00 100.16 ? 409 MET A CA  1 
ATOM   264  C C   . MET A 1 35 ? -3.274  9.789   1.798   1.00 93.94  ? 409 MET A C   1 
ATOM   265  O O   . MET A 1 35 ? -2.960  10.025  2.970   1.00 93.76  ? 409 MET A O   1 
ATOM   266  C CB  . MET A 1 35 ? -5.712  10.278  1.809   1.00 99.47  ? 409 MET A CB  1 
ATOM   267  N N   . ASN A 1 36 ? -2.676  8.840   1.080   1.00 85.58  ? 410 ASN A N   1 
ATOM   268  C CA  . ASN A 1 36 ? -1.546  8.081   1.610   1.00 80.16  ? 410 ASN A CA  1 
ATOM   269  C C   . ASN A 1 36 ? -0.742  7.539   0.434   1.00 81.29  ? 410 ASN A C   1 
ATOM   270  O O   . ASN A 1 36 ? -0.090  6.496   0.527   1.00 79.09  ? 410 ASN A O   1 
ATOM   271  C CB  . ASN A 1 36 ? -1.989  6.981   2.594   1.00 86.33  ? 410 ASN A CB  1 
ATOM   272  C CG  . ASN A 1 36 ? -2.994  6.010   2.005   1.00 93.60  ? 410 ASN A CG  1 
ATOM   273  O OD1 . ASN A 1 36 ? -2.939  5.671   0.827   1.00 91.11  ? 410 ASN A OD1 1 
ATOM   274  N ND2 . ASN A 1 36 ? -3.917  5.542   2.845   1.00 79.90  ? 410 ASN A ND2 1 
ATOM   275  N N   . GLN A 1 37 ? -0.828  8.256   -0.687  1.00 76.37  ? 411 GLN A N   1 
ATOM   276  C CA  . GLN A 1 37 ? -0.048  8.018   -1.894  1.00 76.76  ? 411 GLN A CA  1 
ATOM   277  C C   . GLN A 1 37 ? 0.475   9.368   -2.360  1.00 74.35  ? 411 GLN A C   1 
ATOM   278  O O   . GLN A 1 37 ? -0.308  10.308  -2.526  1.00 76.44  ? 411 GLN A O   1 
ATOM   279  C CB  . GLN A 1 37 ? -0.891  7.363   -2.991  1.00 78.11  ? 411 GLN A CB  1 
ATOM   280  N N   . VAL A 1 38 ? 1.790   9.479   -2.539  1.00 69.08  ? 412 VAL A N   1 
ATOM   281  C CA  . VAL A 1 38 ? 2.432   10.758  -2.836  1.00 66.64  ? 412 VAL A CA  1 
ATOM   282  C C   . VAL A 1 38 ? 3.511   10.566  -3.894  1.00 59.88  ? 412 VAL A C   1 
ATOM   283  O O   . VAL A 1 38 ? 4.269   9.590   -3.855  1.00 63.95  ? 412 VAL A O   1 
ATOM   284  C CB  . VAL A 1 38 ? 3.025   11.395  -1.558  1.00 67.89  ? 412 VAL A CB  1 
ATOM   285  C CG1 . VAL A 1 38 ? 4.019   12.499  -1.901  1.00 70.58  ? 412 VAL A CG1 1 
ATOM   286  C CG2 . VAL A 1 38 ? 1.914   11.957  -0.695  1.00 67.16  ? 412 VAL A CG2 1 
ATOM   287  N N   . THR A 1 39 ? 3.573   11.501  -4.842  1.00 61.03  ? 413 THR A N   1 
ATOM   288  C CA  . THR A 1 39 ? 4.630   11.552  -5.844  1.00 67.95  ? 413 THR A CA  1 
ATOM   289  C C   . THR A 1 39 ? 5.658   12.600  -5.432  1.00 66.31  ? 413 THR A C   1 
ATOM   290  O O   . THR A 1 39 ? 5.301   13.746  -5.142  1.00 56.92  ? 413 THR A O   1 
ATOM   291  C CB  . THR A 1 39 ? 4.063   11.887  -7.225  1.00 68.63  ? 413 THR A CB  1 
ATOM   292  O OG1 . THR A 1 39 ? 3.081   10.910  -7.592  1.00 71.81  ? 413 THR A OG1 1 
ATOM   293  C CG2 . THR A 1 39 ? 5.172   11.907  -8.270  1.00 62.21  ? 413 THR A CG2 1 
ATOM   294  N N   . ILE A 1 40 ? 6.929   12.205  -5.407  1.00 61.48  ? 414 ILE A N   1 
ATOM   295  C CA  . ILE A 1 40 ? 8.027   13.072  -4.994  1.00 60.23  ? 414 ILE A CA  1 
ATOM   296  C C   . ILE A 1 40 ? 8.959   13.270  -6.182  1.00 58.94  ? 414 ILE A C   1 
ATOM   297  O O   . ILE A 1 40 ? 9.314   12.303  -6.865  1.00 58.61  ? 414 ILE A O   1 
ATOM   298  C CB  . ILE A 1 40 ? 8.780   12.484  -3.787  1.00 56.66  ? 414 ILE A CB  1 
ATOM   299  C CG1 . ILE A 1 40 ? 7.828   12.336  -2.597  1.00 55.97  ? 414 ILE A CG1 1 
ATOM   300  C CG2 . ILE A 1 40 ? 9.962   13.359  -3.410  1.00 56.46  ? 414 ILE A CG2 1 
ATOM   301  C CD1 . ILE A 1 40 ? 8.462   11.707  -1.382  1.00 61.31  ? 414 ILE A CD1 1 
ATOM   302  N N   . SER A 1 41 ? 9.352   14.522  -6.427  1.00 59.55  ? 415 SER A N   1 
ATOM   303  C CA  . SER A 1 41 ? 10.135  14.868  -7.606  1.00 62.41  ? 415 SER A CA  1 
ATOM   304  C C   . SER A 1 41 ? 11.263  15.820  -7.232  1.00 59.55  ? 415 SER A C   1 
ATOM   305  O O   . SER A 1 41 ? 11.121  16.659  -6.339  1.00 54.72  ? 415 SER A O   1 
ATOM   306  C CB  . SER A 1 41 ? 9.256   15.508  -8.689  1.00 61.27  ? 415 SER A CB  1 
ATOM   307  O OG  . SER A 1 41 ? 10.045  16.097  -9.707  1.00 69.47  ? 415 SER A OG  1 
ATOM   308  N N   . THR A 1 42 ? 12.385  15.681  -7.936  1.00 56.79  ? 416 THR A N   1 
ATOM   309  C CA  . THR A 1 42 ? 13.549  16.541  -7.745  1.00 61.36  ? 416 THR A CA  1 
ATOM   310  C C   . THR A 1 42 ? 14.455  16.410  -8.965  1.00 62.44  ? 416 THR A C   1 
ATOM   311  O O   . THR A 1 42 ? 14.167  15.658  -9.900  1.00 58.21  ? 416 THR A O   1 
ATOM   312  C CB  . THR A 1 42 ? 14.302  16.190  -6.458  1.00 60.25  ? 416 THR A CB  1 
ATOM   313  O OG1 . THR A 1 42 ? 15.307  17.180  -6.205  1.00 63.50  ? 416 THR A OG1 1 
ATOM   314  C CG2 . THR A 1 42 ? 14.964  14.825  -6.584  1.00 57.54  ? 416 THR A CG2 1 
ATOM   315  N N   . THR A 1 43 ? 15.562  17.152  -8.944  1.00 63.09  ? 417 THR A N   1 
ATOM   316  C CA  . THR A 1 43 ? 16.565  17.135  -10.006 1.00 67.65  ? 417 THR A CA  1 
ATOM   317  C C   . THR A 1 43 ? 17.902  16.745  -9.386  1.00 72.54  ? 417 THR A C   1 
ATOM   318  O O   . THR A 1 43 ? 18.466  17.504  -8.591  1.00 72.36  ? 417 THR A O   1 
ATOM   319  C CB  . THR A 1 43 ? 16.657  18.491  -10.706 1.00 70.94  ? 417 THR A CB  1 
ATOM   320  O OG1 . THR A 1 43 ? 15.625  19.356  -10.217 1.00 69.36  ? 417 THR A OG1 1 
ATOM   321  C CG2 . THR A 1 43 ? 16.500  18.323  -12.208 1.00 68.29  ? 417 THR A CG2 1 
ATOM   322  N N   . ASP A 1 44 ? 18.412  15.571  -9.755  1.00 72.03  ? 418 ASP A N   1 
ATOM   323  C CA  . ASP A 1 44 ? 19.570  14.997  -9.093  1.00 72.31  ? 418 ASP A CA  1 
ATOM   324  C C   . ASP A 1 44 ? 20.872  15.545  -9.675  1.00 83.76  ? 418 ASP A C   1 
ATOM   325  O O   . ASP A 1 44 ? 20.878  16.411  -10.555 1.00 86.25  ? 418 ASP A O   1 
ATOM   326  C CB  . ASP A 1 44 ? 19.526  13.469  -9.173  1.00 72.82  ? 418 ASP A CB  1 
ATOM   327  C CG  . ASP A 1 44 ? 19.849  12.928  -10.567 1.00 83.31  ? 418 ASP A CG  1 
ATOM   328  O OD1 . ASP A 1 44 ? 19.864  13.703  -11.546 1.00 87.70  ? 418 ASP A OD1 1 
ATOM   329  O OD2 . ASP A 1 44 ? 20.097  11.711  -10.686 1.00 74.47  ? 418 ASP A OD2 1 
ATOM   330  N N   . ARG A 1 45 ? 21.991  15.049  -9.144  1.00 91.27  ? 419 ARG A N   1 
ATOM   331  C CA  . ARG A 1 45 ? 23.306  15.409  -9.656  1.00 91.52  ? 419 ARG A CA  1 
ATOM   332  C C   . ARG A 1 45 ? 23.364  15.188  -11.162 1.00 97.83  ? 419 ARG A C   1 
ATOM   333  O O   . ARG A 1 45 ? 22.874  14.176  -11.672 1.00 95.17  ? 419 ARG A O   1 
ATOM   334  C CB  . ARG A 1 45 ? 24.386  14.581  -8.955  1.00 85.94  ? 419 ARG A CB  1 
ATOM   335  N N   . ARG A 1 46 ? 23.950  16.161  -11.863 1.00 97.32  ? 420 ARG A N   1 
ATOM   336  C CA  . ARG A 1 46 ? 24.058  16.186  -13.323 1.00 96.92  ? 420 ARG A CA  1 
ATOM   337  C C   . ARG A 1 46 ? 22.728  16.527  -14.004 1.00 96.10  ? 420 ARG A C   1 
ATOM   338  O O   . ARG A 1 46 ? 22.537  16.230  -15.185 1.00 97.52  ? 420 ARG A O   1 
ATOM   339  C CB  . ARG A 1 46 ? 24.631  14.877  -13.883 1.00 97.70  ? 420 ARG A CB  1 
ATOM   340  N N   . ASN A 1 47 ? 21.799  17.137  -13.260 1.00 94.82  ? 421 ASN A N   1 
ATOM   341  C CA  . ASN A 1 47 ? 20.579  17.736  -13.820 1.00 93.40  ? 421 ASN A CA  1 
ATOM   342  C C   . ASN A 1 47 ? 19.608  16.742  -14.458 1.00 87.31  ? 421 ASN A C   1 
ATOM   343  O O   . ASN A 1 47 ? 18.930  17.081  -15.431 1.00 91.48  ? 421 ASN A O   1 
ATOM   344  C CB  . ASN A 1 47 ? 20.922  18.828  -14.839 1.00 82.46  ? 421 ASN A CB  1 
ATOM   345  C CG  . ASN A 1 47 ? 20.449  20.193  -14.403 1.00 79.02  ? 421 ASN A CG  1 
ATOM   346  O OD1 . ASN A 1 47 ? 19.538  20.314  -13.584 1.00 81.31  ? 421 ASN A OD1 1 
ATOM   347  N ND2 . ASN A 1 47 ? 21.054  21.234  -14.961 1.00 77.74  ? 421 ASN A ND2 1 
ATOM   348  N N   . ASN A 1 48 ? 19.497  15.519  -13.949 1.00 88.07  ? 422 ASN A N   1 
ATOM   349  C CA  . ASN A 1 48 ? 18.478  14.610  -14.456 1.00 76.73  ? 422 ASN A CA  1 
ATOM   350  C C   . ASN A 1 48 ? 17.282  14.607  -13.513 1.00 76.35  ? 422 ASN A C   1 
ATOM   351  O O   . ASN A 1 48 ? 17.440  14.689  -12.291 1.00 73.51  ? 422 ASN A O   1 
ATOM   352  C CB  . ASN A 1 48 ? 19.026  13.189  -14.601 1.00 77.81  ? 422 ASN A CB  1 
ATOM   353  C CG  . ASN A 1 48 ? 20.395  13.154  -15.254 1.00 87.86  ? 422 ASN A CG  1 
ATOM   354  O OD1 . ASN A 1 48 ? 21.380  13.610  -14.680 1.00 92.30  ? 422 ASN A OD1 1 
ATOM   355  N ND2 . ASN A 1 48 ? 20.454  12.642  -16.474 1.00 88.00  ? 422 ASN A ND2 1 
ATOM   356  N N   . LYS A 1 49 ? 16.082  14.511  -14.084 1.00 80.01  ? 423 LYS A N   1 
ATOM   357  C CA  . LYS A 1 49 ? 14.871  14.518  -13.271 1.00 72.69  ? 423 LYS A CA  1 
ATOM   358  C C   . LYS A 1 49 ? 14.725  13.186  -12.547 1.00 66.39  ? 423 LYS A C   1 
ATOM   359  O O   . LYS A 1 49 ? 14.832  12.120  -13.161 1.00 74.20  ? 423 LYS A O   1 
ATOM   360  C CB  . LYS A 1 49 ? 13.644  14.795  -14.137 1.00 67.73  ? 423 LYS A CB  1 
ATOM   361  N N   . LEU A 1 50 ? 14.479  13.245  -11.242 1.00 62.42  ? 424 LEU A N   1 
ATOM   362  C CA  . LEU A 1 50 ? 14.276  12.052  -10.429 1.00 64.86  ? 424 LEU A CA  1 
ATOM   363  C C   . LEU A 1 50 ? 12.872  12.091  -9.847  1.00 59.16  ? 424 LEU A C   1 
ATOM   364  O O   . LEU A 1 50 ? 12.528  13.019  -9.108  1.00 61.72  ? 424 LEU A O   1 
ATOM   365  C CB  . LEU A 1 50 ? 15.323  11.958  -9.316  1.00 67.47  ? 424 LEU A CB  1 
ATOM   366  C CG  . LEU A 1 50 ? 15.176  10.782  -8.347  1.00 71.73  ? 424 LEU A CG  1 
ATOM   367  C CD1 . LEU A 1 50 ? 15.336  9.459   -9.079  1.00 69.59  ? 424 LEU A CD1 1 
ATOM   368  C CD2 . LEU A 1 50 ? 16.180  10.895  -7.209  1.00 63.74  ? 424 LEU A CD2 1 
ATOM   369  N N   . ILE A 1 51 ? 12.066  11.086  -10.182 1.00 58.18  ? 425 ILE A N   1 
ATOM   370  C CA  . ILE A 1 51 ? 10.675  11.004  -9.754  1.00 58.03  ? 425 ILE A CA  1 
ATOM   371  C C   . ILE A 1 51 ? 10.449  9.632   -9.139  1.00 59.03  ? 425 ILE A C   1 
ATOM   372  O O   . ILE A 1 51 ? 10.744  8.609   -9.768  1.00 63.09  ? 425 ILE A O   1 
ATOM   373  C CB  . ILE A 1 51 ? 9.700   11.239  -10.925 1.00 62.74  ? 425 ILE A CB  1 
ATOM   374  C CG1 . ILE A 1 51 ? 9.926   12.619  -11.546 1.00 57.78  ? 425 ILE A CG1 1 
ATOM   375  C CG2 . ILE A 1 51 ? 8.259   11.090  -10.458 1.00 52.40  ? 425 ILE A CG2 1 
ATOM   376  C CD1 . ILE A 1 51 ? 8.953   12.953  -12.657 1.00 57.15  ? 425 ILE A CD1 1 
ATOM   377  N N   . PHE A 1 52 ? 9.939   9.609   -7.910  1.00 59.82  ? 426 PHE A N   1 
ATOM   378  C CA  . PHE A 1 52 ? 9.580   8.367   -7.246  1.00 63.14  ? 426 PHE A CA  1 
ATOM   379  C C   . PHE A 1 52 ? 8.330   8.587   -6.409  1.00 61.67  ? 426 PHE A C   1 
ATOM   380  O O   . PHE A 1 52 ? 8.019   9.708   -6.000  1.00 49.93  ? 426 PHE A O   1 
ATOM   381  C CB  . PHE A 1 52 ? 10.727  7.829   -6.378  1.00 57.56  ? 426 PHE A CB  1 
ATOM   382  C CG  . PHE A 1 52 ? 11.348  8.859   -5.483  1.00 50.38  ? 426 PHE A CG  1 
ATOM   383  C CD1 . PHE A 1 52 ? 10.836  9.102   -4.220  1.00 60.71  ? 426 PHE A CD1 1 
ATOM   384  C CD2 . PHE A 1 52 ? 12.456  9.577   -5.901  1.00 51.40  ? 426 PHE A CD2 1 
ATOM   385  C CE1 . PHE A 1 52 ? 11.414  10.048  -3.393  1.00 60.81  ? 426 PHE A CE1 1 
ATOM   386  C CE2 . PHE A 1 52 ? 13.038  10.524  -5.080  1.00 61.61  ? 426 PHE A CE2 1 
ATOM   387  C CZ  . PHE A 1 52 ? 12.515  10.760  -3.824  1.00 54.04  ? 426 PHE A CZ  1 
ATOM   388  N N   . LYS A 1 53 ? 7.609   7.497   -6.170  1.00 61.97  ? 427 LYS A N   1 
ATOM   389  C CA  . LYS A 1 53 ? 6.327   7.534   -5.487  1.00 55.16  ? 427 LYS A CA  1 
ATOM   390  C C   . LYS A 1 53 ? 6.422   6.867   -4.122  1.00 58.55  ? 427 LYS A C   1 
ATOM   391  O O   . LYS A 1 53 ? 7.200   5.929   -3.920  1.00 52.25  ? 427 LYS A O   1 
ATOM   392  C CB  . LYS A 1 53 ? 5.247   6.851   -6.329  1.00 62.86  ? 427 LYS A CB  1 
ATOM   393  C CG  . LYS A 1 53 ? 5.306   7.244   -7.792  1.00 71.60  ? 427 LYS A CG  1 
ATOM   394  C CD  . LYS A 1 53 ? 3.921   7.436   -8.376  1.00 73.03  ? 427 LYS A CD  1 
ATOM   395  C CE  . LYS A 1 53 ? 4.004   8.060   -9.759  1.00 81.79  ? 427 LYS A CE  1 
ATOM   396  N NZ  . LYS A 1 53 ? 3.663   7.088   -10.830 1.00 88.96  ? 427 LYS A NZ  1 
ATOM   397  N N   . VAL A 1 54 ? 5.620   7.364   -3.184  1.00 53.20  ? 428 VAL A N   1 
ATOM   398  C CA  . VAL A 1 54 ? 5.578   6.845   -1.825  1.00 56.03  ? 428 VAL A CA  1 
ATOM   399  C C   . VAL A 1 54 ? 4.155   6.408   -1.519  1.00 56.23  ? 428 VAL A C   1 
ATOM   400  O O   . VAL A 1 54 ? 3.196   7.122   -1.829  1.00 59.47  ? 428 VAL A O   1 
ATOM   401  C CB  . VAL A 1 54 ? 6.048   7.899   -0.802  1.00 55.06  ? 428 VAL A CB  1 
ATOM   402  C CG1 . VAL A 1 54 ? 5.792   7.419   0.615   1.00 55.10  ? 428 VAL A CG1 1 
ATOM   403  C CG2 . VAL A 1 54 ? 7.507   8.213   -1.002  1.00 59.60  ? 428 VAL A CG2 1 
ATOM   404  N N   . ASN A 1 55 ? 4.022   5.236   -0.903  1.00 56.60  ? 429 ASN A N   1 
ATOM   405  C CA  . ASN A 1 55 ? 2.738   4.731   -0.443  1.00 64.55  ? 429 ASN A CA  1 
ATOM   406  C C   . ASN A 1 55 ? 2.844   4.422   1.043   1.00 63.36  ? 429 ASN A C   1 
ATOM   407  O O   . ASN A 1 55 ? 3.755   3.704   1.468   1.00 66.45  ? 429 ASN A O   1 
ATOM   408  C CB  . ASN A 1 55 ? 2.321   3.484   -1.230  1.00 63.06  ? 429 ASN A CB  1 
ATOM   409  C CG  . ASN A 1 55 ? 2.126   3.764   -2.706  1.00 67.04  ? 429 ASN A CG  1 
ATOM   410  O OD1 . ASN A 1 55 ? 3.053   3.625   -3.503  1.00 72.14  ? 429 ASN A OD1 1 
ATOM   411  N ND2 . ASN A 1 55 ? 0.916   4.165   -3.077  1.00 77.55  ? 429 ASN A ND2 1 
ATOM   412  N N   . LEU A 1 56 ? 1.912   4.962   1.825   1.00 65.87  ? 430 LEU A N   1 
ATOM   413  C CA  . LEU A 1 56 ? 1.834   4.709   3.260   1.00 62.61  ? 430 LEU A CA  1 
ATOM   414  C C   . LEU A 1 56 ? 0.629   3.813   3.493   1.00 65.51  ? 430 LEU A C   1 
ATOM   415  O O   . LEU A 1 56 ? -0.515  4.248   3.351   1.00 69.42  ? 430 LEU A O   1 
ATOM   416  C CB  . LEU A 1 56 ? 1.715   5.996   4.072   1.00 63.34  ? 430 LEU A CB  1 
ATOM   417  C CG  . LEU A 1 56 ? 2.876   6.985   4.035   1.00 58.11  ? 430 LEU A CG  1 
ATOM   418  C CD1 . LEU A 1 56 ? 2.793   7.889   2.818   1.00 62.20  ? 430 LEU A CD1 1 
ATOM   419  C CD2 . LEU A 1 56 ? 2.896   7.791   5.319   1.00 60.84  ? 430 LEU A CD2 1 
ATOM   420  N N   . LEU A 1 57 ? 0.897   2.569   3.845   1.00 67.80  ? 431 LEU A N   1 
ATOM   421  C CA  A LEU A 1 57 ? -0.132  1.557   4.050   0.51 67.48  ? 431 LEU A CA  1 
ATOM   422  C CA  B LEU A 1 57 ? -0.153  1.597   4.077   0.49 67.49  ? 431 LEU A CA  1 
ATOM   423  C C   . LEU A 1 57 ? 0.009   0.996   5.463   1.00 63.02  ? 431 LEU A C   1 
ATOM   424  O O   . LEU A 1 57 ? 1.125   0.844   5.960   1.00 69.67  ? 431 LEU A O   1 
ATOM   425  C CB  A LEU A 1 57 ? -0.002  0.415   3.020   0.51 64.27  ? 431 LEU A CB  1 
ATOM   426  C CB  B LEU A 1 57 ? -0.164  0.519   2.974   0.49 64.41  ? 431 LEU A CB  1 
ATOM   427  C CG  A LEU A 1 57 ? 0.221   0.779   1.544   0.51 64.22  ? 431 LEU A CG  1 
ATOM   428  C CG  B LEU A 1 57 ? 1.140   -0.198  2.596   0.49 63.11  ? 431 LEU A CG  1 
ATOM   429  C CD1 A LEU A 1 57 ? 1.691   1.045   1.255   0.51 65.66  ? 431 LEU A CD1 1 
ATOM   430  C CD1 B LEU A 1 57 ? 1.543   -1.217  3.641   0.49 61.66  ? 431 LEU A CD1 1 
ATOM   431  C CD2 A LEU A 1 57 ? -0.305  -0.288  0.599   0.51 62.43  ? 431 LEU A CD2 1 
ATOM   432  C CD2 B LEU A 1 57 ? 1.022   -0.869  1.217   0.49 66.43  ? 431 LEU A CD2 1 
ATOM   433  N N   . GLU A 1 58 ? -1.095  0.627   6.070   1.00 66.32  ? 432 GLU A N   1 
ATOM   434  C CA  . GLU A 1 58 ? -1.068  0.057   7.398   1.00 70.57  ? 432 GLU A CA  1 
ATOM   435  C C   . GLU A 1 58 ? -0.785  -1.424  7.333   1.00 68.53  ? 432 GLU A C   1 
ATOM   436  O O   . GLU A 1 58 ? -1.415  -2.150  6.605   1.00 65.60  ? 432 GLU A O   1 
ATOM   437  C CB  . GLU A 1 58 ? -2.384  0.306   8.099   1.00 72.52  ? 432 GLU A CB  1 
ATOM   438  C CG  . GLU A 1 58 ? -2.548  -0.467  9.377   1.00 72.81  ? 432 GLU A CG  1 
ATOM   439  C CD  . GLU A 1 58 ? -3.341  0.301   10.376  1.00 78.95  ? 432 GLU A CD  1 
ATOM   440  O OE1 . GLU A 1 58 ? -2.958  1.430   10.669  1.00 82.78  ? 432 GLU A OE1 1 
ATOM   441  O OE2 . GLU A 1 58 ? -4.352  -0.215  10.861  1.00 89.08  ? 432 GLU A OE2 1 
ATOM   442  N N   . MET A 1 59 ? 0.167   -1.866  8.126   1.00 66.38  ? 433 MET A N   1 
ATOM   443  C CA  . MET A 1 59 ? 0.544   -3.288  8.105   1.00 65.77  ? 433 MET A CA  1 
ATOM   444  C C   . MET A 1 59 ? 0.796   -3.744  9.537   1.00 67.47  ? 433 MET A C   1 
ATOM   445  O O   . MET A 1 59 ? 1.868   -3.492  10.092  1.00 74.16  ? 433 MET A O   1 
ATOM   446  C CB  . MET A 1 59 ? 1.764   -3.561  7.243   1.00 66.25  ? 433 MET A CB  1 
ATOM   447  C CG  . MET A 1 59 ? 1.486   -3.661  5.778   1.00 73.54  ? 433 MET A CG  1 
ATOM   448  S SD  . MET A 1 59 ? 0.721   -5.143  5.125   1.00 91.89  ? 433 MET A SD  1 
ATOM   449  C CE  . MET A 1 59 ? 0.169   -4.440  3.581   1.00 60.50  ? 433 MET A CE  1 
ATOM   450  N N   . ASP A 1 60 ? -0.206  -4.401  10.123  1.00 68.20  ? 434 ASP A N   1 
ATOM   451  C CA  . ASP A 1 60 ? -0.115  -4.980  11.461  1.00 76.62  ? 434 ASP A CA  1 
ATOM   452  C C   . ASP A 1 60 ? 0.181   -3.902  12.503  1.00 72.51  ? 434 ASP A C   1 
ATOM   453  O O   . ASP A 1 60 ? 1.207   -3.930  13.189  1.00 75.70  ? 434 ASP A O   1 
ATOM   454  C CB  . ASP A 1 60 ? 0.924   -6.104  11.500  1.00 83.20  ? 434 ASP A CB  1 
ATOM   455  C CG  . ASP A 1 60 ? 0.691   -7.151  10.420  1.00 88.21  ? 434 ASP A CG  1 
ATOM   456  O OD1 . ASP A 1 60 ? -0.438  -7.234  9.893   1.00 88.28  ? 434 ASP A OD1 1 
ATOM   457  O OD2 . ASP A 1 60 ? 1.646   -7.882  10.090  1.00 87.97  ? 434 ASP A OD2 1 
ATOM   458  N N   . ASP A 1 61 ? -0.739  -2.936  12.612  1.00 68.60  ? 435 ASP A N   1 
ATOM   459  C CA  . ASP A 1 61 ? -0.661  -1.851  13.593  1.00 80.21  ? 435 ASP A CA  1 
ATOM   460  C C   . ASP A 1 61 ? 0.635   -1.054  13.472  1.00 81.16  ? 435 ASP A C   1 
ATOM   461  O O   . ASP A 1 61 ? 1.172   -0.573  14.471  1.00 85.07  ? 435 ASP A O   1 
ATOM   462  C CB  . ASP A 1 61 ? -0.830  -2.377  15.021  1.00 82.68  ? 435 ASP A CB  1 
ATOM   463  N N   . LYS A 1 62 ? 1.129   -0.909  12.246  1.00 70.72  ? 436 LYS A N   1 
ATOM   464  C CA  . LYS A 1 62 ? 2.289   -0.093  11.929  1.00 62.27  ? 436 LYS A CA  1 
ATOM   465  C C   . LYS A 1 62 ? 2.111   0.452   10.522  1.00 63.76  ? 436 LYS A C   1 
ATOM   466  O O   . LYS A 1 62 ? 1.337   -0.083  9.727   1.00 71.37  ? 436 LYS A O   1 
ATOM   467  C CB  . LYS A 1 62 ? 3.617   -0.867  12.007  1.00 62.57  ? 436 LYS A CB  1 
ATOM   468  C CG  . LYS A 1 62 ? 4.138   -1.151  13.404  1.00 69.65  ? 436 LYS A CG  1 
ATOM   469  C CD  . LYS A 1 62 ? 5.611   -1.539  13.338  1.00 69.77  ? 436 LYS A CD  1 
ATOM   470  C CE  . LYS A 1 62 ? 6.111   -2.120  14.650  1.00 76.89  ? 436 LYS A CE  1 
ATOM   471  N NZ  . LYS A 1 62 ? 5.465   -3.425  14.958  1.00 84.33  ? 436 LYS A NZ  1 
ATOM   472  N N   . ILE A 1 63 ? 2.838   1.521   10.218  1.00 56.06  ? 437 ILE A N   1 
ATOM   473  C CA  . ILE A 1 63 ? 2.717   2.202   8.937   1.00 57.60  ? 437 ILE A CA  1 
ATOM   474  C C   . ILE A 1 63 ? 3.985   1.909   8.150   1.00 55.90  ? 437 ILE A C   1 
ATOM   475  O O   . ILE A 1 63 ? 5.098   2.162   8.629   1.00 57.27  ? 437 ILE A O   1 
ATOM   476  C CB  . ILE A 1 63 ? 2.513   3.715   9.117   1.00 60.32  ? 437 ILE A CB  1 
ATOM   477  C CG1 . ILE A 1 63 ? 1.174   3.995   9.802   1.00 59.15  ? 437 ILE A CG1 1 
ATOM   478  C CG2 . ILE A 1 63 ? 2.586   4.431   7.776   1.00 54.14  ? 437 ILE A CG2 1 
ATOM   479  C CD1 . ILE A 1 63 ? -0.024  3.470   9.043   1.00 58.41  ? 437 ILE A CD1 1 
ATOM   480  N N   . LEU A 1 64 ? 3.836   1.370   6.957   1.00 57.14  ? 438 LEU A N   1 
ATOM   481  C CA  . LEU A 1 64 ? 4.967   1.080   6.115   1.00 53.44  ? 438 LEU A CA  1 
ATOM   482  C C   . LEU A 1 64 ? 5.005   2.118   5.043   1.00 61.64  ? 438 LEU A C   1 
ATOM   483  O O   . LEU A 1 64 ? 4.005   2.406   4.423   1.00 58.90  ? 438 LEU A O   1 
ATOM   484  C CB  . LEU A 1 64 ? 4.852   -0.279  5.473   1.00 56.93  ? 438 LEU A CB  1 
ATOM   485  C CG  . LEU A 1 64 ? 5.962   -0.546  4.476   1.00 57.85  ? 438 LEU A CG  1 
ATOM   486  C CD1 . LEU A 1 64 ? 7.011   -1.469  5.047   1.00 56.25  ? 438 LEU A CD1 1 
ATOM   487  C CD2 . LEU A 1 64 ? 5.371   -1.163  3.248   1.00 53.11  ? 438 LEU A CD2 1 
ATOM   488  N N   . VAL A 1 65 ? 6.179   2.689   4.853   1.00 60.37  ? 439 VAL A N   1 
ATOM   489  C CA  . VAL A 1 65 ? 6.411   3.724   3.887   1.00 52.54  ? 439 VAL A CA  1 
ATOM   490  C C   . VAL A 1 65 ? 7.199   3.078   2.800   1.00 48.65  ? 439 VAL A C   1 
ATOM   491  O O   . VAL A 1 65 ? 8.310   2.709   3.004   1.00 51.37  ? 439 VAL A O   1 
ATOM   492  C CB  . VAL A 1 65 ? 7.201   4.837   4.545   1.00 51.41  ? 439 VAL A CB  1 
ATOM   493  C CG1 . VAL A 1 65 ? 7.322   6.020   3.639   1.00 51.42  ? 439 VAL A CG1 1 
ATOM   494  C CG2 . VAL A 1 65 ? 6.497   5.245   5.805   1.00 54.25  ? 439 VAL A CG2 1 
ATOM   495  N N   . ASP A 1 66 ? 6.597   2.926   1.640   1.00 54.01  ? 440 ASP A N   1 
ATOM   496  C CA  . ASP A 1 66 ? 7.237   2.268   0.522   1.00 57.61  ? 440 ASP A CA  1 
ATOM   497  C C   . ASP A 1 66 ? 7.621   3.227   -0.569  1.00 51.88  ? 440 ASP A C   1 
ATOM   498  O O   . ASP A 1 66 ? 6.840   4.037   -0.951  1.00 53.79  ? 440 ASP A O   1 
ATOM   499  C CB  . ASP A 1 66 ? 6.292   1.207   -0.018  1.00 57.41  ? 440 ASP A CB  1 
ATOM   500  C CG  . ASP A 1 66 ? 6.895   0.386   -1.103  1.00 62.71  ? 440 ASP A CG  1 
ATOM   501  O OD1 . ASP A 1 66 ? 7.875   -0.307  -0.852  1.00 59.16  ? 440 ASP A OD1 1 
ATOM   502  O OD2 . ASP A 1 66 ? 6.376   0.419   -2.214  1.00 60.16  ? 440 ASP A OD2 1 
ATOM   503  N N   . PHE A 1 67 ? 8.831   3.114   -1.077  1.00 47.79  ? 441 PHE A N   1 
ATOM   504  C CA  . PHE A 1 67 ? 9.333   3.985   -2.130  1.00 56.07  ? 441 PHE A CA  1 
ATOM   505  C C   . PHE A 1 67 ? 9.485   3.186   -3.416  1.00 53.34  ? 441 PHE A C   1 
ATOM   506  O O   . PHE A 1 67 ? 10.111  2.121   -3.423  1.00 52.44  ? 441 PHE A O   1 
ATOM   507  C CB  . PHE A 1 67 ? 10.678  4.611   -1.740  1.00 49.57  ? 441 PHE A CB  1 
ATOM   508  C CG  . PHE A 1 67 ? 10.599  5.570   -0.582  1.00 48.28  ? 441 PHE A CG  1 
ATOM   509  C CD1 . PHE A 1 67 ? 10.749  6.932   -0.787  1.00 51.70  ? 441 PHE A CD1 1 
ATOM   510  C CD2 . PHE A 1 67 ? 10.388  5.117   0.711   1.00 49.29  ? 441 PHE A CD2 1 
ATOM   511  C CE1 . PHE A 1 67 ? 10.688  7.817   0.273   1.00 51.50  ? 441 PHE A CE1 1 
ATOM   512  C CE2 . PHE A 1 67 ? 10.321  5.996   1.772   1.00 49.23  ? 441 PHE A CE2 1 
ATOM   513  C CZ  . PHE A 1 67 ? 10.470  7.348   1.553   1.00 47.67  ? 441 PHE A CZ  1 
ATOM   514  N N   . ARG A 1 68 ? 8.908   3.705   -4.497  1.00 57.53  ? 442 ARG A N   1 
ATOM   515  C CA  . ARG A 1 68 ? 8.945   3.069   -5.807  1.00 66.56  ? 442 ARG A CA  1 
ATOM   516  C C   . ARG A 1 68 ? 9.531   4.056   -6.803  1.00 61.65  ? 442 ARG A C   1 
ATOM   517  O O   . ARG A 1 68 ? 9.004   5.164   -6.964  1.00 64.62  ? 442 ARG A O   1 
ATOM   518  C CB  . ARG A 1 68 ? 7.544   2.636   -6.245  1.00 69.96  ? 442 ARG A CB  1 
ATOM   519  C CG  . ARG A 1 68 ? 7.494   1.305   -6.976  1.00 79.05  ? 442 ARG A CG  1 
ATOM   520  C CD  . ARG A 1 68 ? 6.095   1.015   -7.507  1.00 82.40  ? 442 ARG A CD  1 
ATOM   521  N NE  . ARG A 1 68 ? 5.054   1.274   -6.515  1.00 82.32  ? 442 ARG A NE  1 
ATOM   522  C CZ  . ARG A 1 68 ? 4.195   2.288   -6.579  1.00 91.79  ? 442 ARG A CZ  1 
ATOM   523  N NH1 . ARG A 1 68 ? 4.250   3.142   -7.591  1.00 90.25  ? 442 ARG A NH1 1 
ATOM   524  N NH2 . ARG A 1 68 ? 3.281   2.447   -5.632  1.00 80.48  ? 442 ARG A NH2 1 
ATOM   525  N N   . LEU A 1 69 ? 10.613  3.661   -7.467  1.00 56.22  ? 443 LEU A N   1 
ATOM   526  C CA  . LEU A 1 69 ? 11.201  4.506   -8.497  1.00 61.27  ? 443 LEU A CA  1 
ATOM   527  C C   . LEU A 1 69 ? 10.246  4.633   -9.678  1.00 60.80  ? 443 LEU A C   1 
ATOM   528  O O   . LEU A 1 69 ? 9.754   3.630   -10.203 1.00 68.99  ? 443 LEU A O   1 
ATOM   529  C CB  . LEU A 1 69 ? 12.538  3.931   -8.958  1.00 60.36  ? 443 LEU A CB  1 
ATOM   530  C CG  . LEU A 1 69 ? 13.187  4.620   -10.160 1.00 60.62  ? 443 LEU A CG  1 
ATOM   531  C CD1 . LEU A 1 69 ? 13.548  6.061   -9.834  1.00 58.63  ? 443 LEU A CD1 1 
ATOM   532  C CD2 . LEU A 1 69 ? 14.411  3.847   -10.630 1.00 58.11  ? 443 LEU A CD2 1 
ATOM   533  N N   . SER A 1 70 ? 9.985   5.870   -10.092 1.00 63.15  ? 444 SER A N   1 
ATOM   534  C CA  . SER A 1 70 ? 9.141   6.155   -11.246 1.00 66.23  ? 444 SER A CA  1 
ATOM   535  C C   . SER A 1 70 ? 9.927   6.616   -12.463 1.00 68.94  ? 444 SER A C   1 
ATOM   536  O O   . SER A 1 70 ? 9.643   6.174   -13.578 1.00 64.53  ? 444 SER A O   1 
ATOM   537  C CB  . SER A 1 70 ? 8.096   7.218   -10.888 1.00 63.29  ? 444 SER A CB  1 
ATOM   538  O OG  . SER A 1 70 ? 7.198   7.431   -11.963 1.00 67.81  ? 444 SER A OG  1 
ATOM   539  N N   . LYS A 1 71 ? 10.905  7.498   -12.278 1.00 67.69  ? 445 LYS A N   1 
ATOM   540  C CA  . LYS A 1 71 ? 11.751  7.955   -13.371 1.00 63.25  ? 445 LYS A CA  1 
ATOM   541  C C   . LYS A 1 71 ? 13.067  8.453   -12.794 1.00 63.80  ? 445 LYS A C   1 
ATOM   542  O O   . LYS A 1 71 ? 13.076  9.171   -11.792 1.00 67.14  ? 445 LYS A O   1 
ATOM   543  C CB  . LYS A 1 71 ? 11.069  9.065   -14.180 1.00 64.24  ? 445 LYS A CB  1 
ATOM   544  N N   . GLY A 1 72 ? 14.170  8.070   -13.427 1.00 63.03  ? 446 GLY A N   1 
ATOM   545  C CA  . GLY A 1 72 ? 15.485  8.524   -13.033 1.00 62.27  ? 446 GLY A CA  1 
ATOM   546  C C   . GLY A 1 72 ? 16.441  7.374   -12.815 1.00 69.39  ? 446 GLY A C   1 
ATOM   547  O O   . GLY A 1 72 ? 16.118  6.205   -13.022 1.00 60.11  ? 446 GLY A O   1 
ATOM   548  N N   . ASP A 1 73 ? 17.648  7.729   -12.382 1.00 64.94  ? 447 ASP A N   1 
ATOM   549  C CA  . ASP A 1 73 ? 18.684  6.737   -12.139 1.00 56.51  ? 447 ASP A CA  1 
ATOM   550  C C   . ASP A 1 73 ? 18.322  5.911   -10.911 1.00 60.31  ? 447 ASP A C   1 
ATOM   551  O O   . ASP A 1 73 ? 17.800  6.432   -9.921  1.00 54.40  ? 447 ASP A O   1 
ATOM   552  C CB  . ASP A 1 73 ? 20.038  7.433   -11.951 1.00 60.04  ? 447 ASP A CB  1 
ATOM   553  C CG  . ASP A 1 73 ? 21.189  6.467   -11.651 1.00 65.53  ? 447 ASP A CG  1 
ATOM   554  O OD1 . ASP A 1 73 ? 20.958  5.274   -11.360 1.00 76.63  ? 447 ASP A OD1 1 
ATOM   555  O OD2 . ASP A 1 73 ? 22.351  6.919   -11.707 1.00 72.54  ? 447 ASP A OD2 1 
ATOM   556  N N   . GLY A 1 74 ? 18.610  4.610   -10.984 1.00 57.32  ? 448 GLY A N   1 
ATOM   557  C CA  . GLY A 1 74 ? 18.241  3.722   -9.897  1.00 54.31  ? 448 GLY A CA  1 
ATOM   558  C C   . GLY A 1 74 ? 19.069  3.955   -8.651  1.00 54.06  ? 448 GLY A C   1 
ATOM   559  O O   . GLY A 1 74 ? 18.531  4.006   -7.545  1.00 55.90  ? 448 GLY A O   1 
ATOM   560  N N   . LEU A 1 75 ? 20.382  4.137   -8.814  1.00 52.65  ? 449 LEU A N   1 
ATOM   561  C CA  . LEU A 1 75 ? 21.255  4.318   -7.659  1.00 62.19  ? 449 LEU A CA  1 
ATOM   562  C C   . LEU A 1 75 ? 21.096  5.702   -7.050  1.00 59.06  ? 449 LEU A C   1 
ATOM   563  O O   . LEU A 1 75 ? 21.264  5.869   -5.836  1.00 52.42  ? 449 LEU A O   1 
ATOM   564  C CB  . LEU A 1 75 ? 22.709  4.078   -8.061  1.00 57.75  ? 449 LEU A CB  1 
ATOM   565  C CG  . LEU A 1 75 ? 22.928  2.754   -8.791  1.00 71.98  ? 449 LEU A CG  1 
ATOM   566  C CD1 . LEU A 1 75 ? 24.077  2.860   -9.766  1.00 79.87  ? 449 LEU A CD1 1 
ATOM   567  C CD2 . LEU A 1 75 ? 23.152  1.621   -7.815  1.00 59.25  ? 449 LEU A CD2 1 
ATOM   568  N N   . GLU A 1 76 ? 20.771  6.703   -7.867  1.00 58.46  ? 450 GLU A N   1 
ATOM   569  C CA  . GLU A 1 76 ? 20.415  7.996   -7.304  1.00 53.98  ? 450 GLU A CA  1 
ATOM   570  C C   . GLU A 1 76 ? 19.101  7.917   -6.536  1.00 52.68  ? 450 GLU A C   1 
ATOM   571  O O   . GLU A 1 76 ? 18.886  8.686   -5.594  1.00 51.40  ? 450 GLU A O   1 
ATOM   572  C CB  . GLU A 1 76 ? 20.333  9.044   -8.411  1.00 55.90  ? 450 GLU A CB  1 
ATOM   573  C CG  . GLU A 1 76 ? 20.687  10.441  -7.949  1.00 66.66  ? 450 GLU A CG  1 
ATOM   574  C CD  . GLU A 1 76 ? 22.145  10.582  -7.556  1.00 70.75  ? 450 GLU A CD  1 
ATOM   575  O OE1 . GLU A 1 76 ? 22.990  9.843   -8.105  1.00 75.46  ? 450 GLU A OE1 1 
ATOM   576  O OE2 . GLU A 1 76 ? 22.445  11.432  -6.691  1.00 73.53  ? 450 GLU A OE2 1 
ATOM   577  N N   . PHE A 1 77 ? 18.203  7.015   -6.937  1.00 55.45  ? 451 PHE A N   1 
ATOM   578  C CA  . PHE A 1 77 ? 16.977  6.794   -6.176  1.00 54.35  ? 451 PHE A CA  1 
ATOM   579  C C   . PHE A 1 77 ? 17.284  6.164   -4.826  1.00 53.74  ? 451 PHE A C   1 
ATOM   580  O O   . PHE A 1 77 ? 16.743  6.565   -3.787  1.00 48.12  ? 451 PHE A O   1 
ATOM   581  C CB  . PHE A 1 77 ? 16.022  5.921   -6.992  1.00 48.96  ? 451 PHE A CB  1 
ATOM   582  C CG  . PHE A 1 77 ? 14.908  5.333   -6.191  1.00 58.69  ? 451 PHE A CG  1 
ATOM   583  C CD1 . PHE A 1 77 ? 13.964  6.148   -5.595  1.00 54.43  ? 451 PHE A CD1 1 
ATOM   584  C CD2 . PHE A 1 77 ? 14.801  3.963   -6.038  1.00 57.34  ? 451 PHE A CD2 1 
ATOM   585  C CE1 . PHE A 1 77 ? 12.938  5.608   -4.852  1.00 60.72  ? 451 PHE A CE1 1 
ATOM   586  C CE2 . PHE A 1 77 ? 13.776  3.416   -5.301  1.00 49.63  ? 451 PHE A CE2 1 
ATOM   587  C CZ  . PHE A 1 77 ? 12.843  4.240   -4.706  1.00 56.25  ? 451 PHE A CZ  1 
ATOM   588  N N   . LYS A 1 78 ? 18.157  5.161   -4.840  1.00 52.15  ? 452 LYS A N   1 
ATOM   589  C CA  . LYS A 1 78 ? 18.567  4.458   -3.636  1.00 49.66  ? 452 LYS A CA  1 
ATOM   590  C C   . LYS A 1 78 ? 19.300  5.409   -2.684  1.00 47.68  ? 452 LYS A C   1 
ATOM   591  O O   . LYS A 1 78 ? 19.114  5.351   -1.461  1.00 46.89  ? 452 LYS A O   1 
ATOM   592  C CB  . LYS A 1 78 ? 19.450  3.293   -4.090  1.00 57.30  ? 452 LYS A CB  1 
ATOM   593  C CG  . LYS A 1 78 ? 18.682  2.199   -4.896  1.00 67.10  ? 452 LYS A CG  1 
ATOM   594  C CD  . LYS A 1 78 ? 19.646  1.067   -5.341  1.00 69.22  ? 452 LYS A CD  1 
ATOM   595  C CE  . LYS A 1 78 ? 19.043  -0.105  -6.128  1.00 66.87  ? 452 LYS A CE  1 
ATOM   596  N NZ  . LYS A 1 78 ? 20.035  -1.138  -6.539  1.00 79.52  ? 452 LYS A NZ  1 
ATOM   597  N N   . ARG A 1 79 ? 20.111  6.322   -3.237  1.00 42.54  ? 453 ARG A N   1 
ATOM   598  C CA  . ARG A 1 79 ? 20.808  7.305   -2.410  1.00 54.61  ? 453 ARG A CA  1 
ATOM   599  C C   . ARG A 1 79 ? 19.861  8.376   -1.877  1.00 48.25  ? 453 ARG A C   1 
ATOM   600  O O   . ARG A 1 79 ? 20.003  8.821   -0.732  1.00 48.07  ? 453 ARG A O   1 
ATOM   601  C CB  . ARG A 1 79 ? 21.956  7.952   -3.192  1.00 51.22  ? 453 ARG A CB  1 
ATOM   602  C CG  . ARG A 1 79 ? 23.178  7.062   -3.342  1.00 51.90  ? 453 ARG A CG  1 
ATOM   603  C CD  . ARG A 1 79 ? 24.393  7.852   -3.799  1.00 60.28  ? 453 ARG A CD  1 
ATOM   604  N NE  . ARG A 1 79 ? 24.539  7.846   -5.249  1.00 76.49  ? 453 ARG A NE  1 
ATOM   605  C CZ  . ARG A 1 79 ? 25.389  7.065   -5.906  1.00 73.69  ? 453 ARG A CZ  1 
ATOM   606  N NH1 . ARG A 1 79 ? 26.170  6.222   -5.242  1.00 61.44  ? 453 ARG A NH1 1 
ATOM   607  N NH2 . ARG A 1 79 ? 25.457  7.121   -7.229  1.00 73.50  ? 453 ARG A NH2 1 
ATOM   608  N N   . HIS A 1 80 ? 18.885  8.805   -2.682  1.00 44.86  ? 454 HIS A N   1 
ATOM   609  C CA  . HIS A 1 80 ? 17.931  9.795   -2.190  1.00 46.44  ? 454 HIS A CA  1 
ATOM   610  C C   . HIS A 1 80 ? 16.994  9.201   -1.147  1.00 49.47  ? 454 HIS A C   1 
ATOM   611  O O   . HIS A 1 80 ? 16.560  9.913   -0.233  1.00 42.71  ? 454 HIS A O   1 
ATOM   612  C CB  . HIS A 1 80 ? 17.141  10.398  -3.352  1.00 52.30  ? 454 HIS A CB  1 
ATOM   613  C CG  . HIS A 1 80 ? 17.890  11.455  -4.104  1.00 58.35  ? 454 HIS A CG  1 
ATOM   614  N ND1 . HIS A 1 80 ? 19.032  11.185  -4.825  1.00 56.58  ? 454 HIS A ND1 1 
ATOM   615  C CD2 . HIS A 1 80 ? 17.663  12.782  -4.241  1.00 56.24  ? 454 HIS A CD2 1 
ATOM   616  C CE1 . HIS A 1 80 ? 19.476  12.302  -5.376  1.00 55.36  ? 454 HIS A CE1 1 
ATOM   617  N NE2 . HIS A 1 80 ? 18.662  13.285  -5.037  1.00 55.56  ? 454 HIS A NE2 1 
ATOM   618  N N   . PHE A 1 81 ? 16.668  7.913   -1.265  1.00 47.07  ? 455 PHE A N   1 
ATOM   619  C CA  . PHE A 1 81 ? 15.905  7.246   -0.214  1.00 40.16  ? 455 PHE A CA  1 
ATOM   620  C C   . PHE A 1 81 ? 16.682  7.229   1.095   1.00 39.92  ? 455 PHE A C   1 
ATOM   621  O O   . PHE A 1 81 ? 16.133  7.532   2.162   1.00 42.37  ? 455 PHE A O   1 
ATOM   622  C CB  . PHE A 1 81 ? 15.544  5.823   -0.642  1.00 49.08  ? 455 PHE A CB  1 
ATOM   623  C CG  . PHE A 1 81 ? 15.158  4.932   0.504   1.00 48.69  ? 455 PHE A CG  1 
ATOM   624  C CD1 . PHE A 1 81 ? 16.070  4.037   1.043   1.00 47.83  ? 455 PHE A CD1 1 
ATOM   625  C CD2 . PHE A 1 81 ? 13.888  4.998   1.051   1.00 48.59  ? 455 PHE A CD2 1 
ATOM   626  C CE1 . PHE A 1 81 ? 15.720  3.221   2.100   1.00 49.18  ? 455 PHE A CE1 1 
ATOM   627  C CE2 . PHE A 1 81 ? 13.532  4.186   2.112   1.00 51.86  ? 455 PHE A CE2 1 
ATOM   628  C CZ  . PHE A 1 81 ? 14.449  3.295   2.637   1.00 50.27  ? 455 PHE A CZ  1 
ATOM   629  N N   . LEU A 1 82 ? 17.966  6.867   1.035   1.00 39.14  ? 456 LEU A N   1 
ATOM   630  C CA  . LEU A 1 82 ? 18.781  6.816   2.245   1.00 43.94  ? 456 LEU A CA  1 
ATOM   631  C C   . LEU A 1 82 ? 18.956  8.197   2.860   1.00 46.67  ? 456 LEU A C   1 
ATOM   632  O O   . LEU A 1 82 ? 19.085  8.318   4.084   1.00 44.98  ? 456 LEU A O   1 
ATOM   633  C CB  . LEU A 1 82 ? 20.140  6.189   1.937   1.00 39.67  ? 456 LEU A CB  1 
ATOM   634  C CG  . LEU A 1 82 ? 20.116  4.695   1.613   1.00 49.03  ? 456 LEU A CG  1 
ATOM   635  C CD1 . LEU A 1 82 ? 21.516  4.181   1.326   1.00 52.60  ? 456 LEU A CD1 1 
ATOM   636  C CD2 . LEU A 1 82 ? 19.476  3.916   2.751   1.00 44.20  ? 456 LEU A CD2 1 
ATOM   637  N N   . LYS A 1 83 ? 18.968  9.245   2.034   1.00 45.19  ? 457 LYS A N   1 
ATOM   638  C CA  . LYS A 1 83 ? 19.038  10.601  2.567   1.00 44.09  ? 457 LYS A CA  1 
ATOM   639  C C   . LYS A 1 83 ? 17.758  10.966  3.307   1.00 44.71  ? 457 LYS A C   1 
ATOM   640  O O   . LYS A 1 83 ? 17.805  11.608  4.363   1.00 49.21  ? 457 LYS A O   1 
ATOM   641  C CB  . LYS A 1 83 ? 19.309  11.595  1.439   1.00 47.41  ? 457 LYS A CB  1 
ATOM   642  C CG  . LYS A 1 83 ? 19.784  12.961  1.914   1.00 57.37  ? 457 LYS A CG  1 
ATOM   643  N N   . ILE A 1 84 ? 16.604  10.568  2.766   1.00 44.97  ? 458 ILE A N   1 
ATOM   644  C CA  . ILE A 1 84 ? 15.339  10.816  3.450   1.00 43.89  ? 458 ILE A CA  1 
ATOM   645  C C   . ILE A 1 84 ? 15.252  10.000  4.734   1.00 46.72  ? 458 ILE A C   1 
ATOM   646  O O   . ILE A 1 84 ? 14.847  10.512  5.783   1.00 50.24  ? 458 ILE A O   1 
ATOM   647  C CB  . ILE A 1 84 ? 14.156  10.523  2.510   1.00 44.92  ? 458 ILE A CB  1 
ATOM   648  C CG1 . ILE A 1 84 ? 14.147  11.513  1.343   1.00 44.27  ? 458 ILE A CG1 1 
ATOM   649  C CG2 . ILE A 1 84 ? 12.839  10.583  3.270   1.00 43.41  ? 458 ILE A CG2 1 
ATOM   650  C CD1 . ILE A 1 84 ? 13.155  11.161  0.255   1.00 45.80  ? 458 ILE A CD1 1 
ATOM   651  N N   . LYS A 1 85 ? 15.630  8.718   4.672   1.00 39.74  ? 459 LYS A N   1 
ATOM   652  C CA  . LYS A 1 85 ? 15.550  7.866   5.855   1.00 43.49  ? 459 LYS A CA  1 
ATOM   653  C C   . LYS A 1 85 ? 16.430  8.394   6.982   1.00 45.32  ? 459 LYS A C   1 
ATOM   654  O O   . LYS A 1 85 ? 16.039  8.353   8.154   1.00 45.88  ? 459 LYS A O   1 
ATOM   655  C CB  . LYS A 1 85 ? 15.943  6.431   5.500   1.00 44.23  ? 459 LYS A CB  1 
ATOM   656  C CG  . LYS A 1 85 ? 15.780  5.450   6.652   1.00 47.29  ? 459 LYS A CG  1 
ATOM   657  C CD  . LYS A 1 85 ? 16.162  4.036   6.247   1.00 45.21  ? 459 LYS A CD  1 
ATOM   658  C CE  . LYS A 1 85 ? 15.853  3.045   7.360   1.00 50.09  ? 459 LYS A CE  1 
ATOM   659  N NZ  . LYS A 1 85 ? 16.211  1.648   6.984   1.00 48.96  ? 459 LYS A NZ  1 
ATOM   660  N N   . GLY A 1 86 ? 17.619  8.894   6.647   1.00 42.22  ? 460 GLY A N   1 
ATOM   661  C CA  . GLY A 1 86 ? 18.480  9.463   7.668   1.00 43.99  ? 460 GLY A CA  1 
ATOM   662  C C   . GLY A 1 86 ? 17.893  10.713  8.297   1.00 51.97  ? 460 GLY A C   1 
ATOM   663  O O   . GLY A 1 86 ? 18.047  10.946  9.499   1.00 53.05  ? 460 GLY A O   1 
ATOM   664  N N   . LYS A 1 87 ? 17.207  11.528  7.495   1.00 51.35  ? 461 LYS A N   1 
ATOM   665  C CA  . LYS A 1 87 ? 16.660  12.785  7.991   1.00 53.84  ? 461 LYS A CA  1 
ATOM   666  C C   . LYS A 1 87 ? 15.504  12.579  8.964   1.00 57.62  ? 461 LYS A C   1 
ATOM   667  O O   . LYS A 1 87 ? 15.214  13.479  9.757   1.00 59.35  ? 461 LYS A O   1 
ATOM   668  C CB  . LYS A 1 87 ? 16.207  13.649  6.814   1.00 55.54  ? 461 LYS A CB  1 
ATOM   669  C CG  . LYS A 1 87 ? 16.541  15.123  6.955   1.00 62.37  ? 461 LYS A CG  1 
ATOM   670  C CD  . LYS A 1 87 ? 18.044  15.348  6.930   1.00 55.19  ? 461 LYS A CD  1 
ATOM   671  C CE  . LYS A 1 87 ? 18.385  16.820  7.083   1.00 62.33  ? 461 LYS A CE  1 
ATOM   672  N NZ  . LYS A 1 87 ? 19.854  17.051  7.174   1.00 58.04  ? 461 LYS A NZ  1 
ATOM   673  N N   . LEU A 1 88 ? 14.851  11.420  8.936   1.00 56.04  ? 462 LEU A N   1 
ATOM   674  C CA  . LEU A 1 88 ? 13.757  11.110  9.850   1.00 56.00  ? 462 LEU A CA  1 
ATOM   675  C C   . LEU A 1 88 ? 14.006  9.785   10.553  1.00 51.07  ? 462 LEU A C   1 
ATOM   676  O O   . LEU A 1 88 ? 13.079  9.020   10.833  1.00 54.85  ? 462 LEU A O   1 
ATOM   677  C CB  . LEU A 1 88 ? 12.411  11.107  9.122   1.00 54.91  ? 462 LEU A CB  1 
ATOM   678  C CG  . LEU A 1 88 ? 12.272  10.468  7.734   1.00 53.45  ? 462 LEU A CG  1 
ATOM   679  C CD1 . LEU A 1 88 ? 12.369  8.951   7.772   1.00 48.76  ? 462 LEU A CD1 1 
ATOM   680  C CD2 . LEU A 1 88 ? 10.958  10.898  7.097   1.00 48.90  ? 462 LEU A CD2 1 
ATOM   681  N N   . ILE A 1 89 ? 15.275  9.505   10.862  1.00 51.36  ? 463 ILE A N   1 
ATOM   682  C CA  . ILE A 1 89 ? 15.653  8.227   11.455  1.00 51.12  ? 463 ILE A CA  1 
ATOM   683  C C   . ILE A 1 89 ? 15.010  8.020   12.822  1.00 60.25  ? 463 ILE A C   1 
ATOM   684  O O   . ILE A 1 89 ? 14.887  6.879   13.281  1.00 60.54  ? 463 ILE A O   1 
ATOM   685  C CB  . ILE A 1 89 ? 17.195  8.131   11.534  1.00 54.60  ? 463 ILE A CB  1 
ATOM   686  C CG1 . ILE A 1 89 ? 17.638  6.716   11.916  1.00 58.12  ? 463 ILE A CG1 1 
ATOM   687  C CG2 . ILE A 1 89 ? 17.748  9.155   12.514  1.00 57.55  ? 463 ILE A CG2 1 
ATOM   688  C CD1 . ILE A 1 89 ? 17.136  5.646   10.971  1.00 53.05  ? 463 ILE A CD1 1 
ATOM   689  N N   . ASP A 1 90 ? 14.577  9.096   13.482  1.00 54.31  ? 464 ASP A N   1 
ATOM   690  C CA  . ASP A 1 90 ? 13.980  8.966   14.806  1.00 57.86  ? 464 ASP A CA  1 
ATOM   691  C C   . ASP A 1 90 ? 12.554  8.429   14.767  1.00 54.92  ? 464 ASP A C   1 
ATOM   692  O O   . ASP A 1 90 ? 12.066  7.941   15.793  1.00 58.99  ? 464 ASP A O   1 
ATOM   693  C CB  . ASP A 1 90 ? 14.008  10.313  15.535  1.00 62.63  ? 464 ASP A CB  1 
ATOM   694  C CG  . ASP A 1 90 ? 12.861  11.219  15.137  1.00 70.84  ? 464 ASP A CG  1 
ATOM   695  O OD1 . ASP A 1 90 ? 12.636  11.397  13.923  1.00 71.68  ? 464 ASP A OD1 1 
ATOM   696  O OD2 . ASP A 1 90 ? 12.183  11.752  16.042  1.00 71.60  ? 464 ASP A OD2 1 
ATOM   697  N N   . ILE A 1 91 ? 11.871  8.503   13.621  1.00 53.58  ? 465 ILE A N   1 
ATOM   698  C CA  . ILE A 1 91 ? 10.547  7.906   13.479  1.00 60.19  ? 465 ILE A CA  1 
ATOM   699  C C   . ILE A 1 91 ? 10.597  6.527   12.841  1.00 54.11  ? 465 ILE A C   1 
ATOM   700  O O   . ILE A 1 91 ? 9.546   5.900   12.656  1.00 55.00  ? 465 ILE A O   1 
ATOM   701  C CB  . ILE A 1 91 ? 9.596   8.814   12.672  1.00 53.49  ? 465 ILE A CB  1 
ATOM   702  C CG1 . ILE A 1 91 ? 9.904   8.716   11.176  1.00 55.35  ? 465 ILE A CG1 1 
ATOM   703  C CG2 . ILE A 1 91 ? 9.694   10.253  13.152  1.00 51.87  ? 465 ILE A CG2 1 
ATOM   704  C CD1 . ILE A 1 91 ? 8.798   9.244   10.289  1.00 51.70  ? 465 ILE A CD1 1 
ATOM   705  N N   . VAL A 1 92 ? 11.783  6.030   12.511  1.00 51.65  ? 466 VAL A N   1 
ATOM   706  C CA  . VAL A 1 92 ? 11.923  4.739   11.845  1.00 61.88  ? 466 VAL A CA  1 
ATOM   707  C C   . VAL A 1 92 ? 11.881  3.632   12.889  1.00 62.77  ? 466 VAL A C   1 
ATOM   708  O O   . VAL A 1 92 ? 12.647  3.649   13.859  1.00 58.64  ? 466 VAL A O   1 
ATOM   709  C CB  . VAL A 1 92 ? 13.225  4.683   11.033  1.00 63.97  ? 466 VAL A CB  1 
ATOM   710  C CG1 . VAL A 1 92 ? 13.481  3.267   10.537  1.00 51.19  ? 466 VAL A CG1 1 
ATOM   711  C CG2 . VAL A 1 92 ? 13.166  5.663   9.872   1.00 52.75  ? 466 VAL A CG2 1 
ATOM   712  N N   . SER A 1 93 ? 11.011  2.651   12.678  1.00 61.10  ? 467 SER A N   1 
ATOM   713  C CA  . SER A 1 93 ? 10.857  1.569   13.634  1.00 64.42  ? 467 SER A CA  1 
ATOM   714  C C   . SER A 1 93 ? 11.866  0.466   13.341  1.00 67.12  ? 467 SER A C   1 
ATOM   715  O O   . SER A 1 93 ? 12.235  0.222   12.190  1.00 69.15  ? 467 SER A O   1 
ATOM   716  C CB  . SER A 1 93 ? 9.435   1.005   13.587  1.00 65.26  ? 467 SER A CB  1 
ATOM   717  O OG  . SER A 1 93 ? 9.389   -0.319  14.092  1.00 78.79  ? 467 SER A OG  1 
ATOM   718  N N   . SER A 1 94 ? 12.309  -0.194  14.407  1.00 69.90  ? 468 SER A N   1 
ATOM   719  C CA  . SER A 1 94 ? 13.275  -1.284  14.312  1.00 84.58  ? 468 SER A CA  1 
ATOM   720  C C   . SER A 1 94 ? 12.790  -2.432  13.434  1.00 89.28  ? 468 SER A C   1 
ATOM   721  O O   . SER A 1 94 ? 13.576  -3.296  13.045  1.00 89.64  ? 468 SER A O   1 
ATOM   722  C CB  . SER A 1 94 ? 13.609  -1.810  15.711  1.00 77.37  ? 468 SER A CB  1 
ATOM   723  N N   . SER B 1 2  ? -0.176  -11.314 9.009   1.00 82.03  ? 376 SER B N   1 
ATOM   724  C CA  . SER B 1 2  ? -1.421  -11.878 9.515   1.00 72.20  ? 376 SER B CA  1 
ATOM   725  C C   . SER B 1 2  ? -1.882  -13.046 8.647   1.00 69.78  ? 376 SER B C   1 
ATOM   726  O O   . SER B 1 2  ? -1.113  -13.583 7.848   1.00 69.10  ? 376 SER B O   1 
ATOM   727  C CB  . SER B 1 2  ? -2.510  -10.806 9.577   1.00 69.95  ? 376 SER B CB  1 
ATOM   728  O OG  . SER B 1 2  ? -2.829  -10.328 8.282   1.00 66.31  ? 376 SER B OG  1 
ATOM   729  N N   . MET B 1 3  ? -3.147  -13.432 8.809   1.00 59.51  ? 377 MET B N   1 
ATOM   730  C CA  . MET B 1 3  ? -3.713  -14.538 8.046   1.00 61.72  ? 377 MET B CA  1 
ATOM   731  C C   . MET B 1 3  ? -4.410  -14.089 6.769   1.00 63.83  ? 377 MET B C   1 
ATOM   732  O O   . MET B 1 3  ? -4.455  -14.850 5.797   1.00 68.65  ? 377 MET B O   1 
ATOM   733  C CB  . MET B 1 3  ? -4.712  -15.317 8.906   1.00 64.94  ? 377 MET B CB  1 
ATOM   734  C CG  . MET B 1 3  ? -5.045  -16.690 8.355   1.00 79.40  ? 377 MET B CG  1 
ATOM   735  S SD  . MET B 1 3  ? -6.627  -17.307 8.950   1.00 81.30  ? 377 MET B SD  1 
ATOM   736  C CE  . MET B 1 3  ? -7.745  -16.602 7.742   1.00 58.08  ? 377 MET B CE  1 
ATOM   737  N N   . THR B 1 4  ? -4.950  -12.874 6.751   1.00 56.28  ? 378 THR B N   1 
ATOM   738  C CA  . THR B 1 4  ? -5.753  -12.357 5.654   1.00 55.69  ? 378 THR B CA  1 
ATOM   739  C C   . THR B 1 4  ? -4.916  -11.774 4.520   1.00 54.51  ? 378 THR B C   1 
ATOM   740  O O   . THR B 1 4  ? -5.363  -10.822 3.871   1.00 53.07  ? 378 THR B O   1 
ATOM   741  C CB  . THR B 1 4  ? -6.743  -11.309 6.166   1.00 55.17  ? 378 THR B CB  1 
ATOM   742  O OG1 . THR B 1 4  ? -6.038  -10.258 6.843   1.00 49.87  ? 378 THR B OG1 1 
ATOM   743  C CG2 . THR B 1 4  ? -7.714  -11.959 7.137   1.00 45.64  ? 378 THR B CG2 1 
ATOM   744  N N   . ARG B 1 5  ? -3.754  -12.329 4.251   1.00 56.53  ? 379 ARG B N   1 
ATOM   745  C CA  . ARG B 1 5  ? -2.957  -11.859 3.145   1.00 54.90  ? 379 ARG B CA  1 
ATOM   746  C C   . ARG B 1 5  ? -2.379  -13.019 2.370   1.00 61.35  ? 379 ARG B C   1 
ATOM   747  O O   . ARG B 1 5  ? -2.325  -14.119 2.858   1.00 59.68  ? 379 ARG B O   1 
ATOM   748  C CB  . ARG B 1 5  ? -1.863  -10.924 3.622   1.00 58.80  ? 379 ARG B CB  1 
ATOM   749  C CG  . ARG B 1 5  ? -0.891  -11.524 4.607   1.00 63.45  ? 379 ARG B CG  1 
ATOM   750  C CD  . ARG B 1 5  ? 0.325   -10.645 4.773   1.00 65.17  ? 379 ARG B CD  1 
ATOM   751  N NE  . ARG B 1 5  ? -0.041  -9.370  5.338   1.00 68.65  ? 379 ARG B NE  1 
ATOM   752  C CZ  . ARG B 1 5  ? 0.250   -9.026  6.570   1.00 74.19  ? 379 ARG B CZ  1 
ATOM   753  N NH1 . ARG B 1 5  ? -0.110  -7.860  7.055   1.00 72.21  ? 379 ARG B NH1 1 
ATOM   754  N NH2 . ARG B 1 5  ? 0.904   -9.874  7.314   1.00 77.02  ? 379 ARG B NH2 1 
ATOM   755  N N   . PHE B 1 6  ? -1.959  -12.765 1.144   1.00 60.67  ? 380 PHE B N   1 
ATOM   756  C CA  . PHE B 1 6  ? -1.357  -13.794 0.298   1.00 57.16  ? 380 PHE B CA  1 
ATOM   757  C C   . PHE B 1 6  ? -0.635  -13.138 -0.872  1.00 59.91  ? 380 PHE B C   1 
ATOM   758  O O   . PHE B 1 6  ? -0.919  -11.995 -1.239  1.00 56.10  ? 380 PHE B O   1 
ATOM   759  C CB  . PHE B 1 6  ? -2.395  -14.803 -0.217  1.00 58.94  ? 380 PHE B CB  1 
ATOM   760  C CG  . PHE B 1 6  ? -3.537  -14.181 -0.978  1.00 57.18  ? 380 PHE B CG  1 
ATOM   761  C CD1 . PHE B 1 6  ? -3.423  -13.916 -2.336  1.00 60.60  ? 380 PHE B CD1 1 
ATOM   762  C CD2 . PHE B 1 6  ? -4.731  -13.887 -0.345  1.00 54.59  ? 380 PHE B CD2 1 
ATOM   763  C CE1 . PHE B 1 6  ? -4.472  -13.351 -3.040  1.00 57.87  ? 380 PHE B CE1 1 
ATOM   764  C CE2 . PHE B 1 6  ? -5.786  -13.323 -1.043  1.00 57.53  ? 380 PHE B CE2 1 
ATOM   765  C CZ  . PHE B 1 6  ? -5.655  -13.055 -2.392  1.00 55.54  ? 380 PHE B CZ  1 
ATOM   766  N N   . PHE B 1 7  ? 0.302   -13.886 -1.456  1.00 57.24  ? 381 PHE B N   1 
ATOM   767  C CA  . PHE B 1 7  ? 1.002   -13.469 -2.663  1.00 57.48  ? 381 PHE B CA  1 
ATOM   768  C C   . PHE B 1 7  ? 0.310   -14.028 -3.905  1.00 57.37  ? 381 PHE B C   1 
ATOM   769  O O   . PHE B 1 7  ? -0.263  -15.120 -3.877  1.00 58.99  ? 381 PHE B O   1 
ATOM   770  C CB  . PHE B 1 7  ? 2.460   -13.937 -2.637  1.00 66.35  ? 381 PHE B CB  1 
ATOM   771  C CG  . PHE B 1 7  ? 3.303   -13.257 -1.593  1.00 67.27  ? 381 PHE B CG  1 
ATOM   772  C CD1 . PHE B 1 7  ? 3.903   -12.036 -1.849  1.00 74.64  ? 381 PHE B CD1 1 
ATOM   773  C CD2 . PHE B 1 7  ? 3.502   -13.849 -0.356  1.00 69.47  ? 381 PHE B CD2 1 
ATOM   774  C CE1 . PHE B 1 7  ? 4.682   -11.414 -0.888  1.00 71.35  ? 381 PHE B CE1 1 
ATOM   775  C CE2 . PHE B 1 7  ? 4.279   -13.233 0.608   1.00 73.64  ? 381 PHE B CE2 1 
ATOM   776  C CZ  . PHE B 1 7  ? 4.870   -12.015 0.341   1.00 71.61  ? 381 PHE B CZ  1 
ATOM   777  N N   . THR B 1 8  ? 0.371   -13.271 -4.999  1.00 59.96  ? 382 THR B N   1 
ATOM   778  C CA  . THR B 1 8  ? -0.196  -13.694 -6.272  1.00 63.60  ? 382 THR B CA  1 
ATOM   779  C C   . THR B 1 8  ? 0.900   -14.008 -7.283  1.00 65.05  ? 382 THR B C   1 
ATOM   780  O O   . THR B 1 8  ? 2.064   -13.634 -7.112  1.00 66.30  ? 382 THR B O   1 
ATOM   781  C CB  . THR B 1 8  ? -1.125  -12.624 -6.857  1.00 63.28  ? 382 THR B CB  1 
ATOM   782  O OG1 . THR B 1 8  ? -0.344  -11.606 -7.495  1.00 63.44  ? 382 THR B OG1 1 
ATOM   783  C CG2 . THR B 1 8  ? -1.968  -12.008 -5.771  1.00 64.33  ? 382 THR B CG2 1 
ATOM   784  N N   . LYS B 1 9  ? 0.509   -14.713 -8.342  1.00 68.59  ? 383 LYS B N   1 
ATOM   785  C CA  . LYS B 1 9  ? 1.394   -15.002 -9.462  1.00 66.97  ? 383 LYS B CA  1 
ATOM   786  C C   . LYS B 1 9  ? 1.270   -13.985 -10.589 1.00 74.85  ? 383 LYS B C   1 
ATOM   787  O O   . LYS B 1 9  ? 1.859   -14.187 -11.655 1.00 90.26  ? 383 LYS B O   1 
ATOM   788  C CB  . LYS B 1 9  ? 1.125   -16.404 -10.011 1.00 74.36  ? 383 LYS B CB  1 
ATOM   789  C CG  . LYS B 1 9  ? 1.083   -17.493 -8.961  1.00 73.17  ? 383 LYS B CG  1 
ATOM   790  C CD  . LYS B 1 9  ? 1.014   -18.860 -9.614  1.00 77.20  ? 383 LYS B CD  1 
ATOM   791  C CE  . LYS B 1 9  ? 1.307   -19.962 -8.618  1.00 85.79  ? 383 LYS B CE  1 
ATOM   792  N NZ  . LYS B 1 9  ? 1.393   -21.297 -9.273  1.00 97.28  ? 383 LYS B NZ  1 
ATOM   793  N N   . LEU B 1 10 ? 0.523   -12.907 -10.382 1.00 71.12  ? 384 LEU B N   1 
ATOM   794  C CA  . LEU B 1 10 ? 0.199   -11.949 -11.431 1.00 69.99  ? 384 LEU B CA  1 
ATOM   795  C C   . LEU B 1 10 ? 0.809   -10.592 -11.094 1.00 68.11  ? 384 LEU B C   1 
ATOM   796  O O   . LEU B 1 10 ? 1.387   -10.391 -10.024 1.00 67.00  ? 384 LEU B O   1 
ATOM   797  C CB  . LEU B 1 10 ? -1.320  -11.830 -11.624 1.00 63.25  ? 384 LEU B CB  1 
ATOM   798  C CG  . LEU B 1 10 ? -2.149  -12.895 -12.356 1.00 70.60  ? 384 LEU B CG  1 
ATOM   799  C CD1 . LEU B 1 10 ? -1.752  -14.325 -12.029 1.00 70.03  ? 384 LEU B CD1 1 
ATOM   800  C CD2 . LEU B 1 10 ? -3.622  -12.690 -12.047 1.00 67.10  ? 384 LEU B CD2 1 
ATOM   801  N N   . ASP B 1 11 ? 0.675   -9.654  -12.029 1.00 75.52  ? 385 ASP B N   1 
ATOM   802  C CA  . ASP B 1 11 ? 1.177   -8.299  -11.852 1.00 71.22  ? 385 ASP B CA  1 
ATOM   803  C C   . ASP B 1 11 ? 0.107   -7.423  -11.197 1.00 63.96  ? 385 ASP B C   1 
ATOM   804  O O   . ASP B 1 11 ? -0.949  -7.902  -10.779 1.00 71.30  ? 385 ASP B O   1 
ATOM   805  C CB  . ASP B 1 11 ? 1.673   -7.740  -13.185 1.00 66.77  ? 385 ASP B CB  1 
ATOM   806  C CG  . ASP B 1 11 ? 0.581   -7.644  -14.234 1.00 67.31  ? 385 ASP B CG  1 
ATOM   807  O OD1 . ASP B 1 11 ? -0.504  -7.095  -13.949 1.00 74.78  ? 385 ASP B OD1 1 
ATOM   808  O OD2 . ASP B 1 11 ? 0.820   -8.121  -15.362 1.00 79.39  ? 385 ASP B OD2 1 
ATOM   809  N N   . ALA B 1 12 ? 0.383   -6.118  -11.102 1.00 75.71  ? 386 ALA B N   1 
ATOM   810  C CA  . ALA B 1 12 ? -0.430  -5.237  -10.267 1.00 73.44  ? 386 ALA B CA  1 
ATOM   811  C C   . ALA B 1 12 ? -1.844  -5.087  -10.804 1.00 71.45  ? 386 ALA B C   1 
ATOM   812  O O   . ALA B 1 12 ? -2.813  -5.132  -10.037 1.00 70.31  ? 386 ALA B O   1 
ATOM   813  C CB  . ALA B 1 12 ? 0.242   -3.870  -10.137 1.00 68.71  ? 386 ALA B CB  1 
ATOM   814  N N   . ASP B 1 13 ? -1.988  -4.914  -12.115 1.00 72.17  ? 387 ASP B N   1 
ATOM   815  C CA  . ASP B 1 13 ? -3.313  -4.669  -12.665 1.00 74.43  ? 387 ASP B CA  1 
ATOM   816  C C   . ASP B 1 13 ? -4.082  -5.956  -12.929 1.00 66.73  ? 387 ASP B C   1 
ATOM   817  O O   . ASP B 1 13 ? -5.316  -5.926  -12.965 1.00 65.89  ? 387 ASP B O   1 
ATOM   818  C CB  . ASP B 1 13 ? -3.205  -3.844  -13.950 1.00 70.71  ? 387 ASP B CB  1 
ATOM   819  C CG  . ASP B 1 13 ? -2.710  -2.431  -13.693 1.00 80.19  ? 387 ASP B CG  1 
ATOM   820  O OD1 . ASP B 1 13 ? -2.654  -2.024  -12.512 1.00 79.10  ? 387 ASP B OD1 1 
ATOM   821  O OD2 . ASP B 1 13 ? -2.406  -1.725  -14.677 1.00 89.09  ? 387 ASP B OD2 1 
ATOM   822  N N   . LYS B 1 14 ? -3.387  -7.082  -13.106 1.00 60.68  ? 388 LYS B N   1 
ATOM   823  C CA  . LYS B 1 14 ? -4.074  -8.360  -13.245 1.00 59.90  ? 388 LYS B CA  1 
ATOM   824  C C   . LYS B 1 14 ? -4.439  -8.960  -11.893 1.00 66.58  ? 388 LYS B C   1 
ATOM   825  O O   . LYS B 1 14 ? -5.447  -9.668  -11.788 1.00 69.99  ? 388 LYS B O   1 
ATOM   826  C CB  . LYS B 1 14 ? -3.205  -9.335  -14.038 1.00 60.01  ? 388 LYS B CB  1 
ATOM   827  C CG  . LYS B 1 14 ? -2.823  -8.808  -15.407 1.00 60.83  ? 388 LYS B CG  1 
ATOM   828  C CD  . LYS B 1 14 ? -1.841  -9.725  -16.108 1.00 66.79  ? 388 LYS B CD  1 
ATOM   829  C CE  . LYS B 1 14 ? -1.405  -9.121  -17.431 1.00 67.91  ? 388 LYS B CE  1 
ATOM   830  N NZ  . LYS B 1 14 ? -2.559  -8.573  -18.188 1.00 66.25  ? 388 LYS B NZ  1 
ATOM   831  N N   . SER B 1 15 ? -3.643  -8.694  -10.853 1.00 69.22  ? 389 SER B N   1 
ATOM   832  C CA  . SER B 1 15 ? -4.058  -9.057  -9.502  1.00 64.10  ? 389 SER B CA  1 
ATOM   833  C C   . SER B 1 15 ? -5.199  -8.165  -9.036  1.00 56.79  ? 389 SER B C   1 
ATOM   834  O O   . SER B 1 15 ? -6.138  -8.634  -8.382  1.00 61.22  ? 389 SER B O   1 
ATOM   835  C CB  . SER B 1 15 ? -2.875  -8.969  -8.537  1.00 64.76  ? 389 SER B CB  1 
ATOM   836  O OG  . SER B 1 15 ? -1.906  -9.967  -8.815  1.00 67.19  ? 389 SER B OG  1 
ATOM   837  N N   . TYR B 1 16 ? -5.122  -6.870  -9.349  1.00 56.86  ? 390 TYR B N   1 
ATOM   838  C CA  . TYR B 1 16 ? -6.221  -5.963  -9.042  1.00 61.17  ? 390 TYR B CA  1 
ATOM   839  C C   . TYR B 1 16 ? -7.488  -6.364  -9.783  1.00 64.92  ? 390 TYR B C   1 
ATOM   840  O O   . TYR B 1 16 ? -8.592  -6.289  -9.230  1.00 57.65  ? 390 TYR B O   1 
ATOM   841  C CB  . TYR B 1 16 ? -5.832  -4.529  -9.399  1.00 60.77  ? 390 TYR B CB  1 
ATOM   842  C CG  . TYR B 1 16 ? -6.937  -3.521  -9.194  1.00 64.36  ? 390 TYR B CG  1 
ATOM   843  C CD1 . TYR B 1 16 ? -7.783  -3.161  -10.237 1.00 58.92  ? 390 TYR B CD1 1 
ATOM   844  C CD2 . TYR B 1 16 ? -7.132  -2.922  -7.958  1.00 69.35  ? 390 TYR B CD2 1 
ATOM   845  C CE1 . TYR B 1 16 ? -8.791  -2.239  -10.051 1.00 64.18  ? 390 TYR B CE1 1 
ATOM   846  C CE2 . TYR B 1 16 ? -8.135  -1.998  -7.766  1.00 61.11  ? 390 TYR B CE2 1 
ATOM   847  C CZ  . TYR B 1 16 ? -8.961  -1.661  -8.812  1.00 61.89  ? 390 TYR B CZ  1 
ATOM   848  O OH  . TYR B 1 16 ? -9.962  -0.740  -8.612  1.00 71.54  ? 390 TYR B OH  1 
ATOM   849  N N   . GLN B 1 17 ? -7.350  -6.795  -11.037 1.00 64.16  ? 391 GLN B N   1 
ATOM   850  C CA  . GLN B 1 17 ? -8.529  -7.100  -11.837 1.00 62.60  ? 391 GLN B CA  1 
ATOM   851  C C   . GLN B 1 17 ? -9.190  -8.388  -11.361 1.00 59.22  ? 391 GLN B C   1 
ATOM   852  O O   . GLN B 1 17 ? -10.401 -8.420  -11.120 1.00 58.93  ? 391 GLN B O   1 
ATOM   853  C CB  . GLN B 1 17 ? -8.153  -7.199  -13.315 1.00 67.82  ? 391 GLN B CB  1 
ATOM   854  C CG  . GLN B 1 17 ? -9.347  -7.149  -14.249 1.00 79.36  ? 391 GLN B CG  1 
ATOM   855  C CD  . GLN B 1 17 ? -10.230 -5.942  -13.976 1.00 81.76  ? 391 GLN B CD  1 
ATOM   856  O OE1 . GLN B 1 17 ? -11.454 -6.048  -13.941 1.00 81.85  ? 391 GLN B OE1 1 
ATOM   857  N NE2 . GLN B 1 17 ? -9.610  -4.781  -13.798 1.00 67.48  ? 391 GLN B NE2 1 
ATOM   858  N N   . CYS B 1 18 ? -8.405  -9.460  -11.211 1.00 57.26  ? 392 CYS B N   1 
ATOM   859  C CA  A CYS B 1 18 ? -8.953  -10.719 -10.716 0.58 57.89  ? 392 CYS B CA  1 
ATOM   860  C CA  B CYS B 1 18 ? -8.960  -10.716 -10.721 0.42 59.30  ? 392 CYS B CA  1 
ATOM   861  C C   . CYS B 1 18 ? -9.609  -10.537 -9.356  1.00 58.55  ? 392 CYS B C   1 
ATOM   862  O O   . CYS B 1 18 ? -10.668 -11.111 -9.080  1.00 62.08  ? 392 CYS B O   1 
ATOM   863  C CB  A CYS B 1 18 ? -7.853  -11.778 -10.639 0.58 59.15  ? 392 CYS B CB  1 
ATOM   864  C CB  B CYS B 1 18 ? -7.869  -11.787 -10.662 0.42 60.52  ? 392 CYS B CB  1 
ATOM   865  S SG  A CYS B 1 18 ? -7.457  -12.575 -12.211 0.58 59.84  ? 392 CYS B SG  1 
ATOM   866  S SG  B CYS B 1 18 ? -8.449  -13.418 -10.139 0.42 62.70  ? 392 CYS B SG  1 
ATOM   867  N N   . LEU B 1 19 ? -8.984  -9.737  -8.483  1.00 58.27  ? 393 LEU B N   1 
ATOM   868  C CA  . LEU B 1 19 ? -9.570  -9.463  -7.175  1.00 55.22  ? 393 LEU B CA  1 
ATOM   869  C C   . LEU B 1 19 ? -10.912 -8.758  -7.318  1.00 51.81  ? 393 LEU B C   1 
ATOM   870  O O   . LEU B 1 19 ? -11.872 -9.074  -6.604  1.00 51.27  ? 393 LEU B O   1 
ATOM   871  C CB  . LEU B 1 19 ? -8.607  -8.619  -6.342  1.00 62.78  ? 393 LEU B CB  1 
ATOM   872  C CG  . LEU B 1 19 ? -9.022  -8.215  -4.927  1.00 58.03  ? 393 LEU B CG  1 
ATOM   873  C CD1 . LEU B 1 19 ? -9.368  -9.424  -4.067  1.00 57.29  ? 393 LEU B CD1 1 
ATOM   874  C CD2 . LEU B 1 19 ? -7.909  -7.407  -4.296  1.00 66.80  ? 393 LEU B CD2 1 
ATOM   875  N N   . LYS B 1 20 ? -10.999 -7.802  -8.244  1.00 59.51  ? 394 LYS B N   1 
ATOM   876  C CA  . LYS B 1 20 ? -12.225 -7.029  -8.412  1.00 59.21  ? 394 LYS B CA  1 
ATOM   877  C C   . LYS B 1 20 ? -13.356 -7.894  -8.957  1.00 59.30  ? 394 LYS B C   1 
ATOM   878  O O   . LYS B 1 20 ? -14.489 -7.818  -8.468  1.00 56.96  ? 394 LYS B O   1 
ATOM   879  C CB  . LYS B 1 20 ? -11.965 -5.829  -9.316  1.00 53.81  ? 394 LYS B CB  1 
ATOM   880  C CG  . LYS B 1 20 ? -13.192 -4.983  -9.601  1.00 59.50  ? 394 LYS B CG  1 
ATOM   881  C CD  . LYS B 1 20 ? -12.940 -4.048  -10.767 1.00 62.66  ? 394 LYS B CD  1 
ATOM   882  C CE  . LYS B 1 20 ? -13.963 -2.928  -10.803 1.00 56.92  ? 394 LYS B CE  1 
ATOM   883  N NZ  . LYS B 1 20 ? -13.896 -2.171  -12.083 1.00 64.36  ? 394 LYS B NZ  1 
ATOM   884  N N   . GLU B 1 21 ? -13.069 -8.723  -9.966  1.00 58.75  ? 395 GLU B N   1 
ATOM   885  C CA  . GLU B 1 21 ? -14.109 -9.580  -10.532 1.00 57.61  ? 395 GLU B CA  1 
ATOM   886  C C   . GLU B 1 21 ? -14.601 -10.596 -9.517  1.00 57.47  ? 395 GLU B C   1 
ATOM   887  O O   . GLU B 1 21 ? -15.803 -10.878 -9.444  1.00 53.74  ? 395 GLU B O   1 
ATOM   888  C CB  . GLU B 1 21 ? -13.581 -10.319 -11.762 1.00 57.36  ? 395 GLU B CB  1 
ATOM   889  C CG  . GLU B 1 21 ? -12.782 -9.494  -12.775 1.00 73.54  ? 395 GLU B CG  1 
ATOM   890  C CD  . GLU B 1 21 ? -13.620 -8.539  -13.607 1.00 82.96  ? 395 GLU B CD  1 
ATOM   891  O OE1 . GLU B 1 21 ? -14.799 -8.327  -13.268 1.00 84.62  ? 395 GLU B OE1 1 
ATOM   892  O OE2 . GLU B 1 21 ? -13.084 -8.034  -14.617 1.00 87.33  ? 395 GLU B OE2 1 
ATOM   893  N N   . THR B 1 22 ? -13.684 -11.154 -8.727  1.00 49.07  ? 396 THR B N   1 
ATOM   894  C CA  . THR B 1 22 ? -14.052 -12.146 -7.724  1.00 47.67  ? 396 THR B CA  1 
ATOM   895  C C   . THR B 1 22 ? -14.983 -11.559 -6.670  1.00 53.42  ? 396 THR B C   1 
ATOM   896  O O   . THR B 1 22 ? -15.983 -12.186 -6.298  1.00 52.97  ? 396 THR B O   1 
ATOM   897  C CB  . THR B 1 22 ? -12.784 -12.712 -7.081  1.00 49.64  ? 396 THR B CB  1 
ATOM   898  O OG1 . THR B 1 22 ? -12.068 -13.496 -8.043  1.00 52.62  ? 396 THR B OG1 1 
ATOM   899  C CG2 . THR B 1 22 ? -13.123 -13.580 -5.885  1.00 45.52  ? 396 THR B CG2 1 
ATOM   900  N N   . CYS B 1 23 ? -14.683 -10.352 -6.186  1.00 45.65  ? 397 CYS B N   1 
ATOM   901  C CA  . CYS B 1 23 ? -15.522 -9.733  -5.163  1.00 52.89  ? 397 CYS B CA  1 
ATOM   902  C C   . CYS B 1 23 ? -16.871 -9.304  -5.727  1.00 48.46  ? 397 CYS B C   1 
ATOM   903  O O   . CYS B 1 23 ? -17.894 -9.388  -5.036  1.00 56.51  ? 397 CYS B O   1 
ATOM   904  C CB  . CYS B 1 23 ? -14.792 -8.543  -4.545  1.00 50.30  ? 397 CYS B CB  1 
ATOM   905  S SG  . CYS B 1 23 ? -13.297 -8.999  -3.639  1.00 55.79  ? 397 CYS B SG  1 
ATOM   906  N N   . GLU B 1 24 ? -16.899 -8.836  -6.976  1.00 46.68  ? 398 GLU B N   1 
ATOM   907  C CA  . GLU B 1 24 ? -18.166 -8.436  -7.579  1.00 56.51  ? 398 GLU B CA  1 
ATOM   908  C C   . GLU B 1 24 ? -19.072 -9.634  -7.826  1.00 57.60  ? 398 GLU B C   1 
ATOM   909  O O   . GLU B 1 24 ? -20.299 -9.511  -7.738  1.00 57.12  ? 398 GLU B O   1 
ATOM   910  C CB  . GLU B 1 24 ? -17.912 -7.668  -8.876  1.00 49.92  ? 398 GLU B CB  1 
ATOM   911  C CG  . GLU B 1 24 ? -17.347 -6.275  -8.652  1.00 59.46  ? 398 GLU B CG  1 
ATOM   912  C CD  . GLU B 1 24 ? -16.940 -5.588  -9.940  1.00 64.64  ? 398 GLU B CD  1 
ATOM   913  O OE1 . GLU B 1 24 ? -16.796 -6.282  -10.968 1.00 66.87  ? 398 GLU B OE1 1 
ATOM   914  O OE2 . GLU B 1 24 ? -16.761 -4.353  -9.922  1.00 67.65  ? 398 GLU B OE2 1 
ATOM   915  N N   . LYS B 1 25 ? -18.493 -10.799 -8.133  1.00 56.30  ? 399 LYS B N   1 
ATOM   916  C CA  . LYS B 1 25 ? -19.304 -12.003 -8.278  1.00 49.48  ? 399 LYS B CA  1 
ATOM   917  C C   . LYS B 1 25 ? -19.829 -12.490 -6.935  1.00 51.36  ? 399 LYS B C   1 
ATOM   918  O O   . LYS B 1 25 ? -20.906 -13.092 -6.874  1.00 49.28  ? 399 LYS B O   1 
ATOM   919  C CB  . LYS B 1 25 ? -18.496 -13.107 -8.962  1.00 47.75  ? 399 LYS B CB  1 
ATOM   920  C CG  . LYS B 1 25 ? -18.242 -12.867 -10.438 1.00 61.90  ? 399 LYS B CG  1 
ATOM   921  C CD  . LYS B 1 25 ? -17.619 -14.088 -11.091 1.00 67.02  ? 399 LYS B CD  1 
ATOM   922  C CE  . LYS B 1 25 ? -17.483 -13.899 -12.593 1.00 70.70  ? 399 LYS B CE  1 
ATOM   923  N NZ  . LYS B 1 25 ? -17.459 -15.202 -13.313 1.00 77.55  ? 399 LYS B NZ  1 
ATOM   924  N N   . LEU B 1 26 ? -19.088 -12.245 -5.854  1.00 56.65  ? 400 LEU B N   1 
ATOM   925  C CA  . LEU B 1 26 ? -19.555 -12.587 -4.518  1.00 55.70  ? 400 LEU B CA  1 
ATOM   926  C C   . LEU B 1 26 ? -20.590 -11.608 -3.981  1.00 47.35  ? 400 LEU B C   1 
ATOM   927  O O   . LEU B 1 26 ? -21.154 -11.855 -2.910  1.00 52.38  ? 400 LEU B O   1 
ATOM   928  C CB  . LEU B 1 26 ? -18.370 -12.663 -3.552  1.00 55.74  ? 400 LEU B CB  1 
ATOM   929  C CG  . LEU B 1 26 ? -17.338 -13.760 -3.830  1.00 53.12  ? 400 LEU B CG  1 
ATOM   930  C CD1 . LEU B 1 26 ? -16.149 -13.627 -2.891  1.00 54.77  ? 400 LEU B CD1 1 
ATOM   931  C CD2 . LEU B 1 26 ? -17.971 -15.138 -3.710  1.00 53.97  ? 400 LEU B CD2 1 
ATOM   932  N N   . GLY B 1 27 ? -20.847 -10.512 -4.687  1.00 50.71  ? 401 GLY B N   1 
ATOM   933  C CA  . GLY B 1 27 ? -21.830 -9.548  -4.243  1.00 56.59  ? 401 GLY B CA  1 
ATOM   934  C C   . GLY B 1 27 ? -21.308 -8.496  -3.295  1.00 60.02  ? 401 GLY B C   1 
ATOM   935  O O   . GLY B 1 27 ? -22.111 -7.844  -2.616  1.00 57.32  ? 401 GLY B O   1 
ATOM   936  N N   . TYR B 1 28 ? -19.994 -8.306  -3.223  1.00 51.59  ? 402 TYR B N   1 
ATOM   937  C CA  . TYR B 1 28 ? -19.409 -7.305  -2.344  1.00 48.96  ? 402 TYR B CA  1 
ATOM   938  C C   . TYR B 1 28 ? -19.245 -5.994  -3.097  1.00 53.01  ? 402 TYR B C   1 
ATOM   939  O O   . TYR B 1 28 ? -18.889 -5.983  -4.279  1.00 58.61  ? 402 TYR B O   1 
ATOM   940  C CB  . TYR B 1 28 ? -18.048 -7.761  -1.809  1.00 51.98  ? 402 TYR B CB  1 
ATOM   941  C CG  . TYR B 1 28 ? -18.024 -9.133  -1.165  1.00 56.26  ? 402 TYR B CG  1 
ATOM   942  C CD1 . TYR B 1 28 ? -19.178 -9.712  -0.651  1.00 63.92  ? 402 TYR B CD1 1 
ATOM   943  C CD2 . TYR B 1 28 ? -16.835 -9.843  -1.060  1.00 49.85  ? 402 TYR B CD2 1 
ATOM   944  C CE1 . TYR B 1 28 ? -19.148 -10.965 -0.062  1.00 59.31  ? 402 TYR B CE1 1 
ATOM   945  C CE2 . TYR B 1 28 ? -16.794 -11.092 -0.473  1.00 52.53  ? 402 TYR B CE2 1 
ATOM   946  C CZ  . TYR B 1 28 ? -17.953 -11.649 0.024   1.00 58.14  ? 402 TYR B CZ  1 
ATOM   947  O OH  . TYR B 1 28 ? -17.916 -12.894 0.610   1.00 63.42  ? 402 TYR B OH  1 
ATOM   948  N N   . GLN B 1 29 ? -19.513 -4.888  -2.409  1.00 54.32  ? 403 GLN B N   1 
ATOM   949  C CA  . GLN B 1 29 ? -19.307 -3.578  -3.008  1.00 52.02  ? 403 GLN B CA  1 
ATOM   950  C C   . GLN B 1 29 ? -17.818 -3.285  -3.135  1.00 58.45  ? 403 GLN B C   1 
ATOM   951  O O   . GLN B 1 29 ? -17.033 -3.545  -2.218  1.00 58.63  ? 403 GLN B O   1 
ATOM   952  C CB  . GLN B 1 29 ? -19.997 -2.496  -2.180  1.00 56.01  ? 403 GLN B CB  1 
ATOM   953  C CG  . GLN B 1 29 ? -21.375 -2.119  -2.692  1.00 54.80  ? 403 GLN B CG  1 
ATOM   954  C CD  . GLN B 1 29 ? -22.258 -3.327  -2.932  1.00 66.56  ? 403 GLN B CD  1 
ATOM   955  O OE1 . GLN B 1 29 ? -22.355 -4.221  -2.092  1.00 67.14  ? 403 GLN B OE1 1 
ATOM   956  N NE2 . GLN B 1 29 ? -22.904 -3.361  -4.089  1.00 64.43  ? 403 GLN B NE2 1 
ATOM   957  N N   . TRP B 1 30 ? -17.434 -2.732  -4.282  1.00 58.72  ? 404 TRP B N   1 
ATOM   958  C CA  . TRP B 1 30 ? -16.038 -2.502  -4.638  1.00 61.36  ? 404 TRP B CA  1 
ATOM   959  C C   . TRP B 1 30 ? -15.853 -1.008  -4.867  1.00 65.14  ? 404 TRP B C   1 
ATOM   960  O O   . TRP B 1 30 ? -16.324 -0.467  -5.873  1.00 70.63  ? 404 TRP B O   1 
ATOM   961  C CB  . TRP B 1 30 ? -15.659 -3.311  -5.879  1.00 61.00  ? 404 TRP B CB  1 
ATOM   962  C CG  . TRP B 1 30 ? -14.250 -3.124  -6.352  1.00 58.82  ? 404 TRP B CG  1 
ATOM   963  C CD1 . TRP B 1 30 ? -13.795 -2.172  -7.217  1.00 64.09  ? 404 TRP B CD1 1 
ATOM   964  C CD2 . TRP B 1 30 ? -13.115 -3.928  -6.009  1.00 58.78  ? 404 TRP B CD2 1 
ATOM   965  N NE1 . TRP B 1 30 ? -12.445 -2.326  -7.424  1.00 62.97  ? 404 TRP B NE1 1 
ATOM   966  C CE2 . TRP B 1 30 ? -12.004 -3.397  -6.694  1.00 61.42  ? 404 TRP B CE2 1 
ATOM   967  C CE3 . TRP B 1 30 ? -12.929 -5.042  -5.182  1.00 57.16  ? 404 TRP B CE3 1 
ATOM   968  C CZ2 . TRP B 1 30 ? -10.727 -3.943  -6.580  1.00 56.59  ? 404 TRP B CZ2 1 
ATOM   969  C CZ3 . TRP B 1 30 ? -11.660 -5.580  -5.070  1.00 57.76  ? 404 TRP B CZ3 1 
ATOM   970  C CH2 . TRP B 1 30 ? -10.575 -5.029  -5.764  1.00 58.53  ? 404 TRP B CH2 1 
ATOM   971  N N   . LYS B 1 31 ? -15.167 -0.347  -3.939  1.00 68.61  ? 405 LYS B N   1 
ATOM   972  C CA  . LYS B 1 31 ? -14.915 1.086   -4.014  1.00 66.54  ? 405 LYS B CA  1 
ATOM   973  C C   . LYS B 1 31 ? -13.418 1.322   -4.133  1.00 67.47  ? 405 LYS B C   1 
ATOM   974  O O   . LYS B 1 31 ? -12.628 0.733   -3.386  1.00 74.38  ? 405 LYS B O   1 
ATOM   975  C CB  . LYS B 1 31 ? -15.473 1.812   -2.787  1.00 65.87  ? 405 LYS B CB  1 
ATOM   976  N N   . LYS B 1 32 ? -13.039 2.183   -5.071  1.00 80.22  ? 406 LYS B N   1 
ATOM   977  C CA  . LYS B 1 32 ? -11.645 2.420   -5.411  1.00 71.39  ? 406 LYS B CA  1 
ATOM   978  C C   . LYS B 1 32 ? -11.128 3.654   -4.681  1.00 80.64  ? 406 LYS B C   1 
ATOM   979  O O   . LYS B 1 32 ? -11.705 4.741   -4.797  1.00 73.31  ? 406 LYS B O   1 
ATOM   980  C CB  . LYS B 1 32 ? -11.491 2.586   -6.925  1.00 76.58  ? 406 LYS B CB  1 
ATOM   981  C CG  . LYS B 1 32 ? -10.109 3.000   -7.393  1.00 80.80  ? 406 LYS B CG  1 
ATOM   982  C CD  . LYS B 1 32 ? -9.989  2.849   -8.903  1.00 77.45  ? 406 LYS B CD  1 
ATOM   983  C CE  . LYS B 1 32 ? -8.542  2.940   -9.356  1.00 83.69  ? 406 LYS B CE  1 
ATOM   984  N NZ  . LYS B 1 32 ? -8.376  2.508   -10.771 1.00 90.40  ? 406 LYS B NZ  1 
ATOM   985  N N   . SER B 1 33 ? -10.052 3.469   -3.918  1.00 83.47  ? 407 SER B N   1 
ATOM   986  C CA  A SER B 1 33 ? -9.360  4.553   -3.232  0.72 77.79  ? 407 SER B CA  1 
ATOM   987  C CA  B SER B 1 33 ? -9.360  4.553   -3.231  0.28 78.11  ? 407 SER B CA  1 
ATOM   988  C C   . SER B 1 33 ? -8.099  4.994   -3.961  1.00 82.43  ? 407 SER B C   1 
ATOM   989  O O   . SER B 1 33 ? -7.863  6.193   -4.118  1.00 87.30  ? 407 SER B O   1 
ATOM   990  C CB  A SER B 1 33 ? -9.006  4.127   -1.801  0.72 77.17  ? 407 SER B CB  1 
ATOM   991  C CB  B SER B 1 33 ? -8.990  4.129   -1.806  0.28 77.17  ? 407 SER B CB  1 
ATOM   992  O OG  A SER B 1 33 ? -8.399  5.187   -1.083  0.72 75.90  ? 407 SER B OG  1 
ATOM   993  O OG  B SER B 1 33 ? -10.143 3.798   -1.054  0.28 73.62  ? 407 SER B OG  1 
ATOM   994  N N   . CYS B 1 34 ? -7.288  4.047   -4.412  1.00 87.26  ? 408 CYS B N   1 
ATOM   995  C CA  . CYS B 1 34 ? -6.097  4.337   -5.191  1.00 82.86  ? 408 CYS B CA  1 
ATOM   996  C C   . CYS B 1 34 ? -6.002  3.268   -6.276  1.00 84.08  ? 408 CYS B C   1 
ATOM   997  O O   . CYS B 1 34 ? -6.872  2.404   -6.394  1.00 89.16  ? 408 CYS B O   1 
ATOM   998  C CB  . CYS B 1 34 ? -4.845  4.355   -4.302  1.00 88.32  ? 408 CYS B CB  1 
ATOM   999  S SG  . CYS B 1 34 ? -4.736  5.539   -2.908  1.00 107.57 ? 408 CYS B SG  1 
ATOM   1000 N N   . MET B 1 35 ? -4.931  3.322   -7.071  1.00 80.79  ? 409 MET B N   1 
ATOM   1001 C CA  . MET B 1 35 ? -4.695  2.291   -8.080  1.00 87.93  ? 409 MET B CA  1 
ATOM   1002 C C   . MET B 1 35 ? -4.392  0.938   -7.451  1.00 91.46  ? 409 MET B C   1 
ATOM   1003 O O   . MET B 1 35 ? -4.270  -0.057  -8.176  1.00 89.41  ? 409 MET B O   1 
ATOM   1004 C CB  . MET B 1 35 ? -3.554  2.702   -9.012  1.00 86.88  ? 409 MET B CB  1 
ATOM   1005 N N   . ASN B 1 36 ? -4.252  0.890   -6.119  1.00 84.95  ? 410 ASN B N   1 
ATOM   1006 C CA  . ASN B 1 36 ? -4.016  -0.363  -5.412  1.00 79.45  ? 410 ASN B CA  1 
ATOM   1007 C C   . ASN B 1 36 ? -4.532  -0.305  -3.974  1.00 76.18  ? 410 ASN B C   1 
ATOM   1008 O O   . ASN B 1 36 ? -4.035  -1.052  -3.121  1.00 71.97  ? 410 ASN B O   1 
ATOM   1009 C CB  . ASN B 1 36 ? -2.518  -0.706  -5.397  1.00 79.52  ? 410 ASN B CB  1 
ATOM   1010 N N   . GLN B 1 37 ? -5.531  0.531   -3.693  1.00 72.13  ? 411 GLN B N   1 
ATOM   1011 C CA  . GLN B 1 37 ? -6.166  0.614   -2.385  1.00 70.61  ? 411 GLN B CA  1 
ATOM   1012 C C   . GLN B 1 37 ? -7.667  0.576   -2.626  1.00 72.53  ? 411 GLN B C   1 
ATOM   1013 O O   . GLN B 1 37 ? -8.202  1.407   -3.369  1.00 72.51  ? 411 GLN B O   1 
ATOM   1014 C CB  . GLN B 1 37 ? -5.765  1.896   -1.647  1.00 71.18  ? 411 GLN B CB  1 
ATOM   1015 C CG  . GLN B 1 37 ? -4.600  1.721   -0.687  1.00 78.41  ? 411 GLN B CG  1 
ATOM   1016 C CD  . GLN B 1 37 ? -4.316  2.958   0.152   1.00 81.88  ? 411 GLN B CD  1 
ATOM   1017 O OE1 . GLN B 1 37 ? -3.417  2.949   0.990   1.00 84.89  ? 411 GLN B OE1 1 
ATOM   1018 N NE2 . GLN B 1 37 ? -5.068  4.024   -0.079  1.00 79.46  ? 411 GLN B NE2 1 
ATOM   1019 N N   . VAL B 1 38 ? -8.341  -0.389  -2.010  1.00 60.82  ? 412 VAL B N   1 
ATOM   1020 C CA  . VAL B 1 38 ? -9.745  -0.652  -2.297  1.00 61.76  ? 412 VAL B CA  1 
ATOM   1021 C C   . VAL B 1 38 ? -10.467 -0.937  -0.989  1.00 53.08  ? 412 VAL B C   1 
ATOM   1022 O O   . VAL B 1 38 ? -9.954  -1.657  -0.128  1.00 49.69  ? 412 VAL B O   1 
ATOM   1023 C CB  . VAL B 1 38 ? -9.892  -1.832  -3.285  1.00 63.80  ? 412 VAL B CB  1 
ATOM   1024 C CG1 . VAL B 1 38 ? -11.328 -2.326  -3.351  1.00 60.21  ? 412 VAL B CG1 1 
ATOM   1025 C CG2 . VAL B 1 38 ? -9.399  -1.420  -4.652  1.00 67.05  ? 412 VAL B CG2 1 
ATOM   1026 N N   . THR B 1 39 ? -11.655 -0.358  -0.839  1.00 54.00  ? 413 THR B N   1 
ATOM   1027 C CA  . THR B 1 39 ? -12.531 -0.655  0.283   1.00 54.62  ? 413 THR B CA  1 
ATOM   1028 C C   . THR B 1 39 ? -13.599 -1.624  -0.206  1.00 49.55  ? 413 THR B C   1 
ATOM   1029 O O   . THR B 1 39 ? -14.263 -1.364  -1.214  1.00 57.98  ? 413 THR B O   1 
ATOM   1030 C CB  . THR B 1 39 ? -13.170 0.618   0.846   1.00 55.68  ? 413 THR B CB  1 
ATOM   1031 O OG1 . THR B 1 39 ? -12.143 1.530   1.254   1.00 60.97  ? 413 THR B OG1 1 
ATOM   1032 C CG2 . THR B 1 39 ? -14.054 0.299   2.051   1.00 47.81  ? 413 THR B CG2 1 
ATOM   1033 N N   . ILE B 1 40 ? -13.749 -2.742  0.495   1.00 49.18  ? 414 ILE B N   1 
ATOM   1034 C CA  . ILE B 1 40 ? -14.712 -3.774  0.137   1.00 47.27  ? 414 ILE B CA  1 
ATOM   1035 C C   . ILE B 1 40 ? -15.726 -3.860  1.265   1.00 52.37  ? 414 ILE B C   1 
ATOM   1036 O O   . ILE B 1 40 ? -15.348 -3.928  2.440   1.00 52.19  ? 414 ILE B O   1 
ATOM   1037 C CB  . ILE B 1 40 ? -14.024 -5.133  -0.101  1.00 46.12  ? 414 ILE B CB  1 
ATOM   1038 C CG1 . ILE B 1 40 ? -13.016 -5.029  -1.248  1.00 51.46  ? 414 ILE B CG1 1 
ATOM   1039 C CG2 . ILE B 1 40 ? -15.055 -6.216  -0.386  1.00 59.16  ? 414 ILE B CG2 1 
ATOM   1040 C CD1 . ILE B 1 40 ? -12.244 -6.308  -1.497  1.00 52.12  ? 414 ILE B CD1 1 
ATOM   1041 N N   . SER B 1 41 ? -17.008 -3.851  0.913   1.00 53.46  ? 415 SER B N   1 
ATOM   1042 C CA  . SER B 1 41 ? -18.068 -3.789  1.905   1.00 56.16  ? 415 SER B CA  1 
ATOM   1043 C C   . SER B 1 41 ? -19.177 -4.760  1.536   1.00 58.16  ? 415 SER B C   1 
ATOM   1044 O O   . SER B 1 41 ? -19.435 -5.017  0.358   1.00 50.70  ? 415 SER B O   1 
ATOM   1045 C CB  . SER B 1 41 ? -18.633 -2.369  2.041   1.00 51.58  ? 415 SER B CB  1 
ATOM   1046 O OG  . SER B 1 41 ? -19.173 -1.917  0.814   1.00 64.52  ? 415 SER B OG  1 
ATOM   1047 N N   . THR B 1 42 ? -19.827 -5.301  2.562   1.00 56.79  ? 416 THR B N   1 
ATOM   1048 C CA  . THR B 1 42 ? -20.943 -6.221  2.387   1.00 61.72  ? 416 THR B CA  1 
ATOM   1049 C C   . THR B 1 42 ? -21.725 -6.271  3.694   1.00 67.82  ? 416 THR B C   1 
ATOM   1050 O O   . THR B 1 42 ? -21.377 -5.610  4.677   1.00 62.81  ? 416 THR B O   1 
ATOM   1051 C CB  . THR B 1 42 ? -20.462 -7.613  1.967   1.00 56.32  ? 416 THR B CB  1 
ATOM   1052 O OG1 . THR B 1 42 ? -21.590 -8.421  1.607   1.00 60.18  ? 416 THR B OG1 1 
ATOM   1053 C CG2 . THR B 1 42 ? -19.707 -8.284  3.106   1.00 54.00  ? 416 THR B CG2 1 
ATOM   1054 N N   . THR B 1 43 ? -22.790 -7.068  3.696   1.00 66.22  ? 417 THR B N   1 
ATOM   1055 C CA  . THR B 1 43 ? -23.653 -7.256  4.860   1.00 69.59  ? 417 THR B CA  1 
ATOM   1056 C C   . THR B 1 43 ? -23.652 -8.736  5.217   1.00 76.43  ? 417 THR B C   1 
ATOM   1057 O O   . THR B 1 43 ? -24.131 -9.570  4.439   1.00 79.63  ? 417 THR B O   1 
ATOM   1058 C CB  . THR B 1 43 ? -25.067 -6.744  4.588   1.00 77.88  ? 417 THR B CB  1 
ATOM   1059 O OG1 . THR B 1 43 ? -25.476 -7.136  3.272   1.00 81.89  ? 417 THR B OG1 1 
ATOM   1060 C CG2 . THR B 1 43 ? -25.108 -5.226  4.698   1.00 65.71  ? 417 THR B CG2 1 
ATOM   1061 N N   . ASP B 1 44 ? -23.118 -9.058  6.394   1.00 69.24  ? 418 ASP B N   1 
ATOM   1062 C CA  . ASP B 1 44 ? -22.845 -10.434 6.778   1.00 71.23  ? 418 ASP B CA  1 
ATOM   1063 C C   . ASP B 1 44 ? -24.089 -11.118 7.347   1.00 85.69  ? 418 ASP B C   1 
ATOM   1064 O O   . ASP B 1 44 ? -25.192 -10.564 7.364   1.00 80.67  ? 418 ASP B O   1 
ATOM   1065 C CB  . ASP B 1 44 ? -21.683 -10.487 7.772   1.00 77.20  ? 418 ASP B CB  1 
ATOM   1066 C CG  . ASP B 1 44 ? -22.063 -9.999  9.166   1.00 83.33  ? 418 ASP B CG  1 
ATOM   1067 O OD1 . ASP B 1 44 ? -21.300 -10.287 10.112  1.00 73.64  ? 418 ASP B OD1 1 
ATOM   1068 O OD2 . ASP B 1 44 ? -23.125 -9.359  9.334   1.00 84.70  ? 418 ASP B OD2 1 
ATOM   1069 N N   . ARG B 1 45 ? -23.889 -12.368 7.784   1.00 85.56  ? 419 ARG B N   1 
ATOM   1070 C CA  . ARG B 1 45 ? -24.958 -13.245 8.258   1.00 80.75  ? 419 ARG B CA  1 
ATOM   1071 C C   . ARG B 1 45 ? -25.966 -12.554 9.174   1.00 90.97  ? 419 ARG B C   1 
ATOM   1072 O O   . ARG B 1 45 ? -27.178 -12.632 8.951   1.00 93.11  ? 419 ARG B O   1 
ATOM   1073 C CB  . ARG B 1 45 ? -24.337 -14.447 8.975   1.00 78.79  ? 419 ARG B CB  1 
ATOM   1074 N N   . ARG B 1 46 ? -25.486 -11.882 10.221  1.00 90.24  ? 420 ARG B N   1 
ATOM   1075 C CA  . ARG B 1 46 ? -26.377 -11.200 11.152  1.00 88.65  ? 420 ARG B CA  1 
ATOM   1076 C C   . ARG B 1 46 ? -26.835 -9.837  10.641  1.00 90.75  ? 420 ARG B C   1 
ATOM   1077 O O   . ARG B 1 46 ? -27.292 -9.011  11.439  1.00 89.05  ? 420 ARG B O   1 
ATOM   1078 C CB  . ARG B 1 46 ? -25.690 -11.039 12.513  1.00 84.78  ? 420 ARG B CB  1 
ATOM   1079 N N   . ASN B 1 47 ? -26.725 -9.599  9.332   1.00 89.26  ? 421 ASN B N   1 
ATOM   1080 C CA  . ASN B 1 47 ? -27.204 -8.382  8.683   1.00 84.68  ? 421 ASN B CA  1 
ATOM   1081 C C   . ASN B 1 47 ? -26.482 -7.142  9.199   1.00 84.07  ? 421 ASN B C   1 
ATOM   1082 O O   . ASN B 1 47 ? -27.041 -6.042  9.197   1.00 83.78  ? 421 ASN B O   1 
ATOM   1083 C CB  . ASN B 1 47 ? -28.720 -8.216  8.827   1.00 83.83  ? 421 ASN B CB  1 
ATOM   1084 C CG  . ASN B 1 47 ? -29.379 -7.767  7.537   1.00 91.44  ? 421 ASN B CG  1 
ATOM   1085 O OD1 . ASN B 1 47 ? -29.102 -8.310  6.466   1.00 89.93  ? 421 ASN B OD1 1 
ATOM   1086 N ND2 . ASN B 1 47 ? -30.242 -6.762  7.627   1.00 87.09  ? 421 ASN B ND2 1 
ATOM   1087 N N   . ASN B 1 48 ? -25.240 -7.311  9.643   1.00 82.13  ? 422 ASN B N   1 
ATOM   1088 C CA  . ASN B 1 48 ? -24.385 -6.201  10.029  1.00 70.93  ? 422 ASN B CA  1 
ATOM   1089 C C   . ASN B 1 48 ? -23.397 -5.897  8.913   1.00 68.05  ? 422 ASN B C   1 
ATOM   1090 O O   . ASN B 1 48 ? -22.945 -6.791  8.194   1.00 66.51  ? 422 ASN B O   1 
ATOM   1091 C CB  . ASN B 1 48 ? -23.629 -6.500  11.327  1.00 71.57  ? 422 ASN B CB  1 
ATOM   1092 C CG  . ASN B 1 48 ? -24.439 -6.164  12.563  1.00 80.92  ? 422 ASN B CG  1 
ATOM   1093 O OD1 . ASN B 1 48 ? -24.590 -6.987  13.466  1.00 78.37  ? 422 ASN B OD1 1 
ATOM   1094 N ND2 . ASN B 1 48 ? -24.953 -4.939  12.617  1.00 79.09  ? 422 ASN B ND2 1 
ATOM   1095 N N   . LYS B 1 49 ? -23.058 -4.618  8.781   1.00 74.93  ? 423 LYS B N   1 
ATOM   1096 C CA  . LYS B 1 49 ? -22.167 -4.189  7.714   1.00 64.84  ? 423 LYS B CA  1 
ATOM   1097 C C   . LYS B 1 49 ? -20.748 -4.675  7.978   1.00 63.48  ? 423 LYS B C   1 
ATOM   1098 O O   . LYS B 1 49 ? -20.213 -4.506  9.078   1.00 64.38  ? 423 LYS B O   1 
ATOM   1099 C CB  . LYS B 1 49 ? -22.191 -2.668  7.584   1.00 56.84  ? 423 LYS B CB  1 
ATOM   1100 N N   . LEU B 1 50 ? -20.141 -5.280  6.962   1.00 57.47  ? 424 LEU B N   1 
ATOM   1101 C CA  . LEU B 1 50 ? -18.764 -5.752  7.023   1.00 56.00  ? 424 LEU B CA  1 
ATOM   1102 C C   . LEU B 1 50 ? -17.960 -4.974  5.996   1.00 59.34  ? 424 LEU B C   1 
ATOM   1103 O O   . LEU B 1 50 ? -18.256 -5.033  4.797   1.00 56.47  ? 424 LEU B O   1 
ATOM   1104 C CB  . LEU B 1 50 ? -18.680 -7.256  6.755   1.00 57.06  ? 424 LEU B CB  1 
ATOM   1105 C CG  . LEU B 1 50 ? -17.279 -7.872  6.723   1.00 63.13  ? 424 LEU B CG  1 
ATOM   1106 C CD1 . LEU B 1 50 ? -16.482 -7.482  7.960   1.00 58.65  ? 424 LEU B CD1 1 
ATOM   1107 C CD2 . LEU B 1 50 ? -17.361 -9.386  6.592   1.00 48.94  ? 424 LEU B CD2 1 
ATOM   1108 N N   . ILE B 1 51 ? -16.953 -4.244  6.464   1.00 55.42  ? 425 ILE B N   1 
ATOM   1109 C CA  . ILE B 1 51 ? -16.130 -3.389  5.621   1.00 50.35  ? 425 ILE B CA  1 
ATOM   1110 C C   . ILE B 1 51 ? -14.668 -3.710  5.889   1.00 54.19  ? 425 ILE B C   1 
ATOM   1111 O O   . ILE B 1 51 ? -14.230 -3.697  7.045   1.00 54.46  ? 425 ILE B O   1 
ATOM   1112 C CB  . ILE B 1 51 ? -16.405 -1.895  5.879   1.00 50.19  ? 425 ILE B CB  1 
ATOM   1113 C CG1 . ILE B 1 51 ? -17.871 -1.556  5.599   1.00 55.47  ? 425 ILE B CG1 1 
ATOM   1114 C CG2 . ILE B 1 51 ? -15.481 -1.030  5.041   1.00 47.54  ? 425 ILE B CG2 1 
ATOM   1115 C CD1 . ILE B 1 51 ? -18.192 -0.085  5.747   1.00 60.06  ? 425 ILE B CD1 1 
ATOM   1116 N N   . PHE B 1 52 ? -13.919 -4.004  4.830   1.00 51.52  ? 426 PHE B N   1 
ATOM   1117 C CA  . PHE B 1 52 ? -12.484 -4.203  4.947   1.00 52.14  ? 426 PHE B CA  1 
ATOM   1118 C C   . PHE B 1 52 ? -11.794 -3.627  3.720   1.00 48.43  ? 426 PHE B C   1 
ATOM   1119 O O   . PHE B 1 52 ? -12.385 -3.535  2.640   1.00 53.57  ? 426 PHE B O   1 
ATOM   1120 C CB  . PHE B 1 52 ? -12.120 -5.688  5.130   1.00 54.79  ? 426 PHE B CB  1 
ATOM   1121 C CG  . PHE B 1 52 ? -12.781 -6.615  4.147   1.00 51.75  ? 426 PHE B CG  1 
ATOM   1122 C CD1 . PHE B 1 52 ? -12.185 -6.896  2.929   1.00 57.19  ? 426 PHE B CD1 1 
ATOM   1123 C CD2 . PHE B 1 52 ? -13.987 -7.226  4.453   1.00 50.48  ? 426 PHE B CD2 1 
ATOM   1124 C CE1 . PHE B 1 52 ? -12.784 -7.757  2.027   1.00 54.94  ? 426 PHE B CE1 1 
ATOM   1125 C CE2 . PHE B 1 52 ? -14.591 -8.088  3.556   1.00 51.89  ? 426 PHE B CE2 1 
ATOM   1126 C CZ  . PHE B 1 52 ? -13.990 -8.353  2.342   1.00 50.80  ? 426 PHE B CZ  1 
ATOM   1127 N N   . LYS B 1 53 ? -10.534 -3.242  3.902   1.00 52.09  ? 427 LYS B N   1 
ATOM   1128 C CA  . LYS B 1 53 ? -9.742  -2.564  2.887   1.00 60.17  ? 427 LYS B CA  1 
ATOM   1129 C C   . LYS B 1 53 ? -8.632  -3.485  2.398   1.00 55.35  ? 427 LYS B C   1 
ATOM   1130 O O   . LYS B 1 53 ? -8.122  -4.320  3.150   1.00 53.00  ? 427 LYS B O   1 
ATOM   1131 C CB  . LYS B 1 53 ? -9.144  -1.264  3.437   1.00 59.28  ? 427 LYS B CB  1 
ATOM   1132 C CG  . LYS B 1 53 ? -10.125 -0.412  4.231   1.00 53.42  ? 427 LYS B CG  1 
ATOM   1133 C CD  . LYS B 1 53 ? -9.852  1.073   4.050   1.00 62.86  ? 427 LYS B CD  1 
ATOM   1134 C CE  . LYS B 1 53 ? -10.956 1.918   4.662   1.00 64.60  ? 427 LYS B CE  1 
ATOM   1135 N NZ  . LYS B 1 53 ? -10.615 3.369   4.647   1.00 76.40  ? 427 LYS B NZ  1 
ATOM   1136 N N   . VAL B 1 54 ? -8.255  -3.323  1.130   1.00 52.78  ? 428 VAL B N   1 
ATOM   1137 C CA  . VAL B 1 54 ? -7.238  -4.156  0.503   1.00 47.56  ? 428 VAL B CA  1 
ATOM   1138 C C   . VAL B 1 54 ? -6.107  -3.276  -0.007  1.00 53.68  ? 428 VAL B C   1 
ATOM   1139 O O   . VAL B 1 54 ? -6.344  -2.204  -0.574  1.00 52.66  ? 428 VAL B O   1 
ATOM   1140 C CB  . VAL B 1 54 ? -7.832  -4.995  -0.647  1.00 47.38  ? 428 VAL B CB  1 
ATOM   1141 C CG1 . VAL B 1 54 ? -6.725  -5.629  -1.473  1.00 46.82  ? 428 VAL B CG1 1 
ATOM   1142 C CG2 . VAL B 1 54 ? -8.785  -6.040  -0.107  1.00 58.46  ? 428 VAL B CG2 1 
ATOM   1143 N N   . ASN B 1 55 ? -4.876  -3.742  0.191   1.00 51.95  ? 429 ASN B N   1 
ATOM   1144 C CA  . ASN B 1 55 ? -3.680  -3.074  -0.301  1.00 57.52  ? 429 ASN B CA  1 
ATOM   1145 C C   . ASN B 1 55 ? -2.898  -4.035  -1.184  1.00 53.99  ? 429 ASN B C   1 
ATOM   1146 O O   . ASN B 1 55 ? -2.651  -5.181  -0.795  1.00 54.90  ? 429 ASN B O   1 
ATOM   1147 C CB  . ASN B 1 55 ? -2.810  -2.591  0.860   1.00 63.99  ? 429 ASN B CB  1 
ATOM   1148 C CG  . ASN B 1 55 ? -3.503  -1.547  1.711   1.00 59.91  ? 429 ASN B CG  1 
ATOM   1149 O OD1 . ASN B 1 55 ? -4.244  -0.709  1.202   1.00 58.15  ? 429 ASN B OD1 1 
ATOM   1150 N ND2 . ASN B 1 55 ? -3.266  -1.595  3.016   1.00 63.72  ? 429 ASN B ND2 1 
ATOM   1151 N N   . LEU B 1 56 ? -2.524  -3.570  -2.374  1.00 59.03  ? 430 LEU B N   1 
ATOM   1152 C CA  . LEU B 1 56 ? -1.730  -4.343  -3.324  1.00 61.58  ? 430 LEU B CA  1 
ATOM   1153 C C   . LEU B 1 56 ? -0.330  -3.742  -3.349  1.00 68.91  ? 430 LEU B C   1 
ATOM   1154 O O   . LEU B 1 56 ? -0.139  -2.632  -3.855  1.00 69.60  ? 430 LEU B O   1 
ATOM   1155 C CB  . LEU B 1 56 ? -2.362  -4.308  -4.712  1.00 62.48  ? 430 LEU B CB  1 
ATOM   1156 C CG  . LEU B 1 56 ? -3.782  -4.861  -4.833  1.00 71.10  ? 430 LEU B CG  1 
ATOM   1157 C CD1 . LEU B 1 56 ? -4.219  -4.853  -6.277  1.00 70.87  ? 430 LEU B CD1 1 
ATOM   1158 C CD2 . LEU B 1 56 ? -3.867  -6.251  -4.263  1.00 67.22  ? 430 LEU B CD2 1 
ATOM   1159 N N   . LEU B 1 57 ? 0.647   -4.464  -2.803  1.00 65.77  ? 431 LEU B N   1 
ATOM   1160 C CA  . LEU B 1 57 ? 2.002   -3.942  -2.695  1.00 77.03  ? 431 LEU B CA  1 
ATOM   1161 C C   . LEU B 1 57 ? 3.005   -4.908  -3.310  1.00 76.21  ? 431 LEU B C   1 
ATOM   1162 O O   . LEU B 1 57 ? 2.898   -6.127  -3.147  1.00 71.89  ? 431 LEU B O   1 
ATOM   1163 C CB  . LEU B 1 57 ? 2.376   -3.650  -1.235  1.00 75.06  ? 431 LEU B CB  1 
ATOM   1164 C CG  . LEU B 1 57 ? 3.803   -3.278  -1.016  1.00 79.73  ? 431 LEU B CG  1 
ATOM   1165 C CD1 . LEU B 1 57 ? 3.959   -2.063  -0.263  1.00 81.02  ? 431 LEU B CD1 1 
ATOM   1166 C CD2 . LEU B 1 57 ? 4.527   -4.359  -0.333  1.00 76.05  ? 431 LEU B CD2 1 
ATOM   1167 N N   . GLU B 1 58 ? 3.985   -4.341  -4.014  1.00 73.34  ? 432 GLU B N   1 
ATOM   1168 C CA  . GLU B 1 58 ? 4.999   -5.119  -4.711  1.00 70.97  ? 432 GLU B CA  1 
ATOM   1169 C C   . GLU B 1 58 ? 6.115   -5.528  -3.758  1.00 79.84  ? 432 GLU B C   1 
ATOM   1170 O O   . GLU B 1 58 ? 6.601   -4.712  -2.969  1.00 80.20  ? 432 GLU B O   1 
ATOM   1171 C CB  . GLU B 1 58 ? 5.573   -4.314  -5.878  1.00 69.01  ? 432 GLU B CB  1 
ATOM   1172 N N   . MET B 1 59 ? 6.496   -6.805  -3.814  1.00 82.68  ? 433 MET B N   1 
ATOM   1173 C CA  . MET B 1 59 ? 7.583   -7.341  -2.991  1.00 82.06  ? 433 MET B CA  1 
ATOM   1174 C C   . MET B 1 59 ? 8.375   -8.366  -3.799  1.00 86.25  ? 433 MET B C   1 
ATOM   1175 O O   . MET B 1 59 ? 7.982   -9.533  -3.884  1.00 88.10  ? 433 MET B O   1 
ATOM   1176 C CB  . MET B 1 59 ? 7.068   -7.951  -1.691  1.00 83.76  ? 433 MET B CB  1 
ATOM   1177 C CG  . MET B 1 59 ? 7.020   -6.979  -0.521  1.00 89.30  ? 433 MET B CG  1 
ATOM   1178 S SD  . MET B 1 59 ? 6.553   -7.767  1.036   1.00 95.80  ? 433 MET B SD  1 
ATOM   1179 C CE  . MET B 1 59 ? 6.292   -6.340  2.088   1.00 80.12  ? 433 MET B CE  1 
ATOM   1180 N N   . ASP B 1 60 ? 9.481   -7.916  -4.391  1.00 92.24  ? 434 ASP B N   1 
ATOM   1181 C CA  . ASP B 1 60 ? 10.447  -8.763  -5.095  1.00 90.91  ? 434 ASP B CA  1 
ATOM   1182 C C   . ASP B 1 60 ? 9.874   -9.523  -6.297  1.00 88.41  ? 434 ASP B C   1 
ATOM   1183 O O   . ASP B 1 60 ? 9.993   -10.743 -6.418  1.00 89.24  ? 434 ASP B O   1 
ATOM   1184 C CB  . ASP B 1 60 ? 11.119  -9.726  -4.111  1.00 87.37  ? 434 ASP B CB  1 
ATOM   1185 N N   . ASP B 1 61 ? 9.244   -8.756  -7.185  1.00 81.29  ? 435 ASP B N   1 
ATOM   1186 C CA  . ASP B 1 61 ? 8.677   -9.288  -8.430  1.00 87.52  ? 435 ASP B CA  1 
ATOM   1187 C C   . ASP B 1 61 ? 7.538   -10.249 -8.103  1.00 85.23  ? 435 ASP B C   1 
ATOM   1188 O O   . ASP B 1 61 ? 7.283   -11.217 -8.821  1.00 90.43  ? 435 ASP B O   1 
ATOM   1189 C CB  . ASP B 1 61 ? 9.726   -9.966  -9.322  1.00 83.88  ? 435 ASP B CB  1 
ATOM   1190 N N   . LYS B 1 62 ? 6.860   -9.973  -6.996  1.00 84.38  ? 436 LYS B N   1 
ATOM   1191 C CA  . LYS B 1 62 ? 5.659   -10.674 -6.577  1.00 83.00  ? 436 LYS B CA  1 
ATOM   1192 C C   . LYS B 1 62 ? 4.816   -9.677  -5.803  1.00 79.64  ? 436 LYS B C   1 
ATOM   1193 O O   . LYS B 1 62 ? 5.345   -8.727  -5.221  1.00 82.59  ? 436 LYS B O   1 
ATOM   1194 C CB  . LYS B 1 62 ? 5.986   -11.898 -5.707  1.00 80.85  ? 436 LYS B CB  1 
ATOM   1195 N N   . ILE B 1 63 ? 3.509   -9.903  -5.791  1.00 71.45  ? 437 ILE B N   1 
ATOM   1196 C CA  . ILE B 1 63 ? 2.565   -8.970  -5.193  1.00 72.88  ? 437 ILE B CA  1 
ATOM   1197 C C   . ILE B 1 63 ? 1.848   -9.627  -4.027  1.00 67.08  ? 437 ILE B C   1 
ATOM   1198 O O   . ILE B 1 63 ? 1.301   -10.727 -4.166  1.00 62.60  ? 437 ILE B O   1 
ATOM   1199 C CB  . ILE B 1 63 ? 1.579   -8.440  -6.242  1.00 70.57  ? 437 ILE B CB  1 
ATOM   1200 C CG1 . ILE B 1 63 ? 2.374   -7.590  -7.222  1.00 70.68  ? 437 ILE B CG1 1 
ATOM   1201 C CG2 . ILE B 1 63 ? 0.460   -7.635  -5.590  1.00 63.57  ? 437 ILE B CG2 1 
ATOM   1202 C CD1 . ILE B 1 63 ? 1.582   -7.040  -8.292  1.00 67.58  ? 437 ILE B CD1 1 
ATOM   1203 N N   . LEU B 1 64 ? 1.844   -8.945  -2.889  1.00 65.60  ? 438 LEU B N   1 
ATOM   1204 C CA  . LEU B 1 64 ? 1.127   -9.390  -1.706  1.00 61.59  ? 438 LEU B CA  1 
ATOM   1205 C C   . LEU B 1 64 ? -0.180  -8.618  -1.603  1.00 61.07  ? 438 LEU B C   1 
ATOM   1206 O O   . LEU B 1 64 ? -0.181  -7.382  -1.627  1.00 57.08  ? 438 LEU B O   1 
ATOM   1207 C CB  . LEU B 1 64 ? 1.969   -9.188  -0.446  1.00 58.17  ? 438 LEU B CB  1 
ATOM   1208 C CG  . LEU B 1 64 ? 1.262   -9.466  0.881   1.00 62.86  ? 438 LEU B CG  1 
ATOM   1209 C CD1 . LEU B 1 64 ? 2.067   -10.426 1.728   1.00 66.76  ? 438 LEU B CD1 1 
ATOM   1210 C CD2 . LEU B 1 64 ? 1.012   -8.177  1.637   1.00 63.48  ? 438 LEU B CD2 1 
ATOM   1211 N N   . VAL B 1 65 ? -1.284  -9.349  -1.501  1.00 57.37  ? 439 VAL B N   1 
ATOM   1212 C CA  . VAL B 1 65 ? -2.612  -8.772  -1.338  1.00 50.32  ? 439 VAL B CA  1 
ATOM   1213 C C   . VAL B 1 65 ? -2.962  -8.843  0.140   1.00 49.51  ? 439 VAL B C   1 
ATOM   1214 O O   . VAL B 1 65 ? -3.144  -9.933  0.692   1.00 52.91  ? 439 VAL B O   1 
ATOM   1215 C CB  . VAL B 1 65 ? -3.653  -9.509  -2.188  1.00 54.44  ? 439 VAL B CB  1 
ATOM   1216 C CG1 . VAL B 1 65 ? -4.996  -8.808  -2.108  1.00 51.22  ? 439 VAL B CG1 1 
ATOM   1217 C CG2 . VAL B 1 65 ? -3.184  -9.607  -3.619  1.00 51.23  ? 439 VAL B CG2 1 
ATOM   1218 N N   . ASP B 1 66 ? -3.060  -7.686  0.785   1.00 48.79  ? 440 ASP B N   1 
ATOM   1219 C CA  . ASP B 1 66 ? -3.289  -7.607  2.219   1.00 50.96  ? 440 ASP B CA  1 
ATOM   1220 C C   . ASP B 1 66 ? -4.698  -7.113  2.508   1.00 46.30  ? 440 ASP B C   1 
ATOM   1221 O O   . ASP B 1 66 ? -5.120  -6.077  1.983   1.00 48.25  ? 440 ASP B O   1 
ATOM   1222 C CB  . ASP B 1 66 ? -2.267  -6.687  2.880   1.00 54.24  ? 440 ASP B CB  1 
ATOM   1223 C CG  . ASP B 1 66 ? -2.559  -6.449  4.349   1.00 61.91  ? 440 ASP B CG  1 
ATOM   1224 O OD1 . ASP B 1 66 ? -2.983  -5.327  4.695   1.00 64.48  ? 440 ASP B OD1 1 
ATOM   1225 O OD2 . ASP B 1 66 ? -2.377  -7.388  5.153   1.00 54.46  ? 440 ASP B OD2 1 
ATOM   1226 N N   . PHE B 1 67 ? -5.411  -7.858  3.343   1.00 53.04  ? 441 PHE B N   1 
ATOM   1227 C CA  . PHE B 1 67 ? -6.758  -7.524  3.779   1.00 49.14  ? 441 PHE B CA  1 
ATOM   1228 C C   . PHE B 1 67 ? -6.696  -7.088  5.237   1.00 51.85  ? 441 PHE B C   1 
ATOM   1229 O O   . PHE B 1 67 ? -6.143  -7.807  6.076   1.00 47.54  ? 441 PHE B O   1 
ATOM   1230 C CB  . PHE B 1 67 ? -7.697  -8.725  3.631   1.00 46.50  ? 441 PHE B CB  1 
ATOM   1231 C CG  . PHE B 1 67 ? -7.923  -9.162  2.206   1.00 49.95  ? 441 PHE B CG  1 
ATOM   1232 C CD1 . PHE B 1 67 ? -9.153  -8.975  1.599   1.00 50.96  ? 441 PHE B CD1 1 
ATOM   1233 C CD2 . PHE B 1 67 ? -6.918  -9.788  1.485   1.00 48.09  ? 441 PHE B CD2 1 
ATOM   1234 C CE1 . PHE B 1 67 ? -9.371  -9.389  0.297   1.00 48.25  ? 441 PHE B CE1 1 
ATOM   1235 C CE2 . PHE B 1 67 ? -7.130  -10.198 0.183   1.00 56.76  ? 441 PHE B CE2 1 
ATOM   1236 C CZ  . PHE B 1 67 ? -8.357  -9.996  -0.412  1.00 57.39  ? 441 PHE B CZ  1 
ATOM   1237 N N   . ARG B 1 68 ? -7.250  -5.917  5.537   1.00 45.50  ? 442 ARG B N   1 
ATOM   1238 C CA  . ARG B 1 68 ? -7.338  -5.442  6.910   1.00 55.02  ? 442 ARG B CA  1 
ATOM   1239 C C   . ARG B 1 68 ? -8.786  -5.109  7.233   1.00 55.27  ? 442 ARG B C   1 
ATOM   1240 O O   . ARG B 1 68 ? -9.498  -4.524  6.411   1.00 63.00  ? 442 ARG B O   1 
ATOM   1241 C CB  . ARG B 1 68 ? -6.431  -4.219  7.155   1.00 56.39  ? 442 ARG B CB  1 
ATOM   1242 C CG  . ARG B 1 68 ? -6.871  -2.932  6.475   1.00 64.38  ? 442 ARG B CG  1 
ATOM   1243 C CD  . ARG B 1 68 ? -5.928  -1.782  6.806   1.00 66.73  ? 442 ARG B CD  1 
ATOM   1244 N NE  . ARG B 1 68 ? -5.982  -1.430  8.222   1.00 76.64  ? 442 ARG B NE  1 
ATOM   1245 C CZ  . ARG B 1 68 ? -6.614  -0.363  8.704   1.00 75.73  ? 442 ARG B CZ  1 
ATOM   1246 N NH1 . ARG B 1 68 ? -7.243  0.467   7.884   1.00 73.25  ? 442 ARG B NH1 1 
ATOM   1247 N NH2 . ARG B 1 68 ? -6.619  -0.123  10.008  1.00 75.18  ? 442 ARG B NH2 1 
ATOM   1248 N N   . LEU B 1 69 ? -9.222  -5.503  8.426   1.00 49.85  ? 443 LEU B N   1 
ATOM   1249 C CA  . LEU B 1 69 ? -10.596 -5.255  8.837   1.00 57.34  ? 443 LEU B CA  1 
ATOM   1250 C C   . LEU B 1 69 ? -10.791 -3.780  9.165   1.00 55.09  ? 443 LEU B C   1 
ATOM   1251 O O   . LEU B 1 69 ? -10.008 -3.190  9.916   1.00 61.58  ? 443 LEU B O   1 
ATOM   1252 C CB  . LEU B 1 69 ? -10.955 -6.118  10.047  1.00 51.65  ? 443 LEU B CB  1 
ATOM   1253 C CG  . LEU B 1 69 ? -12.323 -5.848  10.678  1.00 54.35  ? 443 LEU B CG  1 
ATOM   1254 C CD1 . LEU B 1 69 ? -13.438 -6.171  9.697   1.00 46.98  ? 443 LEU B CD1 1 
ATOM   1255 C CD2 . LEU B 1 69 ? -12.491 -6.646  11.965  1.00 60.12  ? 443 LEU B CD2 1 
ATOM   1256 N N   . SER B 1 70 ? -11.837 -3.185  8.598   1.00 49.54  ? 444 SER B N   1 
ATOM   1257 C CA  . SER B 1 70 ? -12.188 -1.799  8.869   1.00 54.04  ? 444 SER B CA  1 
ATOM   1258 C C   . SER B 1 70 ? -13.391 -1.671  9.791   1.00 55.62  ? 444 SER B C   1 
ATOM   1259 O O   . SER B 1 70 ? -13.381 -0.841  10.705  1.00 57.42  ? 444 SER B O   1 
ATOM   1260 C CB  . SER B 1 70 ? -12.464 -1.052  7.560   1.00 54.16  ? 444 SER B CB  1 
ATOM   1261 O OG  . SER B 1 70 ? -12.701 0.325   7.798   1.00 64.51  ? 444 SER B OG  1 
ATOM   1262 N N   . LYS B 1 71 ? -14.429 -2.476  9.570   1.00 61.75  ? 445 LYS B N   1 
ATOM   1263 C CA  . LYS B 1 71 ? -15.599 -2.485  10.435  1.00 53.36  ? 445 LYS B CA  1 
ATOM   1264 C C   . LYS B 1 71 ? -16.293 -3.833  10.298  1.00 47.49  ? 445 LYS B C   1 
ATOM   1265 O O   . LYS B 1 71 ? -16.460 -4.337  9.185   1.00 49.37  ? 445 LYS B O   1 
ATOM   1266 C CB  . LYS B 1 71 ? -16.565 -1.346  10.086  1.00 52.07  ? 445 LYS B CB  1 
ATOM   1267 N N   . GLY B 1 72 ? -16.686 -4.409  11.429  1.00 55.00  ? 446 GLY B N   1 
ATOM   1268 C CA  . GLY B 1 72 ? -17.419 -5.656  11.451  1.00 51.89  ? 446 GLY B CA  1 
ATOM   1269 C C   . GLY B 1 72 ? -16.766 -6.680  12.354  1.00 53.75  ? 446 GLY B C   1 
ATOM   1270 O O   . GLY B 1 72 ? -15.760 -6.429  13.011  1.00 56.64  ? 446 GLY B O   1 
ATOM   1271 N N   . ASP B 1 73 ? -17.372 -7.867  12.372  1.00 53.34  ? 447 ASP B N   1 
ATOM   1272 C CA  . ASP B 1 73 ? -16.886 -8.959  13.206  1.00 50.68  ? 447 ASP B CA  1 
ATOM   1273 C C   . ASP B 1 73 ? -15.579 -9.520  12.658  1.00 58.49  ? 447 ASP B C   1 
ATOM   1274 O O   . ASP B 1 73 ? -15.384 -9.616  11.443  1.00 54.99  ? 447 ASP B O   1 
ATOM   1275 C CB  . ASP B 1 73 ? -17.943 -10.059 13.298  1.00 51.89  ? 447 ASP B CB  1 
ATOM   1276 C CG  . ASP B 1 73 ? -17.471 -11.254 14.098  1.00 57.78  ? 447 ASP B CG  1 
ATOM   1277 O OD1 . ASP B 1 73 ? -17.156 -12.294 13.484  1.00 59.67  ? 447 ASP B OD1 1 
ATOM   1278 O OD2 . ASP B 1 73 ? -17.410 -11.151 15.341  1.00 64.13  ? 447 ASP B OD2 1 
ATOM   1279 N N   . GLY B 1 74 ? -14.678 -9.897  13.570  1.00 57.79  ? 448 GLY B N   1 
ATOM   1280 C CA  . GLY B 1 74 ? -13.363 -10.356 13.152  1.00 50.60  ? 448 GLY B CA  1 
ATOM   1281 C C   . GLY B 1 74 ? -13.381 -11.709 12.465  1.00 53.21  ? 448 GLY B C   1 
ATOM   1282 O O   . GLY B 1 74 ? -12.716 -11.901 11.442  1.00 55.57  ? 448 GLY B O   1 
ATOM   1283 N N   . LEU B 1 75 ? -14.137 -12.667 13.012  1.00 56.16  ? 449 LEU B N   1 
ATOM   1284 C CA  . LEU B 1 75 ? -14.162 -14.001 12.415  1.00 58.97  ? 449 LEU B CA  1 
ATOM   1285 C C   . LEU B 1 75 ? -14.983 -14.032 11.134  1.00 52.80  ? 449 LEU B C   1 
ATOM   1286 O O   . LEU B 1 75 ? -14.678 -14.814 10.228  1.00 49.60  ? 449 LEU B O   1 
ATOM   1287 C CB  . LEU B 1 75 ? -14.700 -15.027 13.414  1.00 51.49  ? 449 LEU B CB  1 
ATOM   1288 C CG  . LEU B 1 75 ? -13.958 -15.117 14.745  1.00 60.89  ? 449 LEU B CG  1 
ATOM   1289 C CD1 . LEU B 1 75 ? -14.894 -15.526 15.856  1.00 65.31  ? 449 LEU B CD1 1 
ATOM   1290 C CD2 . LEU B 1 75 ? -12.807 -16.094 14.635  1.00 59.91  ? 449 LEU B CD2 1 
ATOM   1291 N N   . GLU B 1 76 ? -16.015 -13.194 11.034  1.00 46.73  ? 450 GLU B N   1 
ATOM   1292 C CA  . GLU B 1 76 ? -16.724 -13.068 9.767   1.00 49.05  ? 450 GLU B CA  1 
ATOM   1293 C C   . GLU B 1 76 ? -15.838 -12.427 8.709   1.00 50.91  ? 450 GLU B C   1 
ATOM   1294 O O   . GLU B 1 76 ? -15.976 -12.729 7.518   1.00 49.51  ? 450 GLU B O   1 
ATOM   1295 C CB  . GLU B 1 76 ? -18.007 -12.261 9.959   1.00 57.51  ? 450 GLU B CB  1 
ATOM   1296 C CG  . GLU B 1 76 ? -19.052 -12.502 8.885   1.00 67.30  ? 450 GLU B CG  1 
ATOM   1297 C CD  . GLU B 1 76 ? -19.654 -13.894 8.952   1.00 72.03  ? 450 GLU B CD  1 
ATOM   1298 O OE1 . GLU B 1 76 ? -19.688 -14.476 10.057  1.00 62.20  ? 450 GLU B OE1 1 
ATOM   1299 O OE2 . GLU B 1 76 ? -20.092 -14.406 7.900   1.00 74.99  ? 450 GLU B OE2 1 
ATOM   1300 N N   . PHE B 1 77 ? -14.925 -11.547 9.127   1.00 45.34  ? 451 PHE B N   1 
ATOM   1301 C CA  . PHE B 1 77 ? -13.936 -10.998 8.208   1.00 47.83  ? 451 PHE B CA  1 
ATOM   1302 C C   . PHE B 1 77 ? -12.981 -12.082 7.719   1.00 45.65  ? 451 PHE B C   1 
ATOM   1303 O O   . PHE B 1 77 ? -12.696 -12.178 6.519   1.00 39.42  ? 451 PHE B O   1 
ATOM   1304 C CB  . PHE B 1 77 ? -13.175 -9.860  8.893   1.00 50.46  ? 451 PHE B CB  1 
ATOM   1305 C CG  . PHE B 1 77 ? -11.888 -9.491  8.215   1.00 47.16  ? 451 PHE B CG  1 
ATOM   1306 C CD1 . PHE B 1 77 ? -11.880 -8.990  6.923   1.00 50.36  ? 451 PHE B CD1 1 
ATOM   1307 C CD2 . PHE B 1 77 ? -10.681 -9.632  8.881   1.00 45.85  ? 451 PHE B CD2 1 
ATOM   1308 C CE1 . PHE B 1 77 ? -10.690 -8.652  6.304   1.00 53.05  ? 451 PHE B CE1 1 
ATOM   1309 C CE2 . PHE B 1 77 ? -9.492  -9.289  8.273   1.00 41.45  ? 451 PHE B CE2 1 
ATOM   1310 C CZ  . PHE B 1 77 ? -9.494  -8.801  6.981   1.00 44.20  ? 451 PHE B CZ  1 
ATOM   1311 N N   . LYS B 1 78 ? -12.480 -12.915 8.636   1.00 42.94  ? 452 LYS B N   1 
ATOM   1312 C CA  . LYS B 1 78 ? -11.581 -13.995 8.237   1.00 47.17  ? 452 LYS B CA  1 
ATOM   1313 C C   . LYS B 1 78 ? -12.287 -14.999 7.335   1.00 48.84  ? 452 LYS B C   1 
ATOM   1314 O O   . LYS B 1 78 ? -11.682 -15.533 6.398   1.00 49.13  ? 452 LYS B O   1 
ATOM   1315 C CB  . LYS B 1 78 ? -11.005 -14.698 9.466   1.00 51.95  ? 452 LYS B CB  1 
ATOM   1316 C CG  . LYS B 1 78 ? -10.177 -13.818 10.386  1.00 50.99  ? 452 LYS B CG  1 
ATOM   1317 C CD  . LYS B 1 78 ? -9.536  -14.659 11.478  1.00 57.51  ? 452 LYS B CD  1 
ATOM   1318 C CE  . LYS B 1 78 ? -9.071  -13.810 12.646  1.00 60.51  ? 452 LYS B CE  1 
ATOM   1319 N NZ  . LYS B 1 78 ? -8.355  -14.638 13.653  1.00 61.12  ? 452 LYS B NZ  1 
ATOM   1320 N N   . ARG B 1 79 ? -13.571 -15.261 7.592   1.00 48.85  ? 453 ARG B N   1 
ATOM   1321 C CA  . ARG B 1 79 ? -14.306 -16.203 6.754   1.00 49.72  ? 453 ARG B CA  1 
ATOM   1322 C C   . ARG B 1 79 ? -14.563 -15.625 5.369   1.00 45.43  ? 453 ARG B C   1 
ATOM   1323 O O   . ARG B 1 79 ? -14.514 -16.350 4.369   1.00 48.36  ? 453 ARG B O   1 
ATOM   1324 C CB  . ARG B 1 79 ? -15.621 -16.581 7.431   1.00 45.75  ? 453 ARG B CB  1 
ATOM   1325 C CG  . ARG B 1 79 ? -15.463 -17.493 8.635   1.00 51.85  ? 453 ARG B CG  1 
ATOM   1326 C CD  . ARG B 1 79 ? -16.797 -18.088 9.049   1.00 55.58  ? 453 ARG B CD  1 
ATOM   1327 N NE  . ARG B 1 79 ? -16.732 -18.726 10.360  1.00 64.94  ? 453 ARG B NE  1 
ATOM   1328 C CZ  . ARG B 1 79 ? -17.111 -18.143 11.494  1.00 71.88  ? 453 ARG B CZ  1 
ATOM   1329 N NH1 . ARG B 1 79 ? -17.587 -16.905 11.479  1.00 63.95  ? 453 ARG B NH1 1 
ATOM   1330 N NH2 . ARG B 1 79 ? -17.018 -18.799 12.643  1.00 79.66  ? 453 ARG B NH2 1 
ATOM   1331 N N   . HIS B 1 80 ? -14.839 -14.321 5.289   1.00 40.70  ? 454 HIS B N   1 
ATOM   1332 C CA  . HIS B 1 80 ? -15.026 -13.698 3.984   1.00 47.28  ? 454 HIS B CA  1 
ATOM   1333 C C   . HIS B 1 80 ? -13.714 -13.601 3.221   1.00 50.27  ? 454 HIS B C   1 
ATOM   1334 O O   . HIS B 1 80 ? -13.708 -13.699 1.988   1.00 46.73  ? 454 HIS B O   1 
ATOM   1335 C CB  . HIS B 1 80 ? -15.660 -12.317 4.140   1.00 42.20  ? 454 HIS B CB  1 
ATOM   1336 C CG  . HIS B 1 80 ? -17.141 -12.357 4.362   1.00 50.39  ? 454 HIS B CG  1 
ATOM   1337 N ND1 . HIS B 1 80 ? -17.711 -12.909 5.489   1.00 53.61  ? 454 HIS B ND1 1 
ATOM   1338 C CD2 . HIS B 1 80 ? -18.168 -11.921 3.595   1.00 47.30  ? 454 HIS B CD2 1 
ATOM   1339 C CE1 . HIS B 1 80 ? -19.025 -12.807 5.409   1.00 51.35  ? 454 HIS B CE1 1 
ATOM   1340 N NE2 . HIS B 1 80 ? -19.329 -12.212 4.270   1.00 56.24  ? 454 HIS B NE2 1 
ATOM   1341 N N   . PHE B 1 81 ? -12.597 -13.415 3.928   1.00 48.76  ? 455 PHE B N   1 
ATOM   1342 C CA  . PHE B 1 81 ? -11.296 -13.478 3.270   1.00 45.13  ? 455 PHE B CA  1 
ATOM   1343 C C   . PHE B 1 81 ? -11.044 -14.863 2.691   1.00 44.59  ? 455 PHE B C   1 
ATOM   1344 O O   . PHE B 1 81 ? -10.605 -15.000 1.544   1.00 43.12  ? 455 PHE B O   1 
ATOM   1345 C CB  . PHE B 1 81 ? -10.180 -13.098 4.242   1.00 47.04  ? 455 PHE B CB  1 
ATOM   1346 C CG  . PHE B 1 81 ? -8.824  -13.562 3.798   1.00 44.95  ? 455 PHE B CG  1 
ATOM   1347 C CD1 . PHE B 1 81 ? -8.121  -12.861 2.834   1.00 48.40  ? 455 PHE B CD1 1 
ATOM   1348 C CD2 . PHE B 1 81 ? -8.254  -14.704 4.339   1.00 47.59  ? 455 PHE B CD2 1 
ATOM   1349 C CE1 . PHE B 1 81 ? -6.877  -13.292 2.411   1.00 48.82  ? 455 PHE B CE1 1 
ATOM   1350 C CE2 . PHE B 1 81 ? -7.010  -15.140 3.923   1.00 50.25  ? 455 PHE B CE2 1 
ATOM   1351 C CZ  . PHE B 1 81 ? -6.320  -14.433 2.957   1.00 50.32  ? 455 PHE B CZ  1 
ATOM   1352 N N   . LEU B 1 82 ? -11.311 -15.906 3.480   1.00 45.41  ? 456 LEU B N   1 
ATOM   1353 C CA  . LEU B 1 82 ? -11.074 -17.266 3.010   1.00 45.97  ? 456 LEU B CA  1 
ATOM   1354 C C   . LEU B 1 82 ? -11.976 -17.625 1.837   1.00 44.67  ? 456 LEU B C   1 
ATOM   1355 O O   . LEU B 1 82 ? -11.576 -18.410 0.970   1.00 46.42  ? 456 LEU B O   1 
ATOM   1356 C CB  . LEU B 1 82 ? -11.268 -18.256 4.158   1.00 42.89  ? 456 LEU B CB  1 
ATOM   1357 C CG  . LEU B 1 82 ? -10.204 -18.192 5.255   1.00 46.59  ? 456 LEU B CG  1 
ATOM   1358 C CD1 . LEU B 1 82 ? -10.487 -19.207 6.345   1.00 48.78  ? 456 LEU B CD1 1 
ATOM   1359 C CD2 . LEU B 1 82 ? -8.827  -18.420 4.658   1.00 44.51  ? 456 LEU B CD2 1 
ATOM   1360 N N   . LYS B 1 83 ? -13.190 -17.070 1.792   1.00 46.27  ? 457 LYS B N   1 
ATOM   1361 C CA  . LYS B 1 83 ? -14.057 -17.306 0.643   1.00 47.16  ? 457 LYS B CA  1 
ATOM   1362 C C   . LYS B 1 83 ? -13.511 -16.625 -0.607  1.00 45.69  ? 457 LYS B C   1 
ATOM   1363 O O   . LYS B 1 83 ? -13.580 -17.187 -1.706  1.00 49.80  ? 457 LYS B O   1 
ATOM   1364 C CB  . LYS B 1 83 ? -15.479 -16.837 0.945   1.00 53.10  ? 457 LYS B CB  1 
ATOM   1365 C CG  . LYS B 1 83 ? -16.530 -17.521 0.088   1.00 62.55  ? 457 LYS B CG  1 
ATOM   1366 C CD  . LYS B 1 83 ? -17.918 -17.404 0.699   1.00 65.27  ? 457 LYS B CD  1 
ATOM   1367 C CE  . LYS B 1 83 ? -18.783 -18.596 0.311   1.00 80.14  ? 457 LYS B CE  1 
ATOM   1368 N NZ  . LYS B 1 83 ? -18.408 -19.157 -1.019  1.00 71.41  ? 457 LYS B NZ  1 
ATOM   1369 N N   . ILE B 1 84 ? -12.969 -15.414 -0.458  1.00 46.35  ? 458 ILE B N   1 
ATOM   1370 C CA  . ILE B 1 84 ? -12.349 -14.736 -1.593  1.00 43.49  ? 458 ILE B CA  1 
ATOM   1371 C C   . ILE B 1 84 ? -11.108 -15.491 -2.049  1.00 49.01  ? 458 ILE B C   1 
ATOM   1372 O O   . ILE B 1 84 ? -10.894 -15.692 -3.251  1.00 51.28  ? 458 ILE B O   1 
ATOM   1373 C CB  . ILE B 1 84 ? -12.022 -13.275 -1.231  1.00 43.34  ? 458 ILE B CB  1 
ATOM   1374 C CG1 . ILE B 1 84 ? -13.307 -12.478 -0.994  1.00 44.06  ? 458 ILE B CG1 1 
ATOM   1375 C CG2 . ILE B 1 84 ? -11.181 -12.629 -2.321  1.00 46.64  ? 458 ILE B CG2 1 
ATOM   1376 C CD1 . ILE B 1 84 ? -13.071 -11.102 -0.412  1.00 41.71  ? 458 ILE B CD1 1 
ATOM   1377 N N   . LYS B 1 85 ? -10.273 -15.924 -1.101  1.00 43.46  ? 459 LYS B N   1 
ATOM   1378 C CA  . LYS B 1 85 ? -9.057  -16.651 -1.454  1.00 46.81  ? 459 LYS B CA  1 
ATOM   1379 C C   . LYS B 1 85 ? -9.381  -17.943 -2.194  1.00 45.82  ? 459 LYS B C   1 
ATOM   1380 O O   . LYS B 1 85 ? -8.673  -18.323 -3.134  1.00 44.20  ? 459 LYS B O   1 
ATOM   1381 C CB  . LYS B 1 85 ? -8.234  -16.941 -0.200  1.00 44.03  ? 459 LYS B CB  1 
ATOM   1382 C CG  . LYS B 1 85 ? -6.888  -17.588 -0.487  1.00 51.01  ? 459 LYS B CG  1 
ATOM   1383 C CD  . LYS B 1 85 ? -6.099  -17.832 0.788   1.00 52.75  ? 459 LYS B CD  1 
ATOM   1384 C CE  . LYS B 1 85 ? -4.699  -18.335 0.473   1.00 51.78  ? 459 LYS B CE  1 
ATOM   1385 N NZ  . LYS B 1 85 ? -3.900  -18.574 1.705   1.00 52.20  ? 459 LYS B NZ  1 
ATOM   1386 N N   . GLY B 1 86 ? -10.448 -18.632 -1.784  1.00 49.18  ? 460 GLY B N   1 
ATOM   1387 C CA  . GLY B 1 86 ? -10.838 -19.851 -2.474  1.00 47.03  ? 460 GLY B CA  1 
ATOM   1388 C C   . GLY B 1 86 ? -11.279 -19.602 -3.905  1.00 51.15  ? 460 GLY B C   1 
ATOM   1389 O O   . GLY B 1 86 ? -11.010 -20.410 -4.796  1.00 55.76  ? 460 GLY B O   1 
ATOM   1390 N N   . LYS B 1 87 ? -11.962 -18.480 -4.143  1.00 47.32  ? 461 LYS B N   1 
ATOM   1391 C CA  . LYS B 1 87 ? -12.465 -18.180 -5.478  1.00 57.17  ? 461 LYS B CA  1 
ATOM   1392 C C   . LYS B 1 87 ? -11.351 -17.849 -6.465  1.00 59.15  ? 461 LYS B C   1 
ATOM   1393 O O   . LYS B 1 87 ? -11.570 -17.942 -7.677  1.00 66.34  ? 461 LYS B O   1 
ATOM   1394 C CB  . LYS B 1 87 ? -13.461 -17.024 -5.414  1.00 53.42  ? 461 LYS B CB  1 
ATOM   1395 C CG  . LYS B 1 87 ? -14.829 -17.402 -4.872  1.00 59.03  ? 461 LYS B CG  1 
ATOM   1396 C CD  . LYS B 1 87 ? -15.522 -18.400 -5.783  1.00 48.64  ? 461 LYS B CD  1 
ATOM   1397 C CE  . LYS B 1 87 ? -16.900 -18.764 -5.259  1.00 60.89  ? 461 LYS B CE  1 
ATOM   1398 N NZ  . LYS B 1 87 ? -17.563 -19.784 -6.117  1.00 52.56  ? 461 LYS B NZ  1 
ATOM   1399 N N   . LEU B 1 88 ? -10.170 -17.462 -5.981  1.00 57.98  ? 462 LEU B N   1 
ATOM   1400 C CA  . LEU B 1 88 ? -9.034  -17.160 -6.846  1.00 63.76  ? 462 LEU B CA  1 
ATOM   1401 C C   . LEU B 1 88 ? -7.791  -17.936 -6.419  1.00 58.09  ? 462 LEU B C   1 
ATOM   1402 O O   . LEU B 1 88 ? -6.670  -17.439 -6.540  1.00 61.40  ? 462 LEU B O   1 
ATOM   1403 C CB  . LEU B 1 88 ? -8.756  -15.655 -6.874  1.00 57.94  ? 462 LEU B CB  1 
ATOM   1404 C CG  . LEU B 1 88 ? -8.803  -14.841 -5.572  1.00 54.27  ? 462 LEU B CG  1 
ATOM   1405 C CD1 . LEU B 1 88 ? -7.622  -15.118 -4.647  1.00 53.91  ? 462 LEU B CD1 1 
ATOM   1406 C CD2 . LEU B 1 88 ? -8.905  -13.353 -5.877  1.00 52.98  ? 462 LEU B CD2 1 
ATOM   1407 N N   . ILE B 1 89 ? -7.979  -19.167 -5.934  1.00 51.28  ? 463 ILE B N   1 
ATOM   1408 C CA  . ILE B 1 89 ? -6.869  -19.952 -5.406  1.00 59.41  ? 463 ILE B CA  1 
ATOM   1409 C C   . ILE B 1 89 ? -5.833  -20.282 -6.476  1.00 61.80  ? 463 ILE B C   1 
ATOM   1410 O O   . ILE B 1 89 ? -4.670  -20.541 -6.148  1.00 65.77  ? 463 ILE B O   1 
ATOM   1411 C CB  . ILE B 1 89 ? -7.412  -21.235 -4.739  1.00 61.06  ? 463 ILE B CB  1 
ATOM   1412 C CG1 . ILE B 1 89 ? -6.306  -21.960 -3.967  1.00 55.11  ? 463 ILE B CG1 1 
ATOM   1413 C CG2 . ILE B 1 89 ? -8.043  -22.156 -5.774  1.00 56.34  ? 463 ILE B CG2 1 
ATOM   1414 C CD1 . ILE B 1 89 ? -5.646  -21.111 -2.903  1.00 51.57  ? 463 ILE B CD1 1 
ATOM   1415 N N   . ASP B 1 90 ? -6.214  -20.253 -7.755  1.00 64.46  ? 464 ASP B N   1 
ATOM   1416 C CA  . ASP B 1 90 ? -5.268  -20.596 -8.810  1.00 66.26  ? 464 ASP B CA  1 
ATOM   1417 C C   . ASP B 1 90 ? -4.260  -19.486 -9.080  1.00 68.62  ? 464 ASP B C   1 
ATOM   1418 O O   . ASP B 1 90 ? -3.214  -19.753 -9.681  1.00 73.66  ? 464 ASP B O   1 
ATOM   1419 C CB  . ASP B 1 90 ? -6.011  -20.952 -10.102 1.00 65.20  ? 464 ASP B CB  1 
ATOM   1420 C CG  . ASP B 1 90 ? -6.399  -19.732 -10.912 1.00 76.53  ? 464 ASP B CG  1 
ATOM   1421 O OD1 . ASP B 1 90 ? -6.981  -18.791 -10.335 1.00 74.54  ? 464 ASP B OD1 1 
ATOM   1422 O OD2 . ASP B 1 90 ? -6.119  -19.716 -12.130 1.00 78.69  ? 464 ASP B OD2 1 
ATOM   1423 N N   . ILE B 1 91 ? -4.546  -18.253 -8.655  1.00 63.08  ? 465 ILE B N   1 
ATOM   1424 C CA  . ILE B 1 91 ? -3.585  -17.162 -8.772  1.00 68.54  ? 465 ILE B CA  1 
ATOM   1425 C C   . ILE B 1 91 ? -2.792  -16.949 -7.492  1.00 61.62  ? 465 ILE B C   1 
ATOM   1426 O O   . ILE B 1 91 ? -1.943  -16.049 -7.446  1.00 65.68  ? 465 ILE B O   1 
ATOM   1427 C CB  . ILE B 1 91 ? -4.274  -15.845 -9.189  1.00 63.68  ? 465 ILE B CB  1 
ATOM   1428 C CG1 . ILE B 1 91 ? -5.002  -15.213 -7.999  1.00 59.45  ? 465 ILE B CG1 1 
ATOM   1429 C CG2 . ILE B 1 91 ? -5.235  -16.080 -10.344 1.00 58.57  ? 465 ILE B CG2 1 
ATOM   1430 C CD1 . ILE B 1 91 ? -5.393  -13.766 -8.218  1.00 55.65  ? 465 ILE B CD1 1 
ATOM   1431 N N   . VAL B 1 92 ? -3.032  -17.748 -6.456  1.00 60.86  ? 466 VAL B N   1 
ATOM   1432 C CA  . VAL B 1 92 ? -2.348  -17.567 -5.179  1.00 65.82  ? 466 VAL B CA  1 
ATOM   1433 C C   . VAL B 1 92 ? -0.993  -18.265 -5.228  1.00 67.34  ? 466 VAL B C   1 
ATOM   1434 O O   . VAL B 1 92 ? -0.911  -19.473 -5.476  1.00 66.00  ? 466 VAL B O   1 
ATOM   1435 C CB  . VAL B 1 92 ? -3.202  -18.096 -4.018  1.00 63.26  ? 466 VAL B CB  1 
ATOM   1436 C CG1 . VAL B 1 92 ? -2.392  -18.124 -2.731  1.00 64.05  ? 466 VAL B CG1 1 
ATOM   1437 C CG2 . VAL B 1 92 ? -4.452  -17.241 -3.852  1.00 58.57  ? 466 VAL B CG2 1 
ATOM   1438 N N   . SER B 1 93 ? 0.069   -17.500 -4.993  1.00 64.63  ? 467 SER B N   1 
ATOM   1439 C CA  . SER B 1 93 ? 1.445   -17.977 -5.006  1.00 66.37  ? 467 SER B CA  1 
ATOM   1440 C C   . SER B 1 93 ? 1.924   -18.332 -3.603  1.00 76.46  ? 467 SER B C   1 
ATOM   1441 O O   . SER B 1 93 ? 1.458   -17.770 -2.608  1.00 77.89  ? 467 SER B O   1 
ATOM   1442 C CB  . SER B 1 93 ? 2.376   -16.926 -5.615  1.00 69.12  ? 467 SER B CB  1 
ATOM   1443 O OG  . SER B 1 93 ? 3.716   -17.137 -5.206  1.00 72.72  ? 467 SER B OG  1 
ATOM   1444 N N   . SER B 1 94 ? 2.855   -19.279 -3.533  1.00 72.27  ? 468 SER B N   1 
ATOM   1445 C CA  . SER B 1 94 ? 3.478   -19.640 -2.262  1.00 79.20  ? 468 SER B CA  1 
ATOM   1446 C C   . SER B 1 94 ? 4.896   -20.163 -2.477  1.00 79.92  ? 468 SER B C   1 
ATOM   1447 O O   . SER B 1 94 ? 5.163   -20.883 -3.437  1.00 82.02  ? 468 SER B O   1 
ATOM   1448 C CB  . SER B 1 94 ? 2.644   -20.682 -1.518  1.00 90.05  ? 468 SER B CB  1 
ATOM   1449 O OG  . SER B 1 94 ? 3.160   -20.899 -0.215  1.00 86.15  ? 468 SER B OG  1 
HETATM 1450 C C   . ACT C 2 .  ? 9.553   0.452   17.745  1.00 86.64  ? 501 ACT A C   1 
HETATM 1451 O O   . ACT C 2 .  ? 10.767  0.212   17.560  1.00 82.59  ? 501 ACT A O   1 
HETATM 1452 O OXT . ACT C 2 .  ? 8.747   -0.386  17.284  1.00 81.73  ? 501 ACT A OXT 1 
HETATM 1453 C CH3 . ACT C 2 .  ? 9.089   1.676   18.478  1.00 84.74  ? 501 ACT A CH3 1 
HETATM 1454 C C   . ACT D 2 .  ? 21.746  24.500  -14.259 1.00 87.73  ? 502 ACT A C   1 
HETATM 1455 O O   . ACT D 2 .  ? 21.178  23.513  -14.773 1.00 80.05  ? 502 ACT A O   1 
HETATM 1456 O OXT . ACT D 2 .  ? 22.758  24.250  -13.568 1.00 91.33  ? 502 ACT A OXT 1 
HETATM 1457 C CH3 . ACT D 2 .  ? 21.242  25.898  -14.457 1.00 72.04  ? 502 ACT A CH3 1 
HETATM 1458 C C1  . GOL E 3 .  ? 15.728  16.809  9.975   1.00 83.67  ? 503 GOL A C1  1 
HETATM 1459 O O1  . GOL E 3 .  ? 14.565  17.058  9.171   1.00 94.70  ? 503 GOL A O1  1 
HETATM 1460 C C2  . GOL E 3 .  ? 16.393  18.085  10.468  1.00 81.85  ? 503 GOL A C2  1 
HETATM 1461 O O2  . GOL E 3 .  ? 16.846  18.900  9.380   1.00 86.70  ? 503 GOL A O2  1 
HETATM 1462 C C3  . GOL E 3 .  ? 15.485  18.837  11.436  1.00 76.76  ? 503 GOL A C3  1 
HETATM 1463 O O3  . GOL E 3 .  ? 15.563  20.254  11.282  1.00 92.78  ? 503 GOL A O3  1 
HETATM 1464 C C   . ACT F 2 .  ? 3.414   -12.908 5.899   1.00 88.77  ? 501 ACT B C   1 
HETATM 1465 O O   . ACT F 2 .  ? 2.842   -13.620 5.045   1.00 88.14  ? 501 ACT B O   1 
HETATM 1466 O OXT . ACT F 2 .  ? 2.715   -12.555 6.874   1.00 79.45  ? 501 ACT B OXT 1 
HETATM 1467 C CH3 . ACT F 2 .  ? 4.852   -12.501 5.761   1.00 75.99  ? 501 ACT B CH3 1 
HETATM 1468 C C   . ACT G 2 .  ? 4.674   -20.221 -7.122  1.00 89.98  ? 502 ACT B C   1 
HETATM 1469 O O   . ACT G 2 .  ? 3.927   -21.142 -7.514  1.00 85.86  ? 502 ACT B O   1 
HETATM 1470 O OXT . ACT G 2 .  ? 5.402   -20.496 -6.144  1.00 88.89  ? 502 ACT B OXT 1 
HETATM 1471 C CH3 . ACT G 2 .  ? 4.702   -18.873 -7.779  1.00 78.52  ? 502 ACT B CH3 1 
HETATM 1472 C C   . ACT H 2 .  ? -9.639  2.563   8.642   1.00 61.74  ? 503 ACT B C   1 
HETATM 1473 O O   . ACT H 2 .  ? -9.677  2.831   7.423   1.00 62.73  ? 503 ACT B O   1 
HETATM 1474 O OXT . ACT H 2 .  ? -9.500  1.356   8.934   1.00 68.23  ? 503 ACT B OXT 1 
HETATM 1475 C CH3 . ACT H 2 .  ? -9.752  3.631   9.690   1.00 66.30  ? 503 ACT B CH3 1 
HETATM 1476 C C   . ACT I 2 .  ? -11.573 0.535   -11.296 1.00 83.03  ? 504 ACT B C   1 
HETATM 1477 O O   . ACT I 2 .  ? -11.333 -0.268  -10.371 1.00 76.64  ? 504 ACT B O   1 
HETATM 1478 O OXT . ACT I 2 .  ? -12.615 1.213   -11.176 1.00 88.61  ? 504 ACT B OXT 1 
HETATM 1479 C CH3 . ACT I 2 .  ? -10.664 0.678   -12.481 1.00 68.50  ? 504 ACT B CH3 1 
HETATM 1480 O O   . HOH J 4 .  ? 15.067  0.736   4.982   1.00 45.81  ? 601 HOH A O   1 
HETATM 1481 O O   . HOH J 4 .  ? 5.908   15.746  -6.824  1.00 64.08  ? 602 HOH A O   1 
HETATM 1482 O O   . HOH J 4 .  ? 20.270  12.119  5.444   1.00 52.60  ? 603 HOH A O   1 
HETATM 1483 O O   . HOH J 4 .  ? 18.821  0.600   6.637   1.00 63.80  ? 604 HOH A O   1 
HETATM 1484 O O   . HOH J 4 .  ? 18.553  16.196  -5.637  1.00 64.48  ? 605 HOH A O   1 
HETATM 1485 O O   . HOH J 4 .  ? 18.850  -3.804  -7.206  1.00 57.35  ? 606 HOH A O   1 
HETATM 1486 O O   . HOH J 4 .  ? 23.672  19.135  -11.397 1.00 82.37  ? 607 HOH A O   1 
HETATM 1487 O O   . HOH J 4 .  ? -2.046  3.244   -3.135  1.00 80.29  ? 608 HOH A O   1 
HETATM 1488 O O   . HOH J 4 .  ? 20.013  15.054  -2.734  1.00 61.10  ? 609 HOH A O   1 
HETATM 1489 O O   . HOH J 4 .  ? -3.139  5.130   11.549  1.00 58.75  ? 610 HOH A O   1 
HETATM 1490 O O   . HOH J 4 .  ? 20.625  12.473  7.957   1.00 44.52  ? 611 HOH A O   1 
HETATM 1491 O O   . HOH J 4 .  ? -1.367  17.760  4.110   1.00 71.45  ? 612 HOH A O   1 
HETATM 1492 O O   . HOH J 4 .  ? 21.827  15.905  -5.551  1.00 84.49  ? 613 HOH A O   1 
HETATM 1493 O O   . HOH K 4 .  ? -28.918 -11.769 7.727   1.00 76.43  ? 601 HOH B O   1 
HETATM 1494 O O   . HOH K 4 .  ? -5.523  -17.792 -13.240 1.00 69.01  ? 602 HOH B O   1 
HETATM 1495 O O   . HOH K 4 .  ? -3.107  -16.828 2.980   1.00 67.97  ? 603 HOH B O   1 
HETATM 1496 O O   . HOH K 4 .  ? -9.157  4.144   2.918   1.00 59.90  ? 604 HOH B O   1 
HETATM 1497 O O   . HOH K 4 .  ? -3.736  -8.256  7.338   1.00 48.20  ? 605 HOH B O   1 
HETATM 1498 O O   . HOH K 4 .  ? -2.902  -22.456 -5.923  1.00 69.81  ? 606 HOH B O   1 
HETATM 1499 O O   . HOH K 4 .  ? -9.219  -17.324 -10.245 1.00 66.10  ? 607 HOH B O   1 
HETATM 1500 O O   . HOH K 4 .  ? -6.297  0.739   -10.694 1.00 68.04  ? 608 HOH B O   1 
HETATM 1501 O O   . HOH K 4 .  ? -21.781 -11.377 3.290   1.00 62.17  ? 609 HOH B O   1 
HETATM 1502 O O   . HOH K 4 .  ? -4.579  -20.503 3.654   1.00 65.98  ? 610 HOH B O   1 
HETATM 1503 O O   . HOH K 4 .  ? 11.166  -5.980  -2.950  1.00 71.61  ? 611 HOH B O   1 
HETATM 1504 O O   . HOH K 4 .  ? -7.840  6.097   1.733   1.00 70.17  ? 612 HOH B O   1 
HETATM 1505 O O   . HOH K 4 .  ? -22.793 -10.983 -0.474  1.00 59.73  ? 613 HOH B O   1 
HETATM 1506 O O   . HOH K 4 .  ? -13.629 -20.794 0.752   1.00 45.29  ? 614 HOH B O   1 
HETATM 1507 O O   . HOH K 4 .  ? 7.913   -5.702  -7.548  1.00 75.29  ? 615 HOH B O   1 
HETATM 1508 O O   . HOH K 4 .  ? -17.903 -3.779  14.980  1.00 66.50  ? 616 HOH B O   1 
HETATM 1509 O O   . HOH K 4 .  ? -23.155 -13.948 3.963   1.00 72.55  ? 617 HOH B O   1 
# 
